data_1OV5
# 
_entry.id   1OV5 
# 
_audit_conform.dict_name       mmcif_pdbx.dic 
_audit_conform.dict_version    5.376 
_audit_conform.dict_location   http://mmcif.pdb.org/dictionaries/ascii/mmcif_pdbx.dic 
# 
loop_
_database_2.database_id 
_database_2.database_code 
_database_2.pdbx_database_accession 
_database_2.pdbx_DOI 
PDB   1OV5         pdb_00001ov5 10.2210/pdb1ov5/pdb 
RCSB  RCSB018696   ?            ?                   
WWPDB D_1000018696 ?            ?                   
# 
loop_
_pdbx_database_related.db_name 
_pdbx_database_related.db_id 
_pdbx_database_related.details 
_pdbx_database_related.content_type 
PDB 1LGU 'T4 Lysozyme Mutant L99A/M102Q'                                             unspecified 
PDB 1LGW 'T4 Lysozyme Mutant L99A/M102Q Bound By 2-Fluoroaniline'                    unspecified 
PDB 1LGX 'T4 Lysozyme Mutant L99A/M102Q Bound By 3,5-Difluoroaniline'                unspecified 
PDB 1LI2 'T4 Lysozyme Mutant L99A/M102Q Bound By Phenol'                             unspecified 
PDB 1LI3 'T4 Lysozyme Mutant L99A/M102Q Bound By 3-Chlorophenol'                     unspecified 
PDB 1LI6 'T4 Lysozyme Mutant L99A/M102Q Bound By 5-Methylpyrrole'                    unspecified 
PDB 1OV7 'T4 Lysozyme Cavity Mutant L99A/M102Q Bound with 2-Allyl-6-Methyl-Phenol'   unspecified 
PDB 1OVH 'T4 Lysozyme Cavity Mutant L99A/M102Q Bound With 2-Chloro-6-Methyl-Aniline' unspecified 
PDB 1OVJ 'T4 Lysozyme Cavity Mutant L99A/M102Q Bound with 3-Fluoro-2-Methyl_Aniline' unspecified 
PDB 1OVK 'T4 Lysozyme Cavity Mutant L99A/M102Q Bound with N-Allyl-Aniline'           unspecified 
# 
_pdbx_database_status.status_code                     REL 
_pdbx_database_status.entry_id                        1OV5 
_pdbx_database_status.recvd_initial_deposition_date   2003-03-25 
_pdbx_database_status.deposit_site                    RCSB 
_pdbx_database_status.process_site                    RCSB 
_pdbx_database_status.status_code_sf                  REL 
_pdbx_database_status.SG_entry                        . 
_pdbx_database_status.pdb_format_compatible           Y 
_pdbx_database_status.status_code_mr                  ? 
_pdbx_database_status.status_code_cs                  ? 
_pdbx_database_status.status_code_nmr_data            ? 
_pdbx_database_status.methods_development_category    ? 
# 
loop_
_audit_author.name 
_audit_author.pdbx_ordinal 
'Wei, B.Q.'      1 
'Baase, W.A.'    2 
'Weaver, L.H.'   3 
'Matthews, B.W.' 4 
'Shoichet, B.K.' 5 
# 
loop_
_citation.id 
_citation.title 
_citation.journal_abbrev 
_citation.journal_volume 
_citation.page_first 
_citation.page_last 
_citation.year 
_citation.journal_id_ASTM 
_citation.country 
_citation.journal_id_ISSN 
_citation.journal_id_CSD 
_citation.book_publisher 
_citation.pdbx_database_id_PubMed 
_citation.pdbx_database_id_DOI 
primary 'Testing a Flexible-receptor Docking Algorithm in a Model Binding Site'   J.Mol.Biol. 337 1161 1182 2004 JMOBAK UK 
0022-2836 0070 ? 15046985 10.1016/j.jmb.2004.02.015       
1       'A Model Binding Site for Testing Scoring Functions in Molecular Docking' J.Mol.Biol. 322 339  355  2002 JMOBAK UK 
0022-2836 0070 ? ?        '10.1016/S0022-2836(02)00777-5' 
# 
loop_
_citation_author.citation_id 
_citation_author.name 
_citation_author.ordinal 
_citation_author.identifier_ORCID 
primary 'Wei, B.Q.'      1  ? 
primary 'Weaver, L.H.'   2  ? 
primary 'Ferrari, A.M.'  3  ? 
primary 'Matthews, B.W.' 4  ? 
primary 'Shoichet, B.K.' 5  ? 
1       'Wei, B.Q.'      6  ? 
1       'Baase, W.A.'    7  ? 
1       'Weaver, L.H.'   8  ? 
1       'Matthews, B.W.' 9  ? 
1       'Shoichet, B.K.' 10 ? 
# 
_cell.entry_id           1OV5 
_cell.length_a           60.800 
_cell.length_b           60.800 
_cell.length_c           96.900 
_cell.angle_alpha        90.00 
_cell.angle_beta         90.00 
_cell.angle_gamma        120.00 
_cell.Z_PDB              6 
_cell.pdbx_unique_axis   ? 
# 
_symmetry.entry_id                         1OV5 
_symmetry.space_group_name_H-M             'P 32 2 1' 
_symmetry.pdbx_full_space_group_name_H-M   ? 
_symmetry.Int_Tables_number                154 
_symmetry.cell_setting                     ? 
# 
loop_
_entity.id 
_entity.type 
_entity.src_method 
_entity.pdbx_description 
_entity.formula_weight 
_entity.pdbx_number_of_molecules 
_entity.pdbx_ec 
_entity.pdbx_mutation 
_entity.pdbx_fragment 
_entity.details 
1 polymer     man Lysozyme             18617.320 1  3.2.1.17 'L99A, M102Q' ? ? 
2 non-polymer syn 'CHLORIDE ION'       35.453    2  ?        ?             ? ? 
3 non-polymer syn 2-ALLYLPHENOL        134.175   1  ?        ?             ? ? 
4 non-polymer syn BETA-MERCAPTOETHANOL 78.133    2  ?        ?             ? ? 
5 water       nat water                18.015    59 ?        ?             ? ? 
# 
_entity_name_com.entity_id   1 
_entity_name_com.name        'Lysis protein, Muramidase, Endolysin' 
# 
_entity_poly.entity_id                      1 
_entity_poly.type                           'polypeptide(L)' 
_entity_poly.nstd_linkage                   no 
_entity_poly.nstd_monomer                   no 
_entity_poly.pdbx_seq_one_letter_code       
;MNIFEMLRIDEGLRLKIYKDTEGYYTIGIGHLLTKSPSLNAAKSELDKAIGRNCNGVITKDEAEKLFNQDVDAAVRGILR
NAKLKPVYDSLDAVRRCAAINQVFQMGETGVAGFTNSLRMLQQKRWDEAAVNLAKSRWYNQTPNRAKRVITTFRTGTWDA
YKNL
;
_entity_poly.pdbx_seq_one_letter_code_can   
;MNIFEMLRIDEGLRLKIYKDTEGYYTIGIGHLLTKSPSLNAAKSELDKAIGRNCNGVITKDEAEKLFNQDVDAAVRGILR
NAKLKPVYDSLDAVRRCAAINQVFQMGETGVAGFTNSLRMLQQKRWDEAAVNLAKSRWYNQTPNRAKRVITTFRTGTWDA
YKNL
;
_entity_poly.pdbx_strand_id                 A 
_entity_poly.pdbx_target_identifier         ? 
# 
loop_
_entity_poly_seq.entity_id 
_entity_poly_seq.num 
_entity_poly_seq.mon_id 
_entity_poly_seq.hetero 
1 1   MET n 
1 2   ASN n 
1 3   ILE n 
1 4   PHE n 
1 5   GLU n 
1 6   MET n 
1 7   LEU n 
1 8   ARG n 
1 9   ILE n 
1 10  ASP n 
1 11  GLU n 
1 12  GLY n 
1 13  LEU n 
1 14  ARG n 
1 15  LEU n 
1 16  LYS n 
1 17  ILE n 
1 18  TYR n 
1 19  LYS n 
1 20  ASP n 
1 21  THR n 
1 22  GLU n 
1 23  GLY n 
1 24  TYR n 
1 25  TYR n 
1 26  THR n 
1 27  ILE n 
1 28  GLY n 
1 29  ILE n 
1 30  GLY n 
1 31  HIS n 
1 32  LEU n 
1 33  LEU n 
1 34  THR n 
1 35  LYS n 
1 36  SER n 
1 37  PRO n 
1 38  SER n 
1 39  LEU n 
1 40  ASN n 
1 41  ALA n 
1 42  ALA n 
1 43  LYS n 
1 44  SER n 
1 45  GLU n 
1 46  LEU n 
1 47  ASP n 
1 48  LYS n 
1 49  ALA n 
1 50  ILE n 
1 51  GLY n 
1 52  ARG n 
1 53  ASN n 
1 54  CYS n 
1 55  ASN n 
1 56  GLY n 
1 57  VAL n 
1 58  ILE n 
1 59  THR n 
1 60  LYS n 
1 61  ASP n 
1 62  GLU n 
1 63  ALA n 
1 64  GLU n 
1 65  LYS n 
1 66  LEU n 
1 67  PHE n 
1 68  ASN n 
1 69  GLN n 
1 70  ASP n 
1 71  VAL n 
1 72  ASP n 
1 73  ALA n 
1 74  ALA n 
1 75  VAL n 
1 76  ARG n 
1 77  GLY n 
1 78  ILE n 
1 79  LEU n 
1 80  ARG n 
1 81  ASN n 
1 82  ALA n 
1 83  LYS n 
1 84  LEU n 
1 85  LYS n 
1 86  PRO n 
1 87  VAL n 
1 88  TYR n 
1 89  ASP n 
1 90  SER n 
1 91  LEU n 
1 92  ASP n 
1 93  ALA n 
1 94  VAL n 
1 95  ARG n 
1 96  ARG n 
1 97  CYS n 
1 98  ALA n 
1 99  ALA n 
1 100 ILE n 
1 101 ASN n 
1 102 GLN n 
1 103 VAL n 
1 104 PHE n 
1 105 GLN n 
1 106 MET n 
1 107 GLY n 
1 108 GLU n 
1 109 THR n 
1 110 GLY n 
1 111 VAL n 
1 112 ALA n 
1 113 GLY n 
1 114 PHE n 
1 115 THR n 
1 116 ASN n 
1 117 SER n 
1 118 LEU n 
1 119 ARG n 
1 120 MET n 
1 121 LEU n 
1 122 GLN n 
1 123 GLN n 
1 124 LYS n 
1 125 ARG n 
1 126 TRP n 
1 127 ASP n 
1 128 GLU n 
1 129 ALA n 
1 130 ALA n 
1 131 VAL n 
1 132 ASN n 
1 133 LEU n 
1 134 ALA n 
1 135 LYS n 
1 136 SER n 
1 137 ARG n 
1 138 TRP n 
1 139 TYR n 
1 140 ASN n 
1 141 GLN n 
1 142 THR n 
1 143 PRO n 
1 144 ASN n 
1 145 ARG n 
1 146 ALA n 
1 147 LYS n 
1 148 ARG n 
1 149 VAL n 
1 150 ILE n 
1 151 THR n 
1 152 THR n 
1 153 PHE n 
1 154 ARG n 
1 155 THR n 
1 156 GLY n 
1 157 THR n 
1 158 TRP n 
1 159 ASP n 
1 160 ALA n 
1 161 TYR n 
1 162 LYS n 
1 163 ASN n 
1 164 LEU n 
# 
_entity_src_gen.entity_id                          1 
_entity_src_gen.pdbx_src_id                        1 
_entity_src_gen.pdbx_alt_source_flag               sample 
_entity_src_gen.pdbx_seq_type                      ? 
_entity_src_gen.pdbx_beg_seq_num                   ? 
_entity_src_gen.pdbx_end_seq_num                   ? 
_entity_src_gen.gene_src_common_name               ? 
_entity_src_gen.gene_src_genus                     'T4-like viruses' 
_entity_src_gen.pdbx_gene_src_gene                 ? 
_entity_src_gen.gene_src_species                   'Enterobacteria phage T4 sensu lato' 
_entity_src_gen.gene_src_strain                    ? 
_entity_src_gen.gene_src_tissue                    ? 
_entity_src_gen.gene_src_tissue_fraction           ? 
_entity_src_gen.gene_src_details                   ? 
_entity_src_gen.pdbx_gene_src_fragment             ? 
_entity_src_gen.pdbx_gene_src_scientific_name      'Enterobacteria phage T4' 
_entity_src_gen.pdbx_gene_src_ncbi_taxonomy_id     10665 
_entity_src_gen.pdbx_gene_src_variant              ? 
_entity_src_gen.pdbx_gene_src_cell_line            ? 
_entity_src_gen.pdbx_gene_src_atcc                 ? 
_entity_src_gen.pdbx_gene_src_organ                ? 
_entity_src_gen.pdbx_gene_src_organelle            ? 
_entity_src_gen.pdbx_gene_src_cell                 ? 
_entity_src_gen.pdbx_gene_src_cellular_location    ? 
_entity_src_gen.host_org_common_name               ? 
_entity_src_gen.pdbx_host_org_scientific_name      'Escherichia coli' 
_entity_src_gen.pdbx_host_org_ncbi_taxonomy_id     562 
_entity_src_gen.host_org_genus                     Escherichia 
_entity_src_gen.pdbx_host_org_gene                 ? 
_entity_src_gen.pdbx_host_org_organ                ? 
_entity_src_gen.host_org_species                   ? 
_entity_src_gen.pdbx_host_org_tissue               ? 
_entity_src_gen.pdbx_host_org_tissue_fraction      ? 
_entity_src_gen.pdbx_host_org_strain               ? 
_entity_src_gen.pdbx_host_org_variant              ? 
_entity_src_gen.pdbx_host_org_cell_line            ? 
_entity_src_gen.pdbx_host_org_atcc                 ? 
_entity_src_gen.pdbx_host_org_culture_collection   ? 
_entity_src_gen.pdbx_host_org_cell                 ? 
_entity_src_gen.pdbx_host_org_organelle            ? 
_entity_src_gen.pdbx_host_org_cellular_location    ? 
_entity_src_gen.pdbx_host_org_vector_type          ? 
_entity_src_gen.pdbx_host_org_vector               ? 
_entity_src_gen.host_org_details                   ? 
_entity_src_gen.expression_system_id               ? 
_entity_src_gen.plasmid_name                       ? 
_entity_src_gen.plasmid_details                    ? 
_entity_src_gen.pdbx_description                   ? 
# 
_struct_ref.id                         1 
_struct_ref.db_name                    UNP 
_struct_ref.db_code                    LYS_BPT4 
_struct_ref.entity_id                  1 
_struct_ref.pdbx_seq_one_letter_code   
;MNIFEMLRIDEGLRLKIYKDTEGYYTIGIGHLLTKSPSLNAAKSELDKAIGRNCNGVITKDEAEKLFNQDVDAAVRGILR
NAKLKPVYDSLDAVRRCALINMVFQMGETGVAGFTNSLRMLQQKRWDEAAVNLAKSRWYNQTPNRAKRVITTFRTGTWDA
YKNL
;
_struct_ref.pdbx_align_begin           1 
_struct_ref.pdbx_db_accession          P00720 
_struct_ref.pdbx_db_isoform            ? 
# 
_struct_ref_seq.align_id                      1 
_struct_ref_seq.ref_id                        1 
_struct_ref_seq.pdbx_PDB_id_code              1OV5 
_struct_ref_seq.pdbx_strand_id                A 
_struct_ref_seq.seq_align_beg                 1 
_struct_ref_seq.pdbx_seq_align_beg_ins_code   ? 
_struct_ref_seq.seq_align_end                 164 
_struct_ref_seq.pdbx_seq_align_end_ins_code   ? 
_struct_ref_seq.pdbx_db_accession             P00720 
_struct_ref_seq.db_align_beg                  1 
_struct_ref_seq.pdbx_db_align_beg_ins_code    ? 
_struct_ref_seq.db_align_end                  164 
_struct_ref_seq.pdbx_db_align_end_ins_code    ? 
_struct_ref_seq.pdbx_auth_seq_align_beg       1 
_struct_ref_seq.pdbx_auth_seq_align_end       164 
# 
loop_
_struct_ref_seq_dif.align_id 
_struct_ref_seq_dif.pdbx_pdb_id_code 
_struct_ref_seq_dif.mon_id 
_struct_ref_seq_dif.pdbx_pdb_strand_id 
_struct_ref_seq_dif.seq_num 
_struct_ref_seq_dif.pdbx_pdb_ins_code 
_struct_ref_seq_dif.pdbx_seq_db_name 
_struct_ref_seq_dif.pdbx_seq_db_accession_code 
_struct_ref_seq_dif.db_mon_id 
_struct_ref_seq_dif.pdbx_seq_db_seq_num 
_struct_ref_seq_dif.details 
_struct_ref_seq_dif.pdbx_auth_seq_num 
_struct_ref_seq_dif.pdbx_ordinal 
1 1OV5 ALA A 99  ? UNP P00720 LEU 99  'engineered mutation' 99  1 
1 1OV5 GLN A 102 ? UNP P00720 MET 102 'engineered mutation' 102 2 
# 
loop_
_chem_comp.id 
_chem_comp.type 
_chem_comp.mon_nstd_flag 
_chem_comp.name 
_chem_comp.pdbx_synonyms 
_chem_comp.formula 
_chem_comp.formula_weight 
2LP non-polymer         . 2-ALLYLPHENOL        ? 'C9 H10 O'       134.175 
ALA 'L-peptide linking' y ALANINE              ? 'C3 H7 N O2'     89.093  
ARG 'L-peptide linking' y ARGININE             ? 'C6 H15 N4 O2 1' 175.209 
ASN 'L-peptide linking' y ASPARAGINE           ? 'C4 H8 N2 O3'    132.118 
ASP 'L-peptide linking' y 'ASPARTIC ACID'      ? 'C4 H7 N O4'     133.103 
BME non-polymer         . BETA-MERCAPTOETHANOL ? 'C2 H6 O S'      78.133  
CL  non-polymer         . 'CHLORIDE ION'       ? 'Cl -1'          35.453  
CYS 'L-peptide linking' y CYSTEINE             ? 'C3 H7 N O2 S'   121.158 
GLN 'L-peptide linking' y GLUTAMINE            ? 'C5 H10 N2 O3'   146.144 
GLU 'L-peptide linking' y 'GLUTAMIC ACID'      ? 'C5 H9 N O4'     147.129 
GLY 'peptide linking'   y GLYCINE              ? 'C2 H5 N O2'     75.067  
HIS 'L-peptide linking' y HISTIDINE            ? 'C6 H10 N3 O2 1' 156.162 
HOH non-polymer         . WATER                ? 'H2 O'           18.015  
ILE 'L-peptide linking' y ISOLEUCINE           ? 'C6 H13 N O2'    131.173 
LEU 'L-peptide linking' y LEUCINE              ? 'C6 H13 N O2'    131.173 
LYS 'L-peptide linking' y LYSINE               ? 'C6 H15 N2 O2 1' 147.195 
MET 'L-peptide linking' y METHIONINE           ? 'C5 H11 N O2 S'  149.211 
PHE 'L-peptide linking' y PHENYLALANINE        ? 'C9 H11 N O2'    165.189 
PRO 'L-peptide linking' y PROLINE              ? 'C5 H9 N O2'     115.130 
SER 'L-peptide linking' y SERINE               ? 'C3 H7 N O3'     105.093 
THR 'L-peptide linking' y THREONINE            ? 'C4 H9 N O3'     119.119 
TRP 'L-peptide linking' y TRYPTOPHAN           ? 'C11 H12 N2 O2'  204.225 
TYR 'L-peptide linking' y TYROSINE             ? 'C9 H11 N O3'    181.189 
VAL 'L-peptide linking' y VALINE               ? 'C5 H11 N O2'    117.146 
# 
_exptl.entry_id          1OV5 
_exptl.method            'X-RAY DIFFRACTION' 
_exptl.crystals_number   1 
# 
_exptl_crystal.id                    1 
_exptl_crystal.density_meas          ? 
_exptl_crystal.density_Matthews      2.7 
_exptl_crystal.density_percent_sol   54.05 
_exptl_crystal.description           ? 
# 
_diffrn.id                     1 
_diffrn.ambient_temp           298 
_diffrn.ambient_temp_details   ? 
_diffrn.crystal_id             1 
# 
_diffrn_detector.diffrn_id              1 
_diffrn_detector.detector               'AREA DETECTOR' 
_diffrn_detector.type                   'UCSD MARK II' 
_diffrn_detector.pdbx_collection_date   2002-12-01 
_diffrn_detector.details                ? 
# 
_diffrn_radiation.diffrn_id                        1 
_diffrn_radiation.wavelength_id                    1 
_diffrn_radiation.pdbx_monochromatic_or_laue_m_l   M 
_diffrn_radiation.monochromator                    graphite 
_diffrn_radiation.pdbx_diffrn_protocol             'SINGLE WAVELENGTH' 
_diffrn_radiation.pdbx_scattering_type             x-ray 
# 
_diffrn_radiation_wavelength.id           1 
_diffrn_radiation_wavelength.wavelength   1.5418 
_diffrn_radiation_wavelength.wt           1.0 
# 
_diffrn_source.diffrn_id                   1 
_diffrn_source.source                      'ROTATING ANODE' 
_diffrn_source.type                        'RIGAKU RU200' 
_diffrn_source.pdbx_synchrotron_site       ? 
_diffrn_source.pdbx_synchrotron_beamline   ? 
_diffrn_source.pdbx_wavelength             ? 
_diffrn_source.pdbx_wavelength_list        1.5418 
# 
_reflns.entry_id                     1OV5 
_reflns.observed_criterion_sigma_F   0. 
_reflns.observed_criterion_sigma_I   0. 
_reflns.d_resolution_high            2.1 
_reflns.d_resolution_low             13. 
_reflns.number_all                   ? 
_reflns.number_obs                   8950 
_reflns.percent_possible_obs         ? 
_reflns.pdbx_Rmerge_I_obs            0.062 
_reflns.pdbx_Rsym_value              ? 
_reflns.pdbx_netI_over_sigmaI        6.7 
_reflns.B_iso_Wilson_estimate        ? 
_reflns.pdbx_redundancy              ? 
_reflns.R_free_details               ? 
_reflns.limit_h_max                  ? 
_reflns.limit_h_min                  ? 
_reflns.limit_k_max                  ? 
_reflns.limit_k_min                  ? 
_reflns.limit_l_max                  ? 
_reflns.limit_l_min                  ? 
_reflns.observed_criterion_F_max     ? 
_reflns.observed_criterion_F_min     ? 
_reflns.pdbx_diffrn_id               1 
_reflns.pdbx_ordinal                 1 
# 
_reflns_shell.d_res_high             2.1 
_reflns_shell.d_res_low              2.26 
_reflns_shell.percent_possible_all   52 
_reflns_shell.Rmerge_I_obs           0.171 
_reflns_shell.pdbx_Rsym_value        ? 
_reflns_shell.meanI_over_sigI_obs    1.4 
_reflns_shell.pdbx_redundancy        ? 
_reflns_shell.percent_possible_obs   ? 
_reflns_shell.number_unique_all      1145 
_reflns_shell.pdbx_diffrn_id         ? 
_reflns_shell.pdbx_ordinal           1 
# 
_refine.entry_id                                 1OV5 
_refine.ls_d_res_high                            2.1 
_refine.ls_d_res_low                             13.0 
_refine.pdbx_ls_sigma_F                          0. 
_refine.pdbx_ls_sigma_I                          0. 
_refine.ls_number_reflns_all                     ? 
_refine.ls_number_reflns_obs                     8906 
_refine.ls_number_reflns_R_free                  ? 
_refine.ls_percent_reflns_obs                    68 
_refine.ls_R_factor_all                          ? 
_refine.ls_R_factor_obs                          0.184 
_refine.ls_R_factor_R_work                       ? 
_refine.ls_R_factor_R_free                       ? 
_refine.ls_redundancy_reflns_obs                 ? 
_refine.pdbx_data_cutoff_high_absF               ? 
_refine.pdbx_data_cutoff_low_absF                ? 
_refine.ls_number_parameters                     ? 
_refine.ls_number_restraints                     ? 
_refine.ls_percent_reflns_R_free                 ? 
_refine.ls_R_factor_R_free_error                 ? 
_refine.ls_R_factor_R_free_error_details         ? 
_refine.pdbx_method_to_determine_struct          'MOLECULAR REPLACEMENT' 
_refine.pdbx_starting_model                      'PDB entry 1LGU' 
_refine.pdbx_ls_cross_valid_method               ? 
_refine.pdbx_R_Free_selection_details            ? 
_refine.pdbx_stereochem_target_val_spec_case     ? 
_refine.pdbx_stereochemistry_target_values       'Engh & Huber' 
_refine.solvent_model_details                    ? 
_refine.solvent_model_param_bsol                 ? 
_refine.solvent_model_param_ksol                 ? 
_refine.occupancy_max                            ? 
_refine.occupancy_min                            ? 
_refine.pdbx_isotropic_thermal_model             Isotropic 
_refine.B_iso_mean                               ? 
_refine.aniso_B[1][1]                            ? 
_refine.aniso_B[1][2]                            ? 
_refine.aniso_B[1][3]                            ? 
_refine.aniso_B[2][2]                            ? 
_refine.aniso_B[2][3]                            ? 
_refine.aniso_B[3][3]                            ? 
_refine.details                                  ? 
_refine.B_iso_min                                ? 
_refine.B_iso_max                                ? 
_refine.correlation_coeff_Fo_to_Fc               ? 
_refine.correlation_coeff_Fo_to_Fc_free          ? 
_refine.pdbx_solvent_vdw_probe_radii             ? 
_refine.pdbx_solvent_ion_probe_radii             ? 
_refine.pdbx_solvent_shrinkage_radii             ? 
_refine.overall_SU_R_Cruickshank_DPI             ? 
_refine.overall_SU_R_free                        ? 
_refine.overall_SU_B                             ? 
_refine.overall_SU_ML                            ? 
_refine.pdbx_overall_ESU_R                       ? 
_refine.pdbx_overall_ESU_R_Free                  ? 
_refine.pdbx_data_cutoff_high_rms_absF           ? 
_refine.pdbx_refine_id                           'X-RAY DIFFRACTION' 
_refine.pdbx_diffrn_id                           1 
_refine.pdbx_TLS_residual_ADP_flag               ? 
_refine.pdbx_overall_phase_error                 ? 
_refine.pdbx_overall_SU_R_free_Cruickshank_DPI   ? 
_refine.pdbx_overall_SU_R_Blow_DPI               ? 
_refine.pdbx_overall_SU_R_free_Blow_DPI          ? 
# 
_refine_hist.pdbx_refine_id                   'X-RAY DIFFRACTION' 
_refine_hist.cycle_id                         LAST 
_refine_hist.pdbx_number_atoms_protein        1290 
_refine_hist.pdbx_number_atoms_nucleic_acid   0 
_refine_hist.pdbx_number_atoms_ligand         20 
_refine_hist.number_atoms_solvent             59 
_refine_hist.number_atoms_total               1369 
_refine_hist.d_res_high                       2.1 
_refine_hist.d_res_low                        13.0 
# 
loop_
_refine_ls_restr.type 
_refine_ls_restr.dev_ideal 
_refine_ls_restr.dev_ideal_target 
_refine_ls_restr.weight 
_refine_ls_restr.number 
_refine_ls_restr.pdbx_refine_id 
_refine_ls_restr.pdbx_restraint_function 
t_bond_d    0.016 ? ? ? 'X-RAY DIFFRACTION' ? 
t_angle_deg 2.6   ? ? ? 'X-RAY DIFFRACTION' ? 
# 
_struct.entry_id                  1OV5 
_struct.title                     'T4 Lysozyme Cavity Mutant L99a/M102Q Bound With 2-Allylphenol' 
_struct.pdbx_model_details        ? 
_struct.pdbx_CASP_flag            ? 
_struct.pdbx_model_type_details   ? 
# 
_struct_keywords.entry_id        1OV5 
_struct_keywords.pdbx_keywords   HYDROLASE 
_struct_keywords.text            'GLYCOSIDASE, BACTERIOLYTIC ENZYME, HYDROLASE' 
# 
loop_
_struct_asym.id 
_struct_asym.pdbx_blank_PDB_chainid_flag 
_struct_asym.pdbx_modified 
_struct_asym.entity_id 
_struct_asym.details 
A N N 1 ? 
B N N 2 ? 
C N N 2 ? 
D N N 3 ? 
E N N 4 ? 
F N N 4 ? 
G N N 5 ? 
# 
_struct_biol.id                    1 
_struct_biol.pdbx_parent_biol_id   ? 
_struct_biol.details               ? 
# 
loop_
_struct_conf.conf_type_id 
_struct_conf.id 
_struct_conf.pdbx_PDB_helix_id 
_struct_conf.beg_label_comp_id 
_struct_conf.beg_label_asym_id 
_struct_conf.beg_label_seq_id 
_struct_conf.pdbx_beg_PDB_ins_code 
_struct_conf.end_label_comp_id 
_struct_conf.end_label_asym_id 
_struct_conf.end_label_seq_id 
_struct_conf.pdbx_end_PDB_ins_code 
_struct_conf.beg_auth_comp_id 
_struct_conf.beg_auth_asym_id 
_struct_conf.beg_auth_seq_id 
_struct_conf.end_auth_comp_id 
_struct_conf.end_auth_asym_id 
_struct_conf.end_auth_seq_id 
_struct_conf.pdbx_PDB_helix_class 
_struct_conf.details 
_struct_conf.pdbx_PDB_helix_length 
HELX_P HELX_P1  1  ASN A 2   ? GLY A 12  ? ASN A 2   GLY A 12  1 ? 11 
HELX_P HELX_P2  2  SER A 38  ? GLY A 51  ? SER A 38  GLY A 51  1 ? 14 
HELX_P HELX_P3  3  THR A 59  ? ARG A 80  ? THR A 59  ARG A 80  1 ? 22 
HELX_P HELX_P4  4  LEU A 84  ? LEU A 91  ? LEU A 84  LEU A 91  1 ? 8  
HELX_P HELX_P5  5  ASP A 92  ? GLY A 113 ? ASP A 92  GLY A 113 1 ? 22 
HELX_P HELX_P6  6  PHE A 114 ? GLN A 123 ? PHE A 114 GLN A 123 1 ? 10 
HELX_P HELX_P7  7  ARG A 125 ? LYS A 135 ? ARG A 125 LYS A 135 1 ? 11 
HELX_P HELX_P8  8  SER A 136 ? THR A 142 ? SER A 136 THR A 142 1 ? 7  
HELX_P HELX_P9  9  THR A 142 ? GLY A 156 ? THR A 142 GLY A 156 1 ? 15 
HELX_P HELX_P10 10 TRP A 158 ? LYS A 162 ? TRP A 158 LYS A 162 5 ? 5  
# 
_struct_conf_type.id          HELX_P 
_struct_conf_type.criteria    ? 
_struct_conf_type.reference   ? 
# 
_struct_sheet.id               A 
_struct_sheet.type             ? 
_struct_sheet.number_strands   3 
_struct_sheet.details          ? 
# 
loop_
_struct_sheet_order.sheet_id 
_struct_sheet_order.range_id_1 
_struct_sheet_order.range_id_2 
_struct_sheet_order.offset 
_struct_sheet_order.sense 
A 1 2 ? anti-parallel 
A 2 3 ? anti-parallel 
# 
loop_
_struct_sheet_range.sheet_id 
_struct_sheet_range.id 
_struct_sheet_range.beg_label_comp_id 
_struct_sheet_range.beg_label_asym_id 
_struct_sheet_range.beg_label_seq_id 
_struct_sheet_range.pdbx_beg_PDB_ins_code 
_struct_sheet_range.end_label_comp_id 
_struct_sheet_range.end_label_asym_id 
_struct_sheet_range.end_label_seq_id 
_struct_sheet_range.pdbx_end_PDB_ins_code 
_struct_sheet_range.beg_auth_comp_id 
_struct_sheet_range.beg_auth_asym_id 
_struct_sheet_range.beg_auth_seq_id 
_struct_sheet_range.end_auth_comp_id 
_struct_sheet_range.end_auth_asym_id 
_struct_sheet_range.end_auth_seq_id 
A 1 ARG A 14 ? LYS A 19 ? ARG A 14 LYS A 19 
A 2 TYR A 25 ? GLY A 28 ? TYR A 25 GLY A 28 
A 3 HIS A 31 ? THR A 34 ? HIS A 31 THR A 34 
# 
loop_
_pdbx_struct_sheet_hbond.sheet_id 
_pdbx_struct_sheet_hbond.range_id_1 
_pdbx_struct_sheet_hbond.range_id_2 
_pdbx_struct_sheet_hbond.range_1_label_atom_id 
_pdbx_struct_sheet_hbond.range_1_label_comp_id 
_pdbx_struct_sheet_hbond.range_1_label_asym_id 
_pdbx_struct_sheet_hbond.range_1_label_seq_id 
_pdbx_struct_sheet_hbond.range_1_PDB_ins_code 
_pdbx_struct_sheet_hbond.range_1_auth_atom_id 
_pdbx_struct_sheet_hbond.range_1_auth_comp_id 
_pdbx_struct_sheet_hbond.range_1_auth_asym_id 
_pdbx_struct_sheet_hbond.range_1_auth_seq_id 
_pdbx_struct_sheet_hbond.range_2_label_atom_id 
_pdbx_struct_sheet_hbond.range_2_label_comp_id 
_pdbx_struct_sheet_hbond.range_2_label_asym_id 
_pdbx_struct_sheet_hbond.range_2_label_seq_id 
_pdbx_struct_sheet_hbond.range_2_PDB_ins_code 
_pdbx_struct_sheet_hbond.range_2_auth_atom_id 
_pdbx_struct_sheet_hbond.range_2_auth_comp_id 
_pdbx_struct_sheet_hbond.range_2_auth_asym_id 
_pdbx_struct_sheet_hbond.range_2_auth_seq_id 
A 1 2 N TYR A 18 ? N TYR A 18 O THR A 26 ? O THR A 26 
A 2 3 N TYR A 25 ? N TYR A 25 O LEU A 33 ? O LEU A 33 
# 
loop_
_struct_site.id 
_struct_site.pdbx_evidence_code 
_struct_site.pdbx_auth_asym_id 
_struct_site.pdbx_auth_comp_id 
_struct_site.pdbx_auth_seq_id 
_struct_site.pdbx_auth_ins_code 
_struct_site.pdbx_num_residues 
_struct_site.details 
AC1 Software A CL  173 ? 4 'BINDING SITE FOR RESIDUE CL A 173'  
AC2 Software A CL  178 ? 5 'BINDING SITE FOR RESIDUE CL A 178'  
AC3 Software A 2LP 403 ? 6 'BINDING SITE FOR RESIDUE 2LP A 403' 
AC4 Software A BME 169 ? 4 'BINDING SITE FOR RESIDUE BME A 169' 
AC5 Software A BME 170 ? 3 'BINDING SITE FOR RESIDUE BME A 170' 
# 
loop_
_struct_site_gen.id 
_struct_site_gen.site_id 
_struct_site_gen.pdbx_num_res 
_struct_site_gen.label_comp_id 
_struct_site_gen.label_asym_id 
_struct_site_gen.label_seq_id 
_struct_site_gen.pdbx_auth_ins_code 
_struct_site_gen.auth_comp_id 
_struct_site_gen.auth_asym_id 
_struct_site_gen.auth_seq_id 
_struct_site_gen.label_atom_id 
_struct_site_gen.label_alt_id 
_struct_site_gen.symmetry 
_struct_site_gen.details 
1  AC1 4 THR A 142 ? THR A 142 . ? 1_555 ? 
2  AC1 4 ASN A 144 ? ASN A 144 . ? 1_555 ? 
3  AC1 4 ARG A 145 ? ARG A 145 . ? 1_555 ? 
4  AC1 4 HOH G .   ? HOH A 291 . ? 4_655 ? 
5  AC2 5 ALA A 49  ? ALA A 49  . ? 1_555 ? 
6  AC2 5 GLN A 69  ? GLN A 69  . ? 1_555 ? 
7  AC2 5 SER A 136 ? SER A 136 . ? 3_665 ? 
8  AC2 5 ASN A 140 ? ASN A 140 . ? 3_665 ? 
9  AC2 5 HOH G .   ? HOH A 282 . ? 1_555 ? 
10 AC3 6 ILE A 78  ? ILE A 78  . ? 1_555 ? 
11 AC3 6 ALA A 99  ? ALA A 99  . ? 1_555 ? 
12 AC3 6 GLN A 102 ? GLN A 102 . ? 1_555 ? 
13 AC3 6 VAL A 103 ? VAL A 103 . ? 1_555 ? 
14 AC3 6 VAL A 111 ? VAL A 111 . ? 1_555 ? 
15 AC3 6 LEU A 118 ? LEU A 118 . ? 1_555 ? 
16 AC4 4 ASP A 72  ? ASP A 72  . ? 1_555 ? 
17 AC4 4 VAL A 75  ? VAL A 75  . ? 1_555 ? 
18 AC4 4 TYR A 88  ? TYR A 88  . ? 5_555 ? 
19 AC4 4 BME F .   ? BME A 170 . ? 5_555 ? 
20 AC5 3 ASP A 72  ? ASP A 72  . ? 5_555 ? 
21 AC5 3 BME E .   ? BME A 169 . ? 5_555 ? 
22 AC5 3 HOH G .   ? HOH A 199 . ? 1_555 ? 
# 
_atom_sites.entry_id                    1OV5 
_atom_sites.fract_transf_matrix[1][1]   0.01261488 
_atom_sites.fract_transf_matrix[1][2]   0.00165708 
_atom_sites.fract_transf_matrix[1][3]   -0.01409953 
_atom_sites.fract_transf_matrix[2][1]   0.00518364 
_atom_sites.fract_transf_matrix[2][2]   0.01721174 
_atom_sites.fract_transf_matrix[2][3]   -0.00613040 
_atom_sites.fract_transf_matrix[3][1]   0.00768211 
_atom_sites.fract_transf_matrix[3][2]   0.00014033 
_atom_sites.fract_transf_matrix[3][3]   0.00688970 
_atom_sites.fract_transf_vector[1]      0.681824 
_atom_sites.fract_transf_vector[2]      0.220918 
_atom_sites.fract_transf_vector[3]      0.100486 
# 
loop_
_atom_type.symbol 
C  
CL 
N  
O  
S  
# 
loop_
_atom_site.group_PDB 
_atom_site.id 
_atom_site.type_symbol 
_atom_site.label_atom_id 
_atom_site.label_alt_id 
_atom_site.label_comp_id 
_atom_site.label_asym_id 
_atom_site.label_entity_id 
_atom_site.label_seq_id 
_atom_site.pdbx_PDB_ins_code 
_atom_site.Cartn_x 
_atom_site.Cartn_y 
_atom_site.Cartn_z 
_atom_site.occupancy 
_atom_site.B_iso_or_equiv 
_atom_site.pdbx_formal_charge 
_atom_site.auth_seq_id 
_atom_site.auth_comp_id 
_atom_site.auth_asym_id 
_atom_site.auth_atom_id 
_atom_site.pdbx_PDB_model_num 
ATOM   1    N  N   . MET A 1 1   ? 1.295   -17.423 -1.839  1.00 28.39  ? 1   MET A N   1 
ATOM   2    C  CA  . MET A 1 1   ? 1.146   -15.988 -1.879  1.00 21.80  ? 1   MET A CA  1 
ATOM   3    C  C   . MET A 1 1   ? 0.667   -15.424 -0.521  1.00 18.47  ? 1   MET A C   1 
ATOM   4    O  O   . MET A 1 1   ? -0.097  -16.020 0.243   1.00 22.38  ? 1   MET A O   1 
ATOM   5    C  CB  . MET A 1 1   ? 0.227   -15.642 -3.076  1.00 28.63  ? 1   MET A CB  1 
ATOM   6    C  CG  . MET A 1 1   ? 0.038   -14.166 -3.395  1.00 33.21  ? 1   MET A CG  1 
ATOM   7    S  SD  . MET A 1 1   ? 1.452   -13.397 -4.226  1.00 33.44  ? 1   MET A SD  1 
ATOM   8    C  CE  . MET A 1 1   ? 1.584   -14.410 -5.715  1.00 28.34  ? 1   MET A CE  1 
ATOM   9    N  N   . ASN A 1 2   ? 1.202   -14.272 -0.199  1.00 11.06  ? 2   ASN A N   1 
ATOM   10   C  CA  . ASN A 1 2   ? 0.811   -13.557 0.968   1.00 7.80   ? 2   ASN A CA  1 
ATOM   11   C  C   . ASN A 1 2   ? 1.097   -12.115 0.697   1.00 19.85  ? 2   ASN A C   1 
ATOM   12   O  O   . ASN A 1 2   ? 1.632   -11.744 -0.371  1.00 10.19  ? 2   ASN A O   1 
ATOM   13   C  CB  . ASN A 1 2   ? 1.476   -13.991 2.244   1.00 1.00   ? 2   ASN A CB  1 
ATOM   14   C  CG  . ASN A 1 2   ? 2.948   -13.998 2.064   1.00 20.04  ? 2   ASN A CG  1 
ATOM   15   O  OD1 . ASN A 1 2   ? 3.559   -12.950 1.866   1.00 20.45  ? 2   ASN A OD1 1 
ATOM   16   N  ND2 . ASN A 1 2   ? 3.492   -15.193 2.171   1.00 31.12  ? 2   ASN A ND2 1 
ATOM   17   N  N   . ILE A 1 3   ? 0.721   -11.343 1.709   1.00 11.14  ? 3   ILE A N   1 
ATOM   18   C  CA  . ILE A 1 3   ? 0.782   -9.931  1.690   1.00 1.50   ? 3   ILE A CA  1 
ATOM   19   C  C   . ILE A 1 3   ? 2.171   -9.362  1.281   1.00 10.50  ? 3   ILE A C   1 
ATOM   20   O  O   . ILE A 1 3   ? 2.291   -8.390  0.503   1.00 8.26   ? 3   ILE A O   1 
ATOM   21   C  CB  . ILE A 1 3   ? 0.171   -9.323  2.967   1.00 7.08   ? 3   ILE A CB  1 
ATOM   22   C  CG1 . ILE A 1 3   ? 0.112   -7.823  2.823   1.00 3.14   ? 3   ILE A CG1 1 
ATOM   23   C  CG2 . ILE A 1 3   ? 0.913   -9.699  4.296   1.00 6.08   ? 3   ILE A CG2 1 
ATOM   24   C  CD1 . ILE A 1 3   ? -0.774  -7.350  1.657   1.00 8.45   ? 3   ILE A CD1 1 
ATOM   25   N  N   . PHE A 1 4   ? 3.235   -9.959  1.839   1.00 3.37   ? 4   PHE A N   1 
ATOM   26   C  CA  . PHE A 1 4   ? 4.612   -9.482  1.612   1.00 7.19   ? 4   PHE A CA  1 
ATOM   27   C  C   . PHE A 1 4   ? 5.069   -9.694  0.233   1.00 9.57   ? 4   PHE A C   1 
ATOM   28   O  O   . PHE A 1 4   ? 5.659   -8.798  -0.343  1.00 14.06  ? 4   PHE A O   1 
ATOM   29   C  CB  . PHE A 1 4   ? 5.586   -10.120 2.562   1.00 1.00   ? 4   PHE A CB  1 
ATOM   30   C  CG  . PHE A 1 4   ? 5.380   -9.644  3.993   1.00 15.14  ? 4   PHE A CG  1 
ATOM   31   C  CD1 . PHE A 1 4   ? 4.667   -10.410 4.919   1.00 17.14  ? 4   PHE A CD1 1 
ATOM   32   C  CD2 . PHE A 1 4   ? 5.882   -8.406  4.402   1.00 22.66  ? 4   PHE A CD2 1 
ATOM   33   C  CE1 . PHE A 1 4   ? 4.469   -9.936  6.213   1.00 19.87  ? 4   PHE A CE1 1 
ATOM   34   C  CE2 . PHE A 1 4   ? 5.713   -7.920  5.693   1.00 15.71  ? 4   PHE A CE2 1 
ATOM   35   C  CZ  . PHE A 1 4   ? 4.994   -8.698  6.596   1.00 14.08  ? 4   PHE A CZ  1 
ATOM   36   N  N   . GLU A 1 5   ? 4.746   -10.871 -0.301  1.00 12.61  ? 5   GLU A N   1 
ATOM   37   C  CA  . GLU A 1 5   ? 5.083   -11.141 -1.691  1.00 7.61   ? 5   GLU A CA  1 
ATOM   38   C  C   . GLU A 1 5   ? 4.225   -10.274 -2.529  1.00 18.17  ? 5   GLU A C   1 
ATOM   39   O  O   . GLU A 1 5   ? 4.609   -9.807  -3.587  1.00 11.88  ? 5   GLU A O   1 
ATOM   40   C  CB  . GLU A 1 5   ? 4.646   -12.533 -2.151  1.00 1.00   ? 5   GLU A CB  1 
ATOM   41   C  CG  . GLU A 1 5   ? 5.255   -13.601 -1.237  1.00 16.77  ? 5   GLU A CG  1 
ATOM   42   C  CD  . GLU A 1 5   ? 4.940   -15.027 -1.581  1.00 39.51  ? 5   GLU A CD  1 
ATOM   43   O  OE1 . GLU A 1 5   ? 3.968   -15.345 -2.225  1.00 72.37  ? 5   GLU A OE1 1 
ATOM   44   O  OE2 . GLU A 1 5   ? 5.817   -15.871 -1.103  1.00 96.68  ? 5   GLU A OE2 1 
ATOM   45   N  N   . MET A 1 6   ? 2.983   -10.177 -2.125  1.00 14.46  ? 6   MET A N   1 
ATOM   46   C  CA  . MET A 1 6   ? 2.139   -9.399  -2.985  1.00 6.36   ? 6   MET A CA  1 
ATOM   47   C  C   . MET A 1 6   ? 2.647   -7.968  -3.095  1.00 20.02  ? 6   MET A C   1 
ATOM   48   O  O   . MET A 1 6   ? 2.778   -7.391  -4.185  1.00 12.56  ? 6   MET A O   1 
ATOM   49   C  CB  . MET A 1 6   ? 0.672   -9.449  -2.561  1.00 9.27   ? 6   MET A CB  1 
ATOM   50   C  CG  . MET A 1 6   ? -0.061  -8.149  -2.879  1.00 10.72  ? 6   MET A CG  1 
ATOM   51   S  SD  . MET A 1 6   ? -1.787  -8.022  -2.280  1.00 14.54  ? 6   MET A SD  1 
ATOM   52   C  CE  . MET A 1 6   ? -2.750  -8.727  -3.655  1.00 29.50  ? 6   MET A CE  1 
ATOM   53   N  N   . LEU A 1 7   ? 2.955   -7.406  -1.925  1.00 23.18  ? 7   LEU A N   1 
ATOM   54   C  CA  . LEU A 1 7   ? 3.419   -6.038  -1.905  1.00 9.58   ? 7   LEU A CA  1 
ATOM   55   C  C   . LEU A 1 7   ? 4.762   -5.966  -2.523  1.00 22.02  ? 7   LEU A C   1 
ATOM   56   O  O   . LEU A 1 7   ? 5.094   -4.984  -3.186  1.00 16.44  ? 7   LEU A O   1 
ATOM   57   C  CB  . LEU A 1 7   ? 3.438   -5.381  -0.528  1.00 7.29   ? 7   LEU A CB  1 
ATOM   58   C  CG  . LEU A 1 7   ? 2.120   -4.815  -0.055  1.00 6.50   ? 7   LEU A CG  1 
ATOM   59   C  CD1 . LEU A 1 7   ? 2.327   -4.475  1.409   1.00 11.64  ? 7   LEU A CD1 1 
ATOM   60   C  CD2 . LEU A 1 7   ? 1.664   -3.611  -0.896  1.00 8.58   ? 7   LEU A CD2 1 
ATOM   61   N  N   . ARG A 1 8   ? 5.569   -7.001  -2.292  1.00 17.76  ? 8   ARG A N   1 
ATOM   62   C  CA  . ARG A 1 8   ? 6.871   -6.908  -2.909  1.00 11.83  ? 8   ARG A CA  1 
ATOM   63   C  C   . ARG A 1 8   ? 6.791   -6.814  -4.402  1.00 15.45  ? 8   ARG A C   1 
ATOM   64   O  O   . ARG A 1 8   ? 7.651   -6.207  -5.049  1.00 15.19  ? 8   ARG A O   1 
ATOM   65   C  CB  . ARG A 1 8   ? 7.876   -7.969  -2.531  1.00 3.08   ? 8   ARG A CB  1 
ATOM   66   C  CG  . ARG A 1 8   ? 9.096   -7.974  -3.450  1.00 20.67  ? 8   ARG A CG  1 
ATOM   67   C  CD  . ARG A 1 8   ? 10.366  -7.817  -2.615  1.00 21.75  ? 8   ARG A CD  1 
ATOM   68   N  NE  . ARG A 1 8   ? 11.631  -7.946  -3.336  1.00 31.16  ? 8   ARG A NE  1 
ATOM   69   C  CZ  . ARG A 1 8   ? 11.820  -7.456  -4.584  1.00 100.00 ? 8   ARG A CZ  1 
ATOM   70   N  NH1 . ARG A 1 8   ? 10.845  -6.834  -5.295  1.00 32.09  ? 8   ARG A NH1 1 
ATOM   71   N  NH2 . ARG A 1 8   ? 13.028  -7.609  -5.153  1.00 100.00 ? 8   ARG A NH2 1 
ATOM   72   N  N   . ILE A 1 9   ? 5.727   -7.384  -4.942  1.00 22.13  ? 9   ILE A N   1 
ATOM   73   C  CA  . ILE A 1 9   ? 5.526   -7.349  -6.353  1.00 13.83  ? 9   ILE A CA  1 
ATOM   74   C  C   . ILE A 1 9   ? 5.101   -5.972  -6.847  1.00 25.73  ? 9   ILE A C   1 
ATOM   75   O  O   . ILE A 1 9   ? 5.652   -5.427  -7.790  1.00 24.16  ? 9   ILE A O   1 
ATOM   76   C  CB  . ILE A 1 9   ? 4.551   -8.444  -6.793  1.00 17.55  ? 9   ILE A CB  1 
ATOM   77   C  CG1 . ILE A 1 9   ? 5.184   -9.830  -6.741  1.00 14.70  ? 9   ILE A CG1 1 
ATOM   78   C  CG2 . ILE A 1 9   ? 3.990   -8.225  -8.196  1.00 6.96   ? 9   ILE A CG2 1 
ATOM   79   C  CD1 . ILE A 1 9   ? 4.159   -10.900 -7.143  1.00 22.60  ? 9   ILE A CD1 1 
ATOM   80   N  N   . ASP A 1 10  ? 4.098   -5.398  -6.220  1.00 21.20  ? 10  ASP A N   1 
ATOM   81   C  CA  . ASP A 1 10  ? 3.605   -4.126  -6.662  1.00 5.04   ? 10  ASP A CA  1 
ATOM   82   C  C   . ASP A 1 10  ? 4.550   -2.940  -6.368  1.00 22.09  ? 10  ASP A C   1 
ATOM   83   O  O   . ASP A 1 10  ? 4.467   -1.899  -7.054  1.00 16.87  ? 10  ASP A O   1 
ATOM   84   C  CB  . ASP A 1 10  ? 2.264   -3.828  -5.945  1.00 13.67  ? 10  ASP A CB  1 
ATOM   85   C  CG  . ASP A 1 10  ? 1.121   -4.620  -6.439  1.00 13.20  ? 10  ASP A CG  1 
ATOM   86   O  OD1 . ASP A 1 10  ? 1.019   -5.026  -7.573  1.00 11.39  ? 10  ASP A OD1 1 
ATOM   87   O  OD2 . ASP A 1 10  ? 0.320   -4.942  -5.478  1.00 13.63  ? 10  ASP A OD2 1 
ATOM   88   N  N   . GLU A 1 11  ? 5.435   -3.045  -5.351  1.00 9.64   ? 11  GLU A N   1 
ATOM   89   C  CA  . GLU A 1 11  ? 6.265   -1.882  -5.001  1.00 12.08  ? 11  GLU A CA  1 
ATOM   90   C  C   . GLU A 1 11  ? 7.701   -1.871  -5.509  1.00 29.30  ? 11  GLU A C   1 
ATOM   91   O  O   . GLU A 1 11  ? 8.348   -0.830  -5.663  1.00 34.34  ? 11  GLU A O   1 
ATOM   92   C  CB  . GLU A 1 11  ? 6.289   -1.797  -3.475  1.00 12.68  ? 11  GLU A CB  1 
ATOM   93   C  CG  . GLU A 1 11  ? 4.870   -1.500  -3.022  1.00 1.00   ? 11  GLU A CG  1 
ATOM   94   C  CD  . GLU A 1 11  ? 4.623   -0.070  -3.332  1.00 28.91  ? 11  GLU A CD  1 
ATOM   95   O  OE1 . GLU A 1 11  ? 5.504   0.675   -3.665  1.00 36.61  ? 11  GLU A OE1 1 
ATOM   96   O  OE2 . GLU A 1 11  ? 3.416   0.331   -3.097  1.00 8.51   ? 11  GLU A OE2 1 
ATOM   97   N  N   . GLY A 1 12  ? 8.208   -3.063  -5.692  1.00 9.97   ? 12  GLY A N   1 
ATOM   98   C  CA  . GLY A 1 12  ? 9.572   -3.313  -6.074  1.00 9.98   ? 12  GLY A CA  1 
ATOM   99   C  C   . GLY A 1 12  ? 10.518  -3.148  -4.877  1.00 14.88  ? 12  GLY A C   1 
ATOM   100  O  O   . GLY A 1 12  ? 10.084  -2.915  -3.759  1.00 22.82  ? 12  GLY A O   1 
ATOM   101  N  N   . LEU A 1 13  ? 11.821  -3.242  -5.158  1.00 19.83  ? 13  LEU A N   1 
ATOM   102  C  CA  . LEU A 1 13  ? 12.861  -3.034  -4.173  1.00 20.33  ? 13  LEU A CA  1 
ATOM   103  C  C   . LEU A 1 13  ? 14.008  -2.206  -4.705  1.00 23.29  ? 13  LEU A C   1 
ATOM   104  O  O   . LEU A 1 13  ? 14.575  -2.488  -5.746  1.00 26.43  ? 13  LEU A O   1 
ATOM   105  C  CB  . LEU A 1 13  ? 13.343  -4.351  -3.619  1.00 22.93  ? 13  LEU A CB  1 
ATOM   106  C  CG  . LEU A 1 13  ? 14.604  -4.228  -2.783  1.00 28.90  ? 13  LEU A CG  1 
ATOM   107  C  CD1 . LEU A 1 13  ? 14.280  -3.471  -1.515  1.00 25.73  ? 13  LEU A CD1 1 
ATOM   108  C  CD2 . LEU A 1 13  ? 15.051  -5.649  -2.426  1.00 19.97  ? 13  LEU A CD2 1 
ATOM   109  N  N   . ARG A 1 14  ? 14.321  -1.144  -3.981  1.00 16.72  ? 14  ARG A N   1 
ATOM   110  C  CA  . ARG A 1 14  ? 15.373  -0.218  -4.324  1.00 11.96  ? 14  ARG A CA  1 
ATOM   111  C  C   . ARG A 1 14  ? 16.109  0.176   -3.078  1.00 27.68  ? 14  ARG A C   1 
ATOM   112  O  O   . ARG A 1 14  ? 15.494  0.555   -2.069  1.00 28.08  ? 14  ARG A O   1 
ATOM   113  C  CB  . ARG A 1 14  ? 14.848  1.011   -5.005  1.00 10.35  ? 14  ARG A CB  1 
ATOM   114  C  CG  . ARG A 1 14  ? 13.918  0.620   -6.106  1.00 32.07  ? 14  ARG A CG  1 
ATOM   115  C  CD  . ARG A 1 14  ? 14.193  1.436   -7.364  1.00 10.46  ? 14  ARG A CD  1 
ATOM   116  N  NE  . ARG A 1 14  ? 12.958  1.677   -8.091  1.00 99.61  ? 14  ARG A NE  1 
ATOM   117  C  CZ  . ARG A 1 14  ? 12.762  2.708   -8.909  1.00 100.00 ? 14  ARG A CZ  1 
ATOM   118  N  NH1 . ARG A 1 14  ? 13.718  3.626   -9.132  1.00 28.12  ? 14  ARG A NH1 1 
ATOM   119  N  NH2 . ARG A 1 14  ? 11.568  2.815   -9.523  1.00 100.00 ? 14  ARG A NH2 1 
ATOM   120  N  N   . LEU A 1 15  ? 17.422  0.004   -3.180  1.00 18.80  ? 15  LEU A N   1 
ATOM   121  C  CA  . LEU A 1 15  ? 18.360  0.266   -2.107  1.00 23.32  ? 15  LEU A CA  1 
ATOM   122  C  C   . LEU A 1 15  ? 18.910  1.684   -2.047  1.00 30.72  ? 15  LEU A C   1 
ATOM   123  O  O   . LEU A 1 15  ? 19.666  1.951   -1.103  1.00 31.05  ? 15  LEU A O   1 
ATOM   124  C  CB  . LEU A 1 15  ? 19.497  -0.743  -2.102  1.00 17.69  ? 15  LEU A CB  1 
ATOM   125  C  CG  . LEU A 1 15  ? 18.992  -2.175  -1.959  1.00 24.70  ? 15  LEU A CG  1 
ATOM   126  C  CD1 . LEU A 1 15  ? 20.161  -3.150  -1.984  1.00 39.79  ? 15  LEU A CD1 1 
ATOM   127  C  CD2 . LEU A 1 15  ? 18.192  -2.364  -0.660  1.00 29.11  ? 15  LEU A CD2 1 
ATOM   128  N  N   . LYS A 1 16  ? 18.509  2.531   -3.040  1.00 18.53  ? 16  LYS A N   1 
ATOM   129  C  CA  . LYS A 1 16  ? 18.914  3.951   -3.187  1.00 25.45  ? 16  LYS A CA  1 
ATOM   130  C  C   . LYS A 1 16  ? 17.678  4.838   -3.273  1.00 29.40  ? 16  LYS A C   1 
ATOM   131  O  O   . LYS A 1 16  ? 16.702  4.466   -3.908  1.00 23.11  ? 16  LYS A O   1 
ATOM   132  C  CB  . LYS A 1 16  ? 19.752  4.203   -4.445  1.00 37.72  ? 16  LYS A CB  1 
ATOM   133  C  CG  . LYS A 1 16  ? 20.634  5.460   -4.481  1.00 96.76  ? 16  LYS A CG  1 
ATOM   134  C  CD  . LYS A 1 16  ? 20.264  6.604   -3.520  1.00 100.00 ? 16  LYS A CD  1 
ATOM   135  C  CE  . LYS A 1 16  ? 20.446  8.033   -4.080  1.00 100.00 ? 16  LYS A CE  1 
ATOM   136  N  NZ  . LYS A 1 16  ? 20.845  9.063   -3.086  1.00 100.00 ? 16  LYS A NZ  1 
ATOM   137  N  N   . ILE A 1 17  ? 17.719  5.995   -2.623  1.00 26.76  ? 17  ILE A N   1 
ATOM   138  C  CA  . ILE A 1 17  ? 16.600  6.928   -2.637  1.00 19.09  ? 17  ILE A CA  1 
ATOM   139  C  C   . ILE A 1 17  ? 16.134  7.087   -4.051  1.00 22.74  ? 17  ILE A C   1 
ATOM   140  O  O   . ILE A 1 17  ? 16.967  7.179   -4.973  1.00 12.79  ? 17  ILE A O   1 
ATOM   141  C  CB  . ILE A 1 17  ? 16.964  8.317   -2.075  1.00 8.50   ? 17  ILE A CB  1 
ATOM   142  C  CG1 . ILE A 1 17  ? 17.183  8.245   -0.572  1.00 17.39  ? 17  ILE A CG1 1 
ATOM   143  C  CG2 . ILE A 1 17  ? 15.942  9.402   -2.431  1.00 1.67   ? 17  ILE A CG2 1 
ATOM   144  C  CD1 . ILE A 1 17  ? 17.354  9.608   0.115   1.00 13.78  ? 17  ILE A CD1 1 
ATOM   145  N  N   . TYR A 1 18  ? 14.806  7.074   -4.175  1.00 13.26  ? 18  TYR A N   1 
ATOM   146  C  CA  . TYR A 1 18  ? 14.185  7.217   -5.427  1.00 13.06  ? 18  TYR A CA  1 
ATOM   147  C  C   . TYR A 1 18  ? 12.885  7.967   -5.297  1.00 21.92  ? 18  TYR A C   1 
ATOM   148  O  O   . TYR A 1 18  ? 12.297  8.150   -4.204  1.00 33.56  ? 18  TYR A O   1 
ATOM   149  C  CB  . TYR A 1 18  ? 14.001  5.828   -6.064  1.00 17.46  ? 18  TYR A CB  1 
ATOM   150  C  CG  . TYR A 1 18  ? 12.937  4.903   -5.419  1.00 18.28  ? 18  TYR A CG  1 
ATOM   151  C  CD1 . TYR A 1 18  ? 11.600  4.924   -5.840  1.00 12.26  ? 18  TYR A CD1 1 
ATOM   152  C  CD2 . TYR A 1 18  ? 13.281  3.975   -4.433  1.00 19.53  ? 18  TYR A CD2 1 
ATOM   153  C  CE1 . TYR A 1 18  ? 10.632  4.035   -5.352  1.00 11.18  ? 18  TYR A CE1 1 
ATOM   154  C  CE2 . TYR A 1 18  ? 12.320  3.111   -3.896  1.00 33.45  ? 18  TYR A CE2 1 
ATOM   155  C  CZ  . TYR A 1 18  ? 10.992  3.149   -4.338  1.00 36.22  ? 18  TYR A CZ  1 
ATOM   156  O  OH  . TYR A 1 18  ? 10.073  2.273   -3.818  1.00 70.79  ? 18  TYR A OH  1 
ATOM   157  N  N   . LYS A 1 19  ? 12.459  8.446   -6.434  1.00 18.78  ? 19  LYS A N   1 
ATOM   158  C  CA  . LYS A 1 19  ? 11.183  9.117   -6.506  1.00 21.81  ? 19  LYS A CA  1 
ATOM   159  C  C   . LYS A 1 19  ? 10.122  8.067   -6.915  1.00 36.32  ? 19  LYS A C   1 
ATOM   160  O  O   . LYS A 1 19  ? 10.407  7.187   -7.745  1.00 28.81  ? 19  LYS A O   1 
ATOM   161  C  CB  . LYS A 1 19  ? 11.136  10.383  -7.365  1.00 15.79  ? 19  LYS A CB  1 
ATOM   162  C  CG  . LYS A 1 19  ? 12.062  11.492  -6.858  1.00 30.97  ? 19  LYS A CG  1 
ATOM   163  C  CD  . LYS A 1 19  ? 11.473  12.878  -7.079  1.00 52.99  ? 19  LYS A CD  1 
ATOM   164  C  CE  . LYS A 1 19  ? 12.334  13.804  -7.920  1.00 29.62  ? 19  LYS A CE  1 
ATOM   165  N  NZ  . LYS A 1 19  ? 11.616  15.055  -8.192  1.00 80.07  ? 19  LYS A NZ  1 
ATOM   166  N  N   . ASP A 1 20  ? 8.927   8.152   -6.299  1.00 25.88  ? 20  ASP A N   1 
ATOM   167  C  CA  . ASP A 1 20  ? 7.817   7.264   -6.583  1.00 14.78  ? 20  ASP A CA  1 
ATOM   168  C  C   . ASP A 1 20  ? 6.993   7.860   -7.696  1.00 10.90  ? 20  ASP A C   1 
ATOM   169  O  O   . ASP A 1 20  ? 7.279   8.955   -8.201  1.00 27.02  ? 20  ASP A O   1 
ATOM   170  C  CB  . ASP A 1 20  ? 6.986   6.916   -5.323  1.00 15.81  ? 20  ASP A CB  1 
ATOM   171  C  CG  . ASP A 1 20  ? 6.299   8.126   -4.780  1.00 36.86  ? 20  ASP A CG  1 
ATOM   172  O  OD1 . ASP A 1 20  ? 6.408   9.224   -5.312  1.00 15.54  ? 20  ASP A OD1 1 
ATOM   173  O  OD2 . ASP A 1 20  ? 5.501   7.869   -3.770  1.00 37.35  ? 20  ASP A OD2 1 
ATOM   174  N  N   . THR A 1 21  ? 6.011   7.119   -8.146  1.00 23.18  ? 21  THR A N   1 
ATOM   175  C  CA  . THR A 1 21  ? 5.221   7.579   -9.265  1.00 25.14  ? 21  THR A CA  1 
ATOM   176  C  C   . THR A 1 21  ? 4.633   8.931   -9.045  1.00 30.48  ? 21  THR A C   1 
ATOM   177  O  O   . THR A 1 21  ? 4.268   9.570   -10.012 1.00 26.70  ? 21  THR A O   1 
ATOM   178  C  CB  . THR A 1 21  ? 4.142   6.587   -9.611  1.00 53.85  ? 21  THR A CB  1 
ATOM   179  O  OG1 . THR A 1 21  ? 3.467   6.348   -8.400  1.00 25.89  ? 21  THR A OG1 1 
ATOM   180  C  CG2 . THR A 1 21  ? 4.820   5.311   -10.049 1.00 73.94  ? 21  THR A CG2 1 
ATOM   181  N  N   . GLU A 1 22  ? 4.573   9.368   -7.784  1.00 32.13  ? 22  GLU A N   1 
ATOM   182  C  CA  . GLU A 1 22  ? 4.032   10.692  -7.467  1.00 18.47  ? 22  GLU A CA  1 
ATOM   183  C  C   . GLU A 1 22  ? 5.100   11.753  -7.431  1.00 21.28  ? 22  GLU A C   1 
ATOM   184  O  O   . GLU A 1 22  ? 4.791   12.957  -7.423  1.00 22.21  ? 22  GLU A O   1 
ATOM   185  C  CB  . GLU A 1 22  ? 3.162   10.768  -6.233  1.00 14.73  ? 22  GLU A CB  1 
ATOM   186  C  CG  . GLU A 1 22  ? 1.923   9.874   -6.306  1.00 56.03  ? 22  GLU A CG  1 
ATOM   187  C  CD  . GLU A 1 22  ? 0.703   10.662  -6.615  1.00 32.84  ? 22  GLU A CD  1 
ATOM   188  O  OE1 . GLU A 1 22  ? 0.205   11.470  -5.831  1.00 100.00 ? 22  GLU A OE1 1 
ATOM   189  O  OE2 . GLU A 1 22  ? 0.235   10.377  -7.806  1.00 95.53  ? 22  GLU A OE2 1 
ATOM   190  N  N   . GLY A 1 23  ? 6.361   11.283  -7.437  1.00 25.20  ? 23  GLY A N   1 
ATOM   191  C  CA  . GLY A 1 23  ? 7.527   12.175  -7.438  1.00 26.88  ? 23  GLY A CA  1 
ATOM   192  C  C   . GLY A 1 23  ? 8.058   12.477  -6.044  1.00 45.40  ? 23  GLY A C   1 
ATOM   193  O  O   . GLY A 1 23  ? 8.650   13.523  -5.764  1.00 54.48  ? 23  GLY A O   1 
ATOM   194  N  N   . TYR A 1 24  ? 7.845   11.515  -5.168  1.00 30.51  ? 24  TYR A N   1 
ATOM   195  C  CA  . TYR A 1 24  ? 8.264   11.606  -3.792  1.00 26.03  ? 24  TYR A CA  1 
ATOM   196  C  C   . TYR A 1 24  ? 9.346   10.626  -3.428  1.00 29.64  ? 24  TYR A C   1 
ATOM   197  O  O   . TYR A 1 24  ? 9.341   9.465   -3.832  1.00 17.41  ? 24  TYR A O   1 
ATOM   198  C  CB  . TYR A 1 24  ? 7.133   11.292  -2.845  1.00 18.43  ? 24  TYR A CB  1 
ATOM   199  C  CG  . TYR A 1 24  ? 5.931   12.149  -2.962  1.00 31.53  ? 24  TYR A CG  1 
ATOM   200  C  CD1 . TYR A 1 24  ? 4.655   11.590  -2.910  1.00 33.12  ? 24  TYR A CD1 1 
ATOM   201  C  CD2 . TYR A 1 24  ? 6.064   13.535  -3.012  1.00 35.72  ? 24  TYR A CD2 1 
ATOM   202  C  CE1 . TYR A 1 24  ? 3.511   12.386  -2.986  1.00 44.97  ? 24  TYR A CE1 1 
ATOM   203  C  CE2 . TYR A 1 24  ? 4.929   14.344  -3.047  1.00 42.43  ? 24  TYR A CE2 1 
ATOM   204  C  CZ  . TYR A 1 24  ? 3.655   13.773  -3.045  1.00 50.38  ? 24  TYR A CZ  1 
ATOM   205  O  OH  . TYR A 1 24  ? 2.547   14.592  -3.107  1.00 65.47  ? 24  TYR A OH  1 
ATOM   206  N  N   . TYR A 1 25  ? 10.198  11.132  -2.557  1.00 18.93  ? 25  TYR A N   1 
ATOM   207  C  CA  . TYR A 1 25  ? 11.320  10.389  -2.018  1.00 22.92  ? 25  TYR A CA  1 
ATOM   208  C  C   . TYR A 1 25  ? 10.897  9.180   -1.166  1.00 9.03   ? 25  TYR A C   1 
ATOM   209  O  O   . TYR A 1 25  ? 10.285  9.269   -0.086  1.00 10.77  ? 25  TYR A O   1 
ATOM   210  C  CB  . TYR A 1 25  ? 12.203  11.356  -1.215  1.00 16.53  ? 25  TYR A CB  1 
ATOM   211  C  CG  . TYR A 1 25  ? 12.935  12.286  -2.155  1.00 29.46  ? 25  TYR A CG  1 
ATOM   212  C  CD1 . TYR A 1 25  ? 13.001  13.657  -1.903  1.00 34.09  ? 25  TYR A CD1 1 
ATOM   213  C  CD2 . TYR A 1 25  ? 13.536  11.802  -3.322  1.00 33.42  ? 25  TYR A CD2 1 
ATOM   214  C  CE1 . TYR A 1 25  ? 13.663  14.525  -2.779  1.00 24.76  ? 25  TYR A CE1 1 
ATOM   215  C  CE2 . TYR A 1 25  ? 14.204  12.654  -4.202  1.00 33.52  ? 25  TYR A CE2 1 
ATOM   216  C  CZ  . TYR A 1 25  ? 14.280  14.021  -3.928  1.00 30.00  ? 25  TYR A CZ  1 
ATOM   217  O  OH  . TYR A 1 25  ? 14.934  14.836  -4.830  1.00 56.91  ? 25  TYR A OH  1 
ATOM   218  N  N   . THR A 1 26  ? 11.317  8.073   -1.698  1.00 17.80  ? 26  THR A N   1 
ATOM   219  C  CA  . THR A 1 26  ? 11.016  6.785   -1.193  1.00 26.88  ? 26  THR A CA  1 
ATOM   220  C  C   . THR A 1 26  ? 12.280  5.938   -1.251  1.00 17.59  ? 26  THR A C   1 
ATOM   221  O  O   . THR A 1 26  ? 13.246  6.293   -1.891  1.00 16.66  ? 26  THR A O   1 
ATOM   222  C  CB  . THR A 1 26  ? 9.994   6.248   -2.235  1.00 30.77  ? 26  THR A CB  1 
ATOM   223  O  OG1 . THR A 1 26  ? 8.943   7.186   -2.420  1.00 19.53  ? 26  THR A OG1 1 
ATOM   224  C  CG2 . THR A 1 26  ? 9.542   4.788   -1.981  1.00 3.26   ? 26  THR A CG2 1 
ATOM   225  N  N   . ILE A 1 27  ? 12.185  4.773   -0.638  1.00 23.64  ? 27  ILE A N   1 
ATOM   226  C  CA  . ILE A 1 27  ? 13.258  3.816   -0.623  1.00 33.95  ? 27  ILE A CA  1 
ATOM   227  C  C   . ILE A 1 27  ? 12.729  2.455   -0.254  1.00 13.57  ? 27  ILE A C   1 
ATOM   228  O  O   . ILE A 1 27  ? 11.634  2.276   0.282   1.00 10.43  ? 27  ILE A O   1 
ATOM   229  C  CB  . ILE A 1 27  ? 14.358  4.138   0.380   1.00 37.61  ? 27  ILE A CB  1 
ATOM   230  C  CG1 . ILE A 1 27  ? 15.661  3.479   -0.115  1.00 36.62  ? 27  ILE A CG1 1 
ATOM   231  C  CG2 . ILE A 1 27  ? 13.910  3.455   1.671   1.00 11.02  ? 27  ILE A CG2 1 
ATOM   232  C  CD1 . ILE A 1 27  ? 16.911  3.887   0.643   1.00 16.98  ? 27  ILE A CD1 1 
ATOM   233  N  N   . GLY A 1 28  ? 13.580  1.511   -0.549  1.00 2.69   ? 28  GLY A N   1 
ATOM   234  C  CA  . GLY A 1 28  ? 13.298  0.135   -0.235  1.00 5.87   ? 28  GLY A CA  1 
ATOM   235  C  C   . GLY A 1 28  ? 12.096  -0.431  -0.944  1.00 20.41  ? 28  GLY A C   1 
ATOM   236  O  O   . GLY A 1 28  ? 11.989  -0.522  -2.202  1.00 15.82  ? 28  GLY A O   1 
ATOM   237  N  N   . ILE A 1 29  ? 11.196  -0.892  -0.096  1.00 24.17  ? 29  ILE A N   1 
ATOM   238  C  CA  . ILE A 1 29  ? 10.012  -1.511  -0.621  1.00 12.06  ? 29  ILE A CA  1 
ATOM   239  C  C   . ILE A 1 29  ? 8.811   -0.623  -0.460  1.00 15.95  ? 29  ILE A C   1 
ATOM   240  O  O   . ILE A 1 29  ? 7.904   -0.856  0.339   1.00 23.35  ? 29  ILE A O   1 
ATOM   241  C  CB  . ILE A 1 29  ? 9.811   -2.920  -0.089  1.00 17.81  ? 29  ILE A CB  1 
ATOM   242  C  CG1 . ILE A 1 29  ? 11.084  -3.718  -0.297  1.00 21.72  ? 29  ILE A CG1 1 
ATOM   243  C  CG2 . ILE A 1 29  ? 8.709   -3.602  -0.860  1.00 4.88   ? 29  ILE A CG2 1 
ATOM   244  C  CD1 . ILE A 1 29  ? 11.139  -5.004  0.497   1.00 15.52  ? 29  ILE A CD1 1 
ATOM   245  N  N   . GLY A 1 30  ? 8.802   0.437   -1.249  1.00 11.96  ? 30  GLY A N   1 
ATOM   246  C  CA  . GLY A 1 30  ? 7.684   1.362   -1.167  1.00 4.30   ? 30  GLY A CA  1 
ATOM   247  C  C   . GLY A 1 30  ? 7.728   2.238   0.085   1.00 1.70   ? 30  GLY A C   1 
ATOM   248  O  O   . GLY A 1 30  ? 6.733   2.826   0.484   1.00 24.19  ? 30  GLY A O   1 
ATOM   249  N  N   . HIS A 1 31  ? 8.896   2.417   0.684   1.00 3.65   ? 31  HIS A N   1 
ATOM   250  C  CA  . HIS A 1 31  ? 8.942   3.232   1.894   1.00 7.02   ? 31  HIS A CA  1 
ATOM   251  C  C   . HIS A 1 31  ? 9.059   4.741   1.714   1.00 13.23  ? 31  HIS A C   1 
ATOM   252  O  O   . HIS A 1 31  ? 10.131  5.337   1.434   1.00 17.51  ? 31  HIS A O   1 
ATOM   253  C  CB  . HIS A 1 31  ? 9.910   2.642   2.953   1.00 10.70  ? 31  HIS A CB  1 
ATOM   254  C  CG  . HIS A 1 31  ? 9.842   3.389   4.249   1.00 16.08  ? 31  HIS A CG  1 
ATOM   255  N  ND1 . HIS A 1 31  ? 8.847   3.148   5.204   1.00 25.10  ? 31  HIS A ND1 1 
ATOM   256  C  CD2 . HIS A 1 31  ? 10.619  4.386   4.725   1.00 5.17   ? 31  HIS A CD2 1 
ATOM   257  C  CE1 . HIS A 1 31  ? 9.013   3.985   6.233   1.00 11.48  ? 31  HIS A CE1 1 
ATOM   258  N  NE2 . HIS A 1 31  ? 10.082  4.741   5.975   1.00 16.47  ? 31  HIS A NE2 1 
ATOM   259  N  N   . LEU A 1 32  ? 7.915   5.384   1.916   1.00 17.03  ? 32  LEU A N   1 
ATOM   260  C  CA  . LEU A 1 32  ? 7.864   6.813   1.800   1.00 16.25  ? 32  LEU A CA  1 
ATOM   261  C  C   . LEU A 1 32  ? 8.760   7.588   2.776   1.00 14.11  ? 32  LEU A C   1 
ATOM   262  O  O   . LEU A 1 32  ? 8.809   7.420   4.002   1.00 15.98  ? 32  LEU A O   1 
ATOM   263  C  CB  . LEU A 1 32  ? 6.451   7.361   1.791   1.00 15.27  ? 32  LEU A CB  1 
ATOM   264  C  CG  . LEU A 1 32  ? 6.546   8.896   1.711   1.00 34.52  ? 32  LEU A CG  1 
ATOM   265  C  CD1 . LEU A 1 32  ? 7.211   9.377   0.400   1.00 22.60  ? 32  LEU A CD1 1 
ATOM   266  C  CD2 . LEU A 1 32  ? 5.213   9.580   1.964   1.00 27.38  ? 32  LEU A CD2 1 
ATOM   267  N  N   . LEU A 1 33  ? 9.507   8.483   2.227   1.00 8.69   ? 33  LEU A N   1 
ATOM   268  C  CA  . LEU A 1 33  ? 10.377  9.149   3.135   1.00 19.43  ? 33  LEU A CA  1 
ATOM   269  C  C   . LEU A 1 33  ? 9.862   10.500  3.508   1.00 22.03  ? 33  LEU A C   1 
ATOM   270  O  O   . LEU A 1 33  ? 9.780   10.850  4.704   1.00 15.37  ? 33  LEU A O   1 
ATOM   271  C  CB  . LEU A 1 33  ? 11.755  9.288   2.467   1.00 20.66  ? 33  LEU A CB  1 
ATOM   272  C  CG  . LEU A 1 33  ? 12.506  7.976   2.547   1.00 20.30  ? 33  LEU A CG  1 
ATOM   273  C  CD1 . LEU A 1 33  ? 13.806  8.091   1.747   1.00 8.62   ? 33  LEU A CD1 1 
ATOM   274  C  CD2 . LEU A 1 33  ? 12.878  7.725   4.005   1.00 1.08   ? 33  LEU A CD2 1 
ATOM   275  N  N   . THR A 1 34  ? 9.560   11.259  2.451   1.00 28.22  ? 34  THR A N   1 
ATOM   276  C  CA  . THR A 1 34  ? 9.064   12.604  2.606   1.00 25.17  ? 34  THR A CA  1 
ATOM   277  C  C   . THR A 1 34  ? 8.400   13.121  1.391   1.00 31.21  ? 34  THR A C   1 
ATOM   278  O  O   . THR A 1 34  ? 8.754   12.743  0.267   1.00 38.09  ? 34  THR A O   1 
ATOM   279  C  CB  . THR A 1 34  ? 10.153  13.640  2.979   1.00 51.49  ? 34  THR A CB  1 
ATOM   280  O  OG1 . THR A 1 34  ? 9.537   14.922  3.205   1.00 23.57  ? 34  THR A OG1 1 
ATOM   281  C  CG2 . THR A 1 34  ? 11.265  13.705  1.908   1.00 25.60  ? 34  THR A CG2 1 
ATOM   282  N  N   . LYS A 1 35  ? 7.470   14.041  1.651   1.00 31.08  ? 35  LYS A N   1 
ATOM   283  C  CA  . LYS A 1 35  ? 6.791   14.673  0.534   1.00 35.46  ? 35  LYS A CA  1 
ATOM   284  C  C   . LYS A 1 35  ? 7.567   15.883  0.064   1.00 35.01  ? 35  LYS A C   1 
ATOM   285  O  O   . LYS A 1 35  ? 7.412   16.381  -1.036  1.00 36.80  ? 35  LYS A O   1 
ATOM   286  C  CB  . LYS A 1 35  ? 5.339   15.008  0.752   1.00 25.23  ? 35  LYS A CB  1 
ATOM   287  C  CG  . LYS A 1 35  ? 4.503   13.804  1.187   1.00 60.16  ? 35  LYS A CG  1 
ATOM   288  C  CD  . LYS A 1 35  ? 3.003   13.919  0.851   1.00 30.81  ? 35  LYS A CD  1 
ATOM   289  C  CE  . LYS A 1 35  ? 2.032   13.642  2.016   1.00 100.00 ? 35  LYS A CE  1 
ATOM   290  N  NZ  . LYS A 1 35  ? 0.671   14.200  1.878   1.00 99.16  ? 35  LYS A NZ  1 
ATOM   291  N  N   . SER A 1 36  ? 8.436   16.339  0.922   1.00 22.75  ? 36  SER A N   1 
ATOM   292  C  CA  . SER A 1 36  ? 9.251   17.460  0.559   1.00 35.41  ? 36  SER A CA  1 
ATOM   293  C  C   . SER A 1 36  ? 10.102  17.107  -0.660  1.00 41.80  ? 36  SER A C   1 
ATOM   294  O  O   . SER A 1 36  ? 10.434  15.922  -0.862  1.00 39.80  ? 36  SER A O   1 
ATOM   295  C  CB  . SER A 1 36  ? 10.107  17.900  1.755   1.00 42.59  ? 36  SER A CB  1 
ATOM   296  O  OG  . SER A 1 36  ? 11.047  18.930  1.449   1.00 66.03  ? 36  SER A OG  1 
ATOM   297  N  N   . PRO A 1 37  ? 10.441  18.147  -1.462  1.00 40.04  ? 37  PRO A N   1 
ATOM   298  C  CA  . PRO A 1 37  ? 11.256  18.019  -2.656  1.00 34.31  ? 37  PRO A CA  1 
ATOM   299  C  C   . PRO A 1 37  ? 12.767  18.207  -2.410  1.00 40.37  ? 37  PRO A C   1 
ATOM   300  O  O   . PRO A 1 37  ? 13.549  18.102  -3.347  1.00 48.67  ? 37  PRO A O   1 
ATOM   301  C  CB  . PRO A 1 37  ? 10.745  19.068  -3.635  1.00 34.24  ? 37  PRO A CB  1 
ATOM   302  C  CG  . PRO A 1 37  ? 10.068  20.121  -2.797  1.00 41.62  ? 37  PRO A CG  1 
ATOM   303  C  CD  . PRO A 1 37  ? 9.761   19.466  -1.460  1.00 40.65  ? 37  PRO A CD  1 
ATOM   304  N  N   . SER A 1 38  ? 13.194  18.440  -1.162  1.00 41.18  ? 38  SER A N   1 
ATOM   305  C  CA  . SER A 1 38  ? 14.605  18.541  -0.826  1.00 37.60  ? 38  SER A CA  1 
ATOM   306  C  C   . SER A 1 38  ? 15.186  17.148  -0.490  1.00 41.44  ? 38  SER A C   1 
ATOM   307  O  O   . SER A 1 38  ? 14.800  16.471  0.486   1.00 24.78  ? 38  SER A O   1 
ATOM   308  C  CB  . SER A 1 38  ? 14.926  19.616  0.251   1.00 46.66  ? 38  SER A CB  1 
ATOM   309  O  OG  . SER A 1 38  ? 16.318  19.640  0.587   1.00 49.51  ? 38  SER A OG  1 
ATOM   310  N  N   . LEU A 1 39  ? 16.126  16.702  -1.329  1.00 33.70  ? 39  LEU A N   1 
ATOM   311  C  CA  . LEU A 1 39  ? 16.777  15.418  -1.133  1.00 34.59  ? 39  LEU A CA  1 
ATOM   312  C  C   . LEU A 1 39  ? 17.507  15.372  0.229   1.00 40.56  ? 39  LEU A C   1 
ATOM   313  O  O   . LEU A 1 39  ? 17.987  14.347  0.777   1.00 21.36  ? 39  LEU A O   1 
ATOM   314  C  CB  . LEU A 1 39  ? 17.759  15.112  -2.302  1.00 26.27  ? 39  LEU A CB  1 
ATOM   315  C  CG  . LEU A 1 39  ? 18.438  13.759  -2.088  1.00 44.13  ? 39  LEU A CG  1 
ATOM   316  C  CD1 . LEU A 1 39  ? 17.378  12.662  -2.121  1.00 53.16  ? 39  LEU A CD1 1 
ATOM   317  C  CD2 . LEU A 1 39  ? 19.570  13.451  -3.069  1.00 36.98  ? 39  LEU A CD2 1 
ATOM   318  N  N   . ASN A 1 40  ? 17.649  16.542  0.795   1.00 35.72  ? 40  ASN A N   1 
ATOM   319  C  CA  . ASN A 1 40  ? 18.364  16.464  1.986   1.00 32.15  ? 40  ASN A CA  1 
ATOM   320  C  C   . ASN A 1 40  ? 17.403  16.153  3.090   1.00 28.80  ? 40  ASN A C   1 
ATOM   321  O  O   . ASN A 1 40  ? 17.719  15.418  4.009   1.00 31.83  ? 40  ASN A O   1 
ATOM   322  C  CB  . ASN A 1 40  ? 19.426  17.582  2.145   1.00 51.55  ? 40  ASN A CB  1 
ATOM   323  C  CG  . ASN A 1 40  ? 20.613  17.283  1.244   1.00 74.78  ? 40  ASN A CG  1 
ATOM   324  O  OD1 . ASN A 1 40  ? 21.550  16.592  1.657   1.00 100.00 ? 40  ASN A OD1 1 
ATOM   325  N  ND2 . ASN A 1 40  ? 20.552  17.746  -0.003  1.00 94.77  ? 40  ASN A ND2 1 
ATOM   326  N  N   . ALA A 1 41  ? 16.188  16.655  2.937   1.00 16.98  ? 41  ALA A N   1 
ATOM   327  C  CA  . ALA A 1 41  ? 15.158  16.346  3.920   1.00 18.57  ? 41  ALA A CA  1 
ATOM   328  C  C   . ALA A 1 41  ? 14.965  14.825  3.871   1.00 28.02  ? 41  ALA A C   1 
ATOM   329  O  O   . ALA A 1 41  ? 14.844  14.138  4.866   1.00 28.10  ? 41  ALA A O   1 
ATOM   330  C  CB  . ALA A 1 41  ? 13.851  16.989  3.497   1.00 15.64  ? 41  ALA A CB  1 
ATOM   331  N  N   . ALA A 1 42  ? 14.987  14.295  2.660   1.00 26.99  ? 42  ALA A N   1 
ATOM   332  C  CA  . ALA A 1 42  ? 14.856  12.875  2.416   1.00 26.48  ? 42  ALA A CA  1 
ATOM   333  C  C   . ALA A 1 42  ? 15.931  12.062  3.169   1.00 22.64  ? 42  ALA A C   1 
ATOM   334  O  O   . ALA A 1 42  ? 15.656  11.092  3.936   1.00 21.73  ? 42  ALA A O   1 
ATOM   335  C  CB  . ALA A 1 42  ? 14.824  12.602  0.900   1.00 24.00  ? 42  ALA A CB  1 
ATOM   336  N  N   . LYS A 1 43  ? 17.165  12.479  2.947   1.00 20.13  ? 43  LYS A N   1 
ATOM   337  C  CA  . LYS A 1 43  ? 18.292  11.842  3.590   1.00 22.79  ? 43  LYS A CA  1 
ATOM   338  C  C   . LYS A 1 43  ? 18.223  11.846  5.101   1.00 28.73  ? 43  LYS A C   1 
ATOM   339  O  O   . LYS A 1 43  ? 18.542  10.858  5.744   1.00 22.63  ? 43  LYS A O   1 
ATOM   340  C  CB  . LYS A 1 43  ? 19.571  12.484  3.160   1.00 18.88  ? 43  LYS A CB  1 
ATOM   341  C  CG  . LYS A 1 43  ? 20.251  11.729  2.061   1.00 24.52  ? 43  LYS A CG  1 
ATOM   342  C  CD  . LYS A 1 43  ? 20.814  12.691  1.036   1.00 27.36  ? 43  LYS A CD  1 
ATOM   343  C  CE  . LYS A 1 43  ? 22.135  12.212  0.457   1.00 100.00 ? 43  LYS A CE  1 
ATOM   344  N  NZ  . LYS A 1 43  ? 23.288  12.991  0.945   1.00 100.00 ? 43  LYS A NZ  1 
ATOM   345  N  N   . SER A 1 44  ? 17.860  12.998  5.660   1.00 29.81  ? 44  SER A N   1 
ATOM   346  C  CA  . SER A 1 44  ? 17.758  13.118  7.083   1.00 26.01  ? 44  SER A CA  1 
ATOM   347  C  C   . SER A 1 44  ? 16.734  12.083  7.556   1.00 28.19  ? 44  SER A C   1 
ATOM   348  O  O   . SER A 1 44  ? 16.910  11.310  8.509   1.00 17.86  ? 44  SER A O   1 
ATOM   349  C  CB  . SER A 1 44  ? 17.376  14.547  7.482   1.00 13.09  ? 44  SER A CB  1 
ATOM   350  O  OG  . SER A 1 44  ? 16.638  14.558  8.696   1.00 64.27  ? 44  SER A OG  1 
ATOM   351  N  N   . GLU A 1 45  ? 15.643  12.079  6.827   1.00 23.38  ? 45  GLU A N   1 
ATOM   352  C  CA  . GLU A 1 45  ? 14.564  11.174  7.118   1.00 23.73  ? 45  GLU A CA  1 
ATOM   353  C  C   . GLU A 1 45  ? 14.987  9.699   7.133   1.00 18.93  ? 45  GLU A C   1 
ATOM   354  O  O   . GLU A 1 45  ? 14.651  8.951   8.080   1.00 29.13  ? 45  GLU A O   1 
ATOM   355  C  CB  . GLU A 1 45  ? 13.400  11.477  6.185   1.00 28.88  ? 45  GLU A CB  1 
ATOM   356  C  CG  . GLU A 1 45  ? 12.508  12.631  6.685   1.00 37.85  ? 45  GLU A CG  1 
ATOM   357  C  CD  . GLU A 1 45  ? 11.726  12.325  7.933   1.00 31.65  ? 45  GLU A CD  1 
ATOM   358  O  OE1 . GLU A 1 45  ? 11.041  11.319  8.064   1.00 70.10  ? 45  GLU A OE1 1 
ATOM   359  O  OE2 . GLU A 1 45  ? 11.853  13.273  8.836   1.00 33.12  ? 45  GLU A OE2 1 
ATOM   360  N  N   . LEU A 1 46  ? 15.786  9.297   6.131   1.00 14.55  ? 46  LEU A N   1 
ATOM   361  C  CA  . LEU A 1 46  ? 16.282  7.928   6.032   1.00 19.02  ? 46  LEU A CA  1 
ATOM   362  C  C   . LEU A 1 46  ? 17.134  7.502   7.249   1.00 29.72  ? 46  LEU A C   1 
ATOM   363  O  O   . LEU A 1 46  ? 17.025  6.394   7.859   1.00 20.58  ? 46  LEU A O   1 
ATOM   364  C  CB  . LEU A 1 46  ? 17.126  7.773   4.747   1.00 13.86  ? 46  LEU A CB  1 
ATOM   365  C  CG  . LEU A 1 46  ? 17.659  6.344   4.596   1.00 23.80  ? 46  LEU A CG  1 
ATOM   366  C  CD1 . LEU A 1 46  ? 16.515  5.384   4.322   1.00 20.46  ? 46  LEU A CD1 1 
ATOM   367  C  CD2 . LEU A 1 46  ? 18.675  6.227   3.496   1.00 21.02  ? 46  LEU A CD2 1 
ATOM   368  N  N   . ASP A 1 47  ? 18.005  8.439   7.566   1.00 11.90  ? 47  ASP A N   1 
ATOM   369  C  CA  . ASP A 1 47  ? 18.954  8.330   8.642   1.00 26.33  ? 47  ASP A CA  1 
ATOM   370  C  C   . ASP A 1 47  ? 18.264  8.130   9.913   1.00 21.14  ? 47  ASP A C   1 
ATOM   371  O  O   . ASP A 1 47  ? 18.573  7.188   10.643  1.00 20.43  ? 47  ASP A O   1 
ATOM   372  C  CB  . ASP A 1 47  ? 19.952  9.481   8.668   1.00 35.37  ? 47  ASP A CB  1 
ATOM   373  C  CG  . ASP A 1 47  ? 20.802  9.324   7.439   1.00 30.93  ? 47  ASP A CG  1 
ATOM   374  O  OD1 . ASP A 1 47  ? 20.457  8.628   6.483   1.00 49.46  ? 47  ASP A OD1 1 
ATOM   375  O  OD2 . ASP A 1 47  ? 21.950  9.935   7.533   1.00 20.01  ? 47  ASP A OD2 1 
ATOM   376  N  N   . LYS A 1 48  ? 17.267  8.988   10.104  1.00 12.47  ? 48  LYS A N   1 
ATOM   377  C  CA  . LYS A 1 48  ? 16.411  8.842   11.273  1.00 5.53   ? 48  LYS A CA  1 
ATOM   378  C  C   . LYS A 1 48  ? 15.708  7.454   11.278  1.00 21.24  ? 48  LYS A C   1 
ATOM   379  O  O   . LYS A 1 48  ? 15.680  6.741   12.263  1.00 26.16  ? 48  LYS A O   1 
ATOM   380  C  CB  . LYS A 1 48  ? 15.425  10.021  11.340  1.00 7.56   ? 48  LYS A CB  1 
ATOM   381  C  CG  . LYS A 1 48  ? 14.207  9.699   12.177  1.00 30.62  ? 48  LYS A CG  1 
ATOM   382  C  CD  . LYS A 1 48  ? 13.496  10.951  12.638  1.00 1.00   ? 48  LYS A CD  1 
ATOM   383  C  CE  . LYS A 1 48  ? 12.834  11.664  11.476  1.00 1.00   ? 48  LYS A CE  1 
ATOM   384  N  NZ  . LYS A 1 48  ? 11.406  11.311  11.365  1.00 11.10  ? 48  LYS A NZ  1 
ATOM   385  N  N   . ALA A 1 49  ? 15.151  7.028   10.159  1.00 25.42  ? 49  ALA A N   1 
ATOM   386  C  CA  . ALA A 1 49  ? 14.466  5.724   10.119  1.00 23.50  ? 49  ALA A CA  1 
ATOM   387  C  C   . ALA A 1 49  ? 15.341  4.478   10.328  1.00 24.03  ? 49  ALA A C   1 
ATOM   388  O  O   . ALA A 1 49  ? 14.987  3.513   10.983  1.00 13.90  ? 49  ALA A O   1 
ATOM   389  C  CB  . ALA A 1 49  ? 13.820  5.611   8.772   1.00 20.23  ? 49  ALA A CB  1 
ATOM   390  N  N   . ILE A 1 50  ? 16.471  4.478   9.684   1.00 14.32  ? 50  ILE A N   1 
ATOM   391  C  CA  . ILE A 1 50  ? 17.391  3.390   9.779   1.00 15.11  ? 50  ILE A CA  1 
ATOM   392  C  C   . ILE A 1 50  ? 18.158  3.470   11.046  1.00 14.95  ? 50  ILE A C   1 
ATOM   393  O  O   . ILE A 1 50  ? 18.561  2.466   11.592  1.00 27.46  ? 50  ILE A O   1 
ATOM   394  C  CB  . ILE A 1 50  ? 18.431  3.518   8.670   1.00 29.27  ? 50  ILE A CB  1 
ATOM   395  C  CG1 . ILE A 1 50  ? 17.711  3.339   7.372   1.00 38.41  ? 50  ILE A CG1 1 
ATOM   396  C  CG2 . ILE A 1 50  ? 19.431  2.374   8.812   1.00 27.18  ? 50  ILE A CG2 1 
ATOM   397  C  CD1 . ILE A 1 50  ? 16.891  2.073   7.501   1.00 1.00   ? 50  ILE A CD1 1 
ATOM   398  N  N   . GLY A 1 51  ? 18.470  4.656   11.520  1.00 15.29  ? 51  GLY A N   1 
ATOM   399  C  CA  . GLY A 1 51  ? 19.252  4.607   12.748  1.00 8.44   ? 51  GLY A CA  1 
ATOM   400  C  C   . GLY A 1 51  ? 20.710  4.819   12.442  1.00 27.82  ? 51  GLY A C   1 
ATOM   401  O  O   . GLY A 1 51  ? 21.580  4.465   13.210  1.00 26.55  ? 51  GLY A O   1 
ATOM   402  N  N   . ARG A 1 52  ? 21.026  5.417   11.314  1.00 36.71  ? 52  ARG A N   1 
ATOM   403  C  CA  . ARG A 1 52  ? 22.440  5.617   11.043  1.00 33.37  ? 52  ARG A CA  1 
ATOM   404  C  C   . ARG A 1 52  ? 22.566  6.515   9.856   1.00 24.58  ? 52  ARG A C   1 
ATOM   405  O  O   . ARG A 1 52  ? 21.547  6.767   9.226   1.00 29.95  ? 52  ARG A O   1 
ATOM   406  C  CB  . ARG A 1 52  ? 23.203  4.307   10.829  1.00 33.97  ? 52  ARG A CB  1 
ATOM   407  C  CG  . ARG A 1 52  ? 23.123  3.752   9.398   1.00 42.20  ? 52  ARG A CG  1 
ATOM   408  C  CD  . ARG A 1 52  ? 23.559  2.285   9.284   1.00 27.97  ? 52  ARG A CD  1 
ATOM   409  N  NE  . ARG A 1 52  ? 23.337  1.650   7.977   1.00 36.25  ? 52  ARG A NE  1 
ATOM   410  C  CZ  . ARG A 1 52  ? 23.818  2.030   6.791   1.00 49.15  ? 52  ARG A CZ  1 
ATOM   411  N  NH1 . ARG A 1 52  ? 24.590  3.097   6.621   1.00 47.04  ? 52  ARG A NH1 1 
ATOM   412  N  NH2 . ARG A 1 52  ? 23.498  1.309   5.722   1.00 57.60  ? 52  ARG A NH2 1 
ATOM   413  N  N   . ASN A 1 53  ? 23.776  7.023   9.619   1.00 35.69  ? 53  ASN A N   1 
ATOM   414  C  CA  . ASN A 1 53  ? 24.006  7.888   8.473   1.00 56.44  ? 53  ASN A CA  1 
ATOM   415  C  C   . ASN A 1 53  ? 24.067  6.971   7.247   1.00 58.78  ? 53  ASN A C   1 
ATOM   416  O  O   . ASN A 1 53  ? 24.957  6.125   7.098   1.00 44.44  ? 53  ASN A O   1 
ATOM   417  C  CB  . ASN A 1 53  ? 25.234  8.845   8.626   1.00 94.69  ? 53  ASN A CB  1 
ATOM   418  C  CG  . ASN A 1 53  ? 25.013  10.044  9.555   1.00 100.00 ? 53  ASN A CG  1 
ATOM   419  O  OD1 . ASN A 1 53  ? 24.514  9.901   10.697  1.00 100.00 ? 53  ASN A OD1 1 
ATOM   420  N  ND2 . ASN A 1 53  ? 25.386  11.233  9.076   1.00 96.26  ? 53  ASN A ND2 1 
ATOM   421  N  N   . CYS A 1 54  ? 23.036  7.063   6.411   1.00 49.12  ? 54  CYS A N   1 
ATOM   422  C  CA  . CYS A 1 54  ? 22.904  6.169   5.274   1.00 38.30  ? 54  CYS A CA  1 
ATOM   423  C  C   . CYS A 1 54  ? 23.472  6.727   3.993   1.00 46.71  ? 54  CYS A C   1 
ATOM   424  O  O   . CYS A 1 54  ? 23.899  5.982   3.099   1.00 43.20  ? 54  CYS A O   1 
ATOM   425  C  CB  . CYS A 1 54  ? 21.440  5.660   5.114   1.00 26.29  ? 54  CYS A CB  1 
ATOM   426  S  SG  . CYS A 1 54  ? 21.044  4.495   6.463   1.00 26.75  ? 54  CYS A SG  1 
ATOM   427  N  N   . ASN A 1 55  ? 23.458  8.044   3.918   1.00 40.03  ? 55  ASN A N   1 
ATOM   428  C  CA  . ASN A 1 55  ? 23.940  8.641   2.717   1.00 46.45  ? 55  ASN A CA  1 
ATOM   429  C  C   . ASN A 1 55  ? 23.103  8.153   1.527   1.00 40.47  ? 55  ASN A C   1 
ATOM   430  O  O   . ASN A 1 55  ? 23.572  7.805   0.424   1.00 35.45  ? 55  ASN A O   1 
ATOM   431  C  CB  . ASN A 1 55  ? 25.459  8.419   2.530   1.00 84.19  ? 55  ASN A CB  1 
ATOM   432  C  CG  . ASN A 1 55  ? 26.127  9.477   1.662   1.00 94.16  ? 55  ASN A CG  1 
ATOM   433  O  OD1 . ASN A 1 55  ? 25.629  10.627  1.539   1.00 24.95  ? 55  ASN A OD1 1 
ATOM   434  N  ND2 . ASN A 1 55  ? 27.239  9.077   1.029   1.00 49.99  ? 55  ASN A ND2 1 
ATOM   435  N  N   . GLY A 1 56  ? 21.807  8.139   1.720   1.00 26.00  ? 56  GLY A N   1 
ATOM   436  C  CA  . GLY A 1 56  ? 20.971  7.737   0.587   1.00 26.62  ? 56  GLY A CA  1 
ATOM   437  C  C   . GLY A 1 56  ? 20.992  6.259   0.211   1.00 22.04  ? 56  GLY A C   1 
ATOM   438  O  O   . GLY A 1 56  ? 20.385  5.832   -0.773  1.00 9.53   ? 56  GLY A O   1 
ATOM   439  N  N   . VAL A 1 57  ? 21.652  5.420   0.976   1.00 18.33  ? 57  VAL A N   1 
ATOM   440  C  CA  . VAL A 1 57  ? 21.636  4.033   0.598   1.00 11.34  ? 57  VAL A CA  1 
ATOM   441  C  C   . VAL A 1 57  ? 21.425  3.041   1.724   1.00 20.72  ? 57  VAL A C   1 
ATOM   442  O  O   . VAL A 1 57  ? 21.904  3.210   2.853   1.00 18.85  ? 57  VAL A O   1 
ATOM   443  C  CB  . VAL A 1 57  ? 22.930  3.732   -0.076  1.00 24.37  ? 57  VAL A CB  1 
ATOM   444  C  CG1 . VAL A 1 57  ? 23.085  2.226   -0.240  1.00 23.32  ? 57  VAL A CG1 1 
ATOM   445  C  CG2 . VAL A 1 57  ? 22.849  4.444   -1.414  1.00 29.59  ? 57  VAL A CG2 1 
ATOM   446  N  N   . ILE A 1 58  ? 20.792  1.920   1.417   1.00 19.12  ? 58  ILE A N   1 
ATOM   447  C  CA  . ILE A 1 58  ? 20.601  0.982   2.502   1.00 16.33  ? 58  ILE A CA  1 
ATOM   448  C  C   . ILE A 1 58  ? 20.826  -0.398  2.024   1.00 23.94  ? 58  ILE A C   1 
ATOM   449  O  O   . ILE A 1 58  ? 20.971  -0.595  0.821   1.00 28.64  ? 58  ILE A O   1 
ATOM   450  C  CB  . ILE A 1 58  ? 19.183  1.065   3.116   1.00 20.10  ? 58  ILE A CB  1 
ATOM   451  C  CG1 . ILE A 1 58  ? 18.125  0.753   2.074   1.00 8.77   ? 58  ILE A CG1 1 
ATOM   452  C  CG2 . ILE A 1 58  ? 18.854  2.423   3.690   1.00 11.01  ? 58  ILE A CG2 1 
ATOM   453  C  CD1 . ILE A 1 58  ? 16.765  0.739   2.728   1.00 10.40  ? 58  ILE A CD1 1 
ATOM   454  N  N   . THR A 1 59  ? 20.822  -1.332  2.990   1.00 12.55  ? 59  THR A N   1 
ATOM   455  C  CA  . THR A 1 59  ? 20.956  -2.715  2.683   1.00 7.76   ? 59  THR A CA  1 
ATOM   456  C  C   . THR A 1 59  ? 19.589  -3.362  2.610   1.00 25.33  ? 59  THR A C   1 
ATOM   457  O  O   . THR A 1 59  ? 18.574  -2.766  2.988   1.00 28.98  ? 59  THR A O   1 
ATOM   458  C  CB  . THR A 1 59  ? 21.789  -3.458  3.735   1.00 46.78  ? 59  THR A CB  1 
ATOM   459  O  OG1 . THR A 1 59  ? 20.987  -3.684  4.868   1.00 30.17  ? 59  THR A OG1 1 
ATOM   460  C  CG2 . THR A 1 59  ? 23.053  -2.680  4.103   1.00 45.30  ? 59  THR A CG2 1 
ATOM   461  N  N   . LYS A 1 60  ? 19.618  -4.614  2.141   1.00 17.67  ? 60  LYS A N   1 
ATOM   462  C  CA  . LYS A 1 60  ? 18.461  -5.479  1.941   1.00 16.94  ? 60  LYS A CA  1 
ATOM   463  C  C   . LYS A 1 60  ? 17.669  -5.724  3.216   1.00 10.76  ? 60  LYS A C   1 
ATOM   464  O  O   . LYS A 1 60  ? 16.447  -5.582  3.301   1.00 7.78   ? 60  LYS A O   1 
ATOM   465  C  CB  . LYS A 1 60  ? 18.828  -6.761  1.180   1.00 11.01  ? 60  LYS A CB  1 
ATOM   466  C  CG  . LYS A 1 60  ? 17.620  -7.401  0.501   1.00 44.70  ? 60  LYS A CG  1 
ATOM   467  C  CD  . LYS A 1 60  ? 17.870  -8.830  0.023   1.00 100.00 ? 60  LYS A CD  1 
ATOM   468  C  CE  . LYS A 1 60  ? 16.769  -9.390  -0.876  1.00 100.00 ? 60  LYS A CE  1 
ATOM   469  N  NZ  . LYS A 1 60  ? 16.831  -10.850 -1.075  1.00 100.00 ? 60  LYS A NZ  1 
ATOM   470  N  N   . ASP A 1 61  ? 18.431  -6.112  4.229   1.00 25.24  ? 61  ASP A N   1 
ATOM   471  C  CA  . ASP A 1 61  ? 17.886  -6.375  5.524   1.00 22.72  ? 61  ASP A CA  1 
ATOM   472  C  C   . ASP A 1 61  ? 17.206  -5.112  6.047   1.00 13.17  ? 61  ASP A C   1 
ATOM   473  O  O   . ASP A 1 61  ? 16.082  -5.165  6.485   1.00 20.88  ? 61  ASP A O   1 
ATOM   474  C  CB  . ASP A 1 61  ? 18.943  -7.000  6.458   1.00 16.43  ? 61  ASP A CB  1 
ATOM   475  C  CG  . ASP A 1 61  ? 19.372  -8.343  5.893   1.00 82.15  ? 61  ASP A CG  1 
ATOM   476  O  OD1 . ASP A 1 61  ? 18.740  -9.372  6.071   1.00 95.69  ? 61  ASP A OD1 1 
ATOM   477  O  OD2 . ASP A 1 61  ? 20.442  -8.277  5.137   1.00 100.00 ? 61  ASP A OD2 1 
ATOM   478  N  N   . GLU A 1 62  ? 17.862  -3.978  5.913   1.00 10.39  ? 62  GLU A N   1 
ATOM   479  C  CA  . GLU A 1 62  ? 17.322  -2.710  6.339   1.00 18.48  ? 62  GLU A CA  1 
ATOM   480  C  C   . GLU A 1 62  ? 16.000  -2.466  5.617   1.00 24.38  ? 62  GLU A C   1 
ATOM   481  O  O   . GLU A 1 62  ? 15.016  -2.036  6.187   1.00 7.99   ? 62  GLU A O   1 
ATOM   482  C  CB  . GLU A 1 62  ? 18.339  -1.601  6.010   1.00 21.67  ? 62  GLU A CB  1 
ATOM   483  C  CG  . GLU A 1 62  ? 19.702  -1.896  6.659   1.00 43.16  ? 62  GLU A CG  1 
ATOM   484  C  CD  . GLU A 1 62  ? 20.616  -0.729  6.838   1.00 46.67  ? 62  GLU A CD  1 
ATOM   485  O  OE1 . GLU A 1 62  ? 20.885  0.044   5.921   1.00 32.97  ? 62  GLU A OE1 1 
ATOM   486  O  OE2 . GLU A 1 62  ? 21.157  -0.715  8.051   1.00 38.25  ? 62  GLU A OE2 1 
ATOM   487  N  N   . ALA A 1 63  ? 15.988  -2.785  4.337   1.00 10.19  ? 63  ALA A N   1 
ATOM   488  C  CA  . ALA A 1 63  ? 14.827  -2.613  3.505   1.00 6.81   ? 63  ALA A CA  1 
ATOM   489  C  C   . ALA A 1 63  ? 13.656  -3.398  4.029   1.00 18.16  ? 63  ALA A C   1 
ATOM   490  O  O   . ALA A 1 63  ? 12.533  -2.881  4.209   1.00 26.22  ? 63  ALA A O   1 
ATOM   491  C  CB  . ALA A 1 63  ? 15.222  -3.088  2.128   1.00 15.06  ? 63  ALA A CB  1 
ATOM   492  N  N   . GLU A 1 64  ? 13.963  -4.663  4.283   1.00 9.74   ? 64  GLU A N   1 
ATOM   493  C  CA  . GLU A 1 64  ? 12.999  -5.600  4.796   1.00 11.46  ? 64  GLU A CA  1 
ATOM   494  C  C   . GLU A 1 64  ? 12.542  -5.227  6.174   1.00 16.15  ? 64  GLU A C   1 
ATOM   495  O  O   . GLU A 1 64  ? 11.389  -5.348  6.541   1.00 10.23  ? 64  GLU A O   1 
ATOM   496  C  CB  . GLU A 1 64  ? 13.625  -6.957  4.737   1.00 11.59  ? 64  GLU A CB  1 
ATOM   497  C  CG  . GLU A 1 64  ? 13.724  -7.359  3.275   1.00 12.25  ? 64  GLU A CG  1 
ATOM   498  C  CD  . GLU A 1 64  ? 14.494  -8.626  3.163   1.00 65.18  ? 64  GLU A CD  1 
ATOM   499  O  OE1 . GLU A 1 64  ? 15.098  -9.142  4.101   1.00 30.87  ? 64  GLU A OE1 1 
ATOM   500  O  OE2 . GLU A 1 64  ? 14.452  -9.111  1.952   1.00 50.61  ? 64  GLU A OE2 1 
ATOM   501  N  N   . LYS A 1 65  ? 13.448  -4.660  6.913   1.00 1.00   ? 65  LYS A N   1 
ATOM   502  C  CA  . LYS A 1 65  ? 13.060  -4.164  8.235   1.00 5.83   ? 65  LYS A CA  1 
ATOM   503  C  C   . LYS A 1 65  ? 11.993  -3.133  8.090   1.00 25.78  ? 65  LYS A C   1 
ATOM   504  O  O   . LYS A 1 65  ? 10.944  -3.238  8.736   1.00 25.30  ? 65  LYS A O   1 
ATOM   505  C  CB  . LYS A 1 65  ? 14.173  -3.475  8.988   1.00 16.27  ? 65  LYS A CB  1 
ATOM   506  C  CG  . LYS A 1 65  ? 13.816  -3.103  10.430  1.00 33.36  ? 65  LYS A CG  1 
ATOM   507  C  CD  . LYS A 1 65  ? 15.002  -3.327  11.362  1.00 47.27  ? 65  LYS A CD  1 
ATOM   508  C  CE  . LYS A 1 65  ? 14.630  -3.902  12.719  1.00 89.17  ? 65  LYS A CE  1 
ATOM   509  N  NZ  . LYS A 1 65  ? 15.541  -3.466  13.786  1.00 100.00 ? 65  LYS A NZ  1 
ATOM   510  N  N   . LEU A 1 66  ? 12.272  -2.115  7.262   1.00 11.44  ? 66  LEU A N   1 
ATOM   511  C  CA  . LEU A 1 66  ? 11.259  -1.072  7.123   1.00 11.02  ? 66  LEU A CA  1 
ATOM   512  C  C   . LEU A 1 66  ? 9.923   -1.622  6.679   1.00 9.16   ? 66  LEU A C   1 
ATOM   513  O  O   . LEU A 1 66  ? 8.890   -1.118  7.161   1.00 14.71  ? 66  LEU A O   1 
ATOM   514  C  CB  . LEU A 1 66  ? 11.568  0.004   6.090   1.00 10.34  ? 66  LEU A CB  1 
ATOM   515  C  CG  . LEU A 1 66  ? 12.833  0.720   6.335   1.00 9.45   ? 66  LEU A CG  1 
ATOM   516  C  CD1 . LEU A 1 66  ? 13.046  1.608   5.123   1.00 11.81  ? 66  LEU A CD1 1 
ATOM   517  C  CD2 . LEU A 1 66  ? 12.686  1.564   7.599   1.00 7.51   ? 66  LEU A CD2 1 
ATOM   518  N  N   . PHE A 1 67  ? 10.003  -2.541  5.691   1.00 8.09   ? 67  PHE A N   1 
ATOM   519  C  CA  . PHE A 1 67  ? 8.880   -3.204  5.077   1.00 3.78   ? 67  PHE A CA  1 
ATOM   520  C  C   . PHE A 1 67  ? 8.059   -3.895  6.139   1.00 27.25  ? 67  PHE A C   1 
ATOM   521  O  O   . PHE A 1 67  ? 6.828   -3.767  6.179   1.00 15.77  ? 67  PHE A O   1 
ATOM   522  C  CB  . PHE A 1 67  ? 9.379   -4.300  4.132   1.00 1.00   ? 67  PHE A CB  1 
ATOM   523  C  CG  . PHE A 1 67  ? 8.276   -4.852  3.174   1.00 5.30   ? 67  PHE A CG  1 
ATOM   524  C  CD1 . PHE A 1 67  ? 7.211   -4.085  2.705   1.00 13.96  ? 67  PHE A CD1 1 
ATOM   525  C  CD2 . PHE A 1 67  ? 8.366   -6.157  2.683   1.00 3.08   ? 67  PHE A CD2 1 
ATOM   526  C  CE1 . PHE A 1 67  ? 6.259   -4.614  1.828   1.00 26.21  ? 67  PHE A CE1 1 
ATOM   527  C  CE2 . PHE A 1 67  ? 7.472   -6.706  1.767   1.00 6.06   ? 67  PHE A CE2 1 
ATOM   528  C  CZ  . PHE A 1 67  ? 6.394   -5.923  1.357   1.00 19.89  ? 67  PHE A CZ  1 
ATOM   529  N  N   . ASN A 1 68  ? 8.726   -4.690  6.998   1.00 1.00   ? 68  ASN A N   1 
ATOM   530  C  CA  . ASN A 1 68  ? 7.953   -5.283  8.058   1.00 14.07  ? 68  ASN A CA  1 
ATOM   531  C  C   . ASN A 1 68  ? 7.173   -4.266  8.920   1.00 21.64  ? 68  ASN A C   1 
ATOM   532  O  O   . ASN A 1 68  ? 6.018   -4.451  9.397   1.00 11.50  ? 68  ASN A O   1 
ATOM   533  C  CB  . ASN A 1 68  ? 8.870   -6.068  9.021   1.00 31.41  ? 68  ASN A CB  1 
ATOM   534  C  CG  . ASN A 1 68  ? 9.114   -7.495  8.588   1.00 25.13  ? 68  ASN A CG  1 
ATOM   535  O  OD1 . ASN A 1 68  ? 8.164   -8.266  8.336   1.00 27.38  ? 68  ASN A OD1 1 
ATOM   536  N  ND2 . ASN A 1 68  ? 10.386  -7.870  8.508   1.00 30.13  ? 68  ASN A ND2 1 
ATOM   537  N  N   . GLN A 1 69  ? 7.868   -3.179  9.223   1.00 8.35   ? 69  GLN A N   1 
ATOM   538  C  CA  . GLN A 1 69  ? 7.239   -2.223  10.106  1.00 3.58   ? 69  GLN A CA  1 
ATOM   539  C  C   . GLN A 1 69  ? 6.101   -1.590  9.407   1.00 9.56   ? 69  GLN A C   1 
ATOM   540  O  O   . GLN A 1 69  ? 5.072   -1.203  9.955   1.00 17.41  ? 69  GLN A O   1 
ATOM   541  C  CB  . GLN A 1 69  ? 8.244   -1.118  10.480  1.00 6.14   ? 69  GLN A CB  1 
ATOM   542  C  CG  . GLN A 1 69  ? 9.451   -1.631  11.317  1.00 15.23  ? 69  GLN A CG  1 
ATOM   543  C  CD  . GLN A 1 69  ? 10.589  -0.599  11.396  1.00 36.86  ? 69  GLN A CD  1 
ATOM   544  O  OE1 . GLN A 1 69  ? 11.653  -0.804  12.008  1.00 17.86  ? 69  GLN A OE1 1 
ATOM   545  N  NE2 . GLN A 1 69  ? 10.363  0.545   10.763  1.00 20.76  ? 69  GLN A NE2 1 
ATOM   546  N  N   . ASP A 1 70  ? 6.300   -1.429  8.119   1.00 17.25  ? 70  ASP A N   1 
ATOM   547  C  CA  . ASP A 1 70  ? 5.237   -0.804  7.338   1.00 17.74  ? 70  ASP A CA  1 
ATOM   548  C  C   . ASP A 1 70  ? 3.939   -1.637  7.199   1.00 21.46  ? 70  ASP A C   1 
ATOM   549  O  O   . ASP A 1 70  ? 2.819   -1.074  7.270   1.00 8.46   ? 70  ASP A O   1 
ATOM   550  C  CB  . ASP A 1 70  ? 5.709   -0.226  5.978   1.00 8.37   ? 70  ASP A CB  1 
ATOM   551  C  CG  . ASP A 1 70  ? 6.684   0.910   6.090   1.00 18.01  ? 70  ASP A CG  1 
ATOM   552  O  OD1 . ASP A 1 70  ? 6.787   1.637   7.079   1.00 21.18  ? 70  ASP A OD1 1 
ATOM   553  O  OD2 . ASP A 1 70  ? 7.433   0.997   5.031   1.00 12.54  ? 70  ASP A OD2 1 
ATOM   554  N  N   . VAL A 1 71  ? 4.097   -2.970  6.967   1.00 12.88  ? 71  VAL A N   1 
ATOM   555  C  CA  . VAL A 1 71  ? 2.909   -3.779  6.791   1.00 13.01  ? 71  VAL A CA  1 
ATOM   556  C  C   . VAL A 1 71  ? 2.220   -3.739  8.116   1.00 19.82  ? 71  VAL A C   1 
ATOM   557  O  O   . VAL A 1 71  ? 1.005   -3.624  8.239   1.00 9.13   ? 71  VAL A O   1 
ATOM   558  C  CB  . VAL A 1 71  ? 3.222   -5.226  6.329   1.00 11.88  ? 71  VAL A CB  1 
ATOM   559  C  CG1 . VAL A 1 71  ? 1.979   -6.130  6.436   1.00 1.00   ? 71  VAL A CG1 1 
ATOM   560  C  CG2 . VAL A 1 71  ? 3.742   -5.183  4.893   1.00 1.00   ? 71  VAL A CG2 1 
ATOM   561  N  N   . ASP A 1 72  ? 3.057   -3.769  9.138   1.00 7.26   ? 72  ASP A N   1 
ATOM   562  C  CA  . ASP A 1 72  ? 2.509   -3.769  10.440  1.00 5.15   ? 72  ASP A CA  1 
ATOM   563  C  C   . ASP A 1 72  ? 1.584   -2.611  10.695  1.00 5.04   ? 72  ASP A C   1 
ATOM   564  O  O   . ASP A 1 72  ? 0.375   -2.785  11.010  1.00 22.91  ? 72  ASP A O   1 
ATOM   565  C  CB  . ASP A 1 72  ? 3.603   -3.978  11.462  1.00 10.93  ? 72  ASP A CB  1 
ATOM   566  C  CG  . ASP A 1 72  ? 3.091   -4.732  12.599  1.00 51.17  ? 72  ASP A CG  1 
ATOM   567  O  OD1 . ASP A 1 72  ? 2.836   -5.916  12.544  1.00 85.01  ? 72  ASP A OD1 1 
ATOM   568  O  OD2 . ASP A 1 72  ? 2.884   -3.944  13.601  1.00 19.30  ? 72  ASP A OD2 1 
ATOM   569  N  N   . ALA A 1 73  ? 2.175   -1.447  10.487  1.00 11.63  ? 73  ALA A N   1 
ATOM   570  C  CA  . ALA A 1 73  ? 1.519   -0.143  10.608  1.00 14.93  ? 73  ALA A CA  1 
ATOM   571  C  C   . ALA A 1 73  ? 0.206   -0.075  9.827   1.00 31.69  ? 73  ALA A C   1 
ATOM   572  O  O   . ALA A 1 73  ? -0.786  0.503   10.303  1.00 38.22  ? 73  ALA A O   1 
ATOM   573  C  CB  . ALA A 1 73  ? 2.447   1.006   10.171  1.00 9.96   ? 73  ALA A CB  1 
ATOM   574  N  N   . ALA A 1 74  ? 0.210   -0.671  8.624   1.00 26.22  ? 74  ALA A N   1 
ATOM   575  C  CA  . ALA A 1 74  ? -0.966  -0.689  7.736   1.00 23.93  ? 74  ALA A CA  1 
ATOM   576  C  C   . ALA A 1 74  ? -2.128  -1.375  8.375   1.00 22.24  ? 74  ALA A C   1 
ATOM   577  O  O   . ALA A 1 74  ? -3.229  -0.813  8.535   1.00 15.50  ? 74  ALA A O   1 
ATOM   578  C  CB  . ALA A 1 74  ? -0.704  -1.316  6.363   1.00 22.19  ? 74  ALA A CB  1 
ATOM   579  N  N   . VAL A 1 75  ? -1.825  -2.590  8.791   1.00 20.78  ? 75  VAL A N   1 
ATOM   580  C  CA  . VAL A 1 75  ? -2.830  -3.326  9.429   1.00 20.15  ? 75  VAL A CA  1 
ATOM   581  C  C   . VAL A 1 75  ? -3.285  -2.622  10.660  1.00 10.56  ? 75  VAL A C   1 
ATOM   582  O  O   . VAL A 1 75  ? -4.520  -2.480  10.909  1.00 23.74  ? 75  VAL A O   1 
ATOM   583  C  CB  . VAL A 1 75  ? -2.342  -4.652  9.831   1.00 22.36  ? 75  VAL A CB  1 
ATOM   584  C  CG1 . VAL A 1 75  ? -3.577  -5.472  10.186  1.00 18.25  ? 75  VAL A CG1 1 
ATOM   585  C  CG2 . VAL A 1 75  ? -1.569  -5.267  8.694   1.00 23.71  ? 75  VAL A CG2 1 
ATOM   586  N  N   . ARG A 1 76  ? -2.304  -2.172  11.430  1.00 6.26   ? 76  ARG A N   1 
ATOM   587  C  CA  . ARG A 1 76  ? -2.760  -1.486  12.642  1.00 12.31  ? 76  ARG A CA  1 
ATOM   588  C  C   . ARG A 1 76  ? -3.647  -0.281  12.313  1.00 11.19  ? 76  ARG A C   1 
ATOM   589  O  O   . ARG A 1 76  ? -4.733  -0.098  12.860  1.00 19.87  ? 76  ARG A O   1 
ATOM   590  C  CB  . ARG A 1 76  ? -1.716  -1.279  13.722  1.00 10.93  ? 76  ARG A CB  1 
ATOM   591  C  CG  . ARG A 1 76  ? -1.419  -2.535  14.576  1.00 43.92  ? 76  ARG A CG  1 
ATOM   592  C  CD  . ARG A 1 76  ? -0.143  -2.439  15.455  1.00 90.68  ? 76  ARG A CD  1 
ATOM   593  N  NE  . ARG A 1 76  ? 1.138   -2.463  14.717  1.00 94.92  ? 76  ARG A NE  1 
ATOM   594  C  CZ  . ARG A 1 76  ? 2.097   -1.503  14.691  1.00 100.00 ? 76  ARG A CZ  1 
ATOM   595  N  NH1 . ARG A 1 76  ? 2.017   -0.355  15.370  1.00 100.00 ? 76  ARG A NH1 1 
ATOM   596  N  NH2 . ARG A 1 76  ? 3.196   -1.703  13.948  1.00 52.90  ? 76  ARG A NH2 1 
ATOM   597  N  N   . GLY A 1 77  ? -3.266  0.460   11.289  1.00 8.99   ? 77  GLY A N   1 
ATOM   598  C  CA  . GLY A 1 77  ? -4.045  1.609   10.797  1.00 10.99  ? 77  GLY A CA  1 
ATOM   599  C  C   . GLY A 1 77  ? -5.488  1.240   10.441  1.00 18.18  ? 77  GLY A C   1 
ATOM   600  O  O   . GLY A 1 77  ? -6.454  1.976   10.706  1.00 27.96  ? 77  GLY A O   1 
ATOM   601  N  N   . ILE A 1 78  ? -5.608  0.066   9.845   1.00 11.42  ? 78  ILE A N   1 
ATOM   602  C  CA  . ILE A 1 78  ? -6.885  -0.464  9.496   1.00 19.85  ? 78  ILE A CA  1 
ATOM   603  C  C   . ILE A 1 78  ? -7.659  -0.750  10.735  1.00 22.42  ? 78  ILE A C   1 
ATOM   604  O  O   . ILE A 1 78  ? -8.799  -0.308  10.806  1.00 23.35  ? 78  ILE A O   1 
ATOM   605  C  CB  . ILE A 1 78  ? -6.863  -1.752  8.650   1.00 15.70  ? 78  ILE A CB  1 
ATOM   606  C  CG1 . ILE A 1 78  ? -6.491  -1.312  7.248   1.00 5.54   ? 78  ILE A CG1 1 
ATOM   607  C  CG2 . ILE A 1 78  ? -8.291  -2.389  8.606   1.00 4.48   ? 78  ILE A CG2 1 
ATOM   608  C  CD1 . ILE A 1 78  ? -6.262  -2.438  6.257   1.00 10.06  ? 78  ILE A CD1 1 
ATOM   609  N  N   . LEU A 1 79  ? -7.068  -1.569  11.625  1.00 19.38  ? 79  LEU A N   1 
ATOM   610  C  CA  . LEU A 1 79  ? -7.785  -2.004  12.821  1.00 14.67  ? 79  LEU A CA  1 
ATOM   611  C  C   . LEU A 1 79  ? -8.202  -0.856  13.710  1.00 25.81  ? 79  LEU A C   1 
ATOM   612  O  O   . LEU A 1 79  ? -9.101  -0.967  14.528  1.00 23.48  ? 79  LEU A O   1 
ATOM   613  C  CB  . LEU A 1 79  ? -7.125  -3.182  13.603  1.00 13.38  ? 79  LEU A CB  1 
ATOM   614  C  CG  . LEU A 1 79  ? -6.847  -4.383  12.665  1.00 23.75  ? 79  LEU A CG  1 
ATOM   615  C  CD1 . LEU A 1 79  ? -5.929  -5.391  13.308  1.00 18.81  ? 79  LEU A CD1 1 
ATOM   616  C  CD2 . LEU A 1 79  ? -8.120  -5.097  12.273  1.00 34.51  ? 79  LEU A CD2 1 
ATOM   617  N  N   . ARG A 1 80  ? -7.535  0.266   13.534  1.00 35.29  ? 80  ARG A N   1 
ATOM   618  C  CA  . ARG A 1 80  ? -7.808  1.444   14.335  1.00 43.22  ? 80  ARG A CA  1 
ATOM   619  C  C   . ARG A 1 80  ? -8.771  2.421   13.697  1.00 40.57  ? 80  ARG A C   1 
ATOM   620  O  O   . ARG A 1 80  ? -9.069  3.460   14.259  1.00 47.42  ? 80  ARG A O   1 
ATOM   621  C  CB  . ARG A 1 80  ? -6.536  2.168   14.818  1.00 56.38  ? 80  ARG A CB  1 
ATOM   622  C  CG  . ARG A 1 80  ? -5.518  1.254   15.521  1.00 100.00 ? 80  ARG A CG  1 
ATOM   623  C  CD  . ARG A 1 80  ? -4.683  1.945   16.611  1.00 100.00 ? 80  ARG A CD  1 
ATOM   624  N  NE  . ARG A 1 80  ? -3.251  2.097   16.301  1.00 100.00 ? 80  ARG A NE  1 
ATOM   625  C  CZ  . ARG A 1 80  ? -2.778  2.842   15.290  1.00 100.00 ? 80  ARG A CZ  1 
ATOM   626  N  NH1 . ARG A 1 80  ? -3.590  3.519   14.465  1.00 100.00 ? 80  ARG A NH1 1 
ATOM   627  N  NH2 . ARG A 1 80  ? -1.457  2.920   15.105  1.00 100.00 ? 80  ARG A NH2 1 
ATOM   628  N  N   . ASN A 1 81  ? -9.246  2.144   12.511  1.00 20.36  ? 81  ASN A N   1 
ATOM   629  C  CA  . ASN A 1 81  ? -10.187 3.087   11.949  1.00 16.66  ? 81  ASN A CA  1 
ATOM   630  C  C   . ASN A 1 81  ? -11.570 2.490   12.086  1.00 36.90  ? 81  ASN A C   1 
ATOM   631  O  O   . ASN A 1 81  ? -11.771 1.342   11.690  1.00 36.08  ? 81  ASN A O   1 
ATOM   632  C  CB  . ASN A 1 81  ? -9.834  3.411   10.505  1.00 4.71   ? 81  ASN A CB  1 
ATOM   633  C  CG  . ASN A 1 81  ? -10.619 4.499   9.842   1.00 35.49  ? 81  ASN A CG  1 
ATOM   634  O  OD1 . ASN A 1 81  ? -11.871 4.483   9.842   1.00 22.71  ? 81  ASN A OD1 1 
ATOM   635  N  ND2 . ASN A 1 81  ? -9.869  5.453   9.272   1.00 21.42  ? 81  ASN A ND2 1 
ATOM   636  N  N   . ALA A 1 82  ? -12.505 3.253   12.672  1.00 35.34  ? 82  ALA A N   1 
ATOM   637  C  CA  . ALA A 1 82  ? -13.880 2.793   12.867  1.00 34.99  ? 82  ALA A CA  1 
ATOM   638  C  C   . ALA A 1 82  ? -14.672 2.549   11.578  1.00 32.14  ? 82  ALA A C   1 
ATOM   639  O  O   . ALA A 1 82  ? -15.637 1.799   11.543  1.00 30.89  ? 82  ALA A O   1 
ATOM   640  C  CB  . ALA A 1 82  ? -14.653 3.656   13.831  1.00 32.72  ? 82  ALA A CB  1 
ATOM   641  N  N   . LYS A 1 83  ? -14.259 3.172   10.499  1.00 23.07  ? 83  LYS A N   1 
ATOM   642  C  CA  . LYS A 1 83  ? -14.934 2.932   9.260   1.00 36.61  ? 83  LYS A CA  1 
ATOM   643  C  C   . LYS A 1 83  ? -14.353 1.675   8.556   1.00 38.35  ? 83  LYS A C   1 
ATOM   644  O  O   . LYS A 1 83  ? -15.068 0.856   7.965   1.00 21.29  ? 83  LYS A O   1 
ATOM   645  C  CB  . LYS A 1 83  ? -14.894 4.198   8.385   1.00 48.28  ? 83  LYS A CB  1 
ATOM   646  C  CG  . LYS A 1 83  ? -16.248 4.906   8.255   1.00 100.00 ? 83  LYS A CG  1 
ATOM   647  C  CD  . LYS A 1 83  ? -16.577 5.915   9.350   1.00 100.00 ? 83  LYS A CD  1 
ATOM   648  C  CE  . LYS A 1 83  ? -18.074 6.190   9.438   1.00 100.00 ? 83  LYS A CE  1 
ATOM   649  N  NZ  . LYS A 1 83  ? -18.894 5.341   8.536   1.00 100.00 ? 83  LYS A NZ  1 
ATOM   650  N  N   . LEU A 1 84  ? -13.030 1.511   8.659   1.00 18.72  ? 84  LEU A N   1 
ATOM   651  C  CA  . LEU A 1 84  ? -12.365 0.401   8.026   1.00 19.79  ? 84  LEU A CA  1 
ATOM   652  C  C   . LEU A 1 84  ? -12.558 -0.936  8.722   1.00 18.27  ? 84  LEU A C   1 
ATOM   653  O  O   . LEU A 1 84  ? -12.757 -1.989  8.119   1.00 26.29  ? 84  LEU A O   1 
ATOM   654  C  CB  . LEU A 1 84  ? -10.853 0.713   7.917   1.00 15.17  ? 84  LEU A CB  1 
ATOM   655  C  CG  . LEU A 1 84  ? -10.521 1.948   7.105   1.00 22.33  ? 84  LEU A CG  1 
ATOM   656  C  CD1 . LEU A 1 84  ? -9.027  1.999   6.839   1.00 12.54  ? 84  LEU A CD1 1 
ATOM   657  C  CD2 . LEU A 1 84  ? -11.275 1.898   5.786   1.00 16.52  ? 84  LEU A CD2 1 
ATOM   658  N  N   . LYS A 1 85  ? -12.424 -0.877  10.008  1.00 9.66   ? 85  LYS A N   1 
ATOM   659  C  CA  . LYS A 1 85  ? -12.424 -2.063  10.833  1.00 8.06   ? 85  LYS A CA  1 
ATOM   660  C  C   . LYS A 1 85  ? -13.464 -3.094  10.520  1.00 13.62  ? 85  LYS A C   1 
ATOM   661  O  O   . LYS A 1 85  ? -13.172 -4.252  10.301  1.00 10.33  ? 85  LYS A O   1 
ATOM   662  C  CB  . LYS A 1 85  ? -12.328 -1.811  12.310  1.00 4.04   ? 85  LYS A CB  1 
ATOM   663  C  CG  . LYS A 1 85  ? -11.754 -3.031  13.016  1.00 17.93  ? 85  LYS A CG  1 
ATOM   664  C  CD  . LYS A 1 85  ? -12.181 -3.213  14.458  1.00 21.69  ? 85  LYS A CD  1 
ATOM   665  C  CE  . LYS A 1 85  ? -11.742 -4.567  15.004  1.00 29.85  ? 85  LYS A CE  1 
ATOM   666  N  NZ  . LYS A 1 85  ? -12.812 -5.340  15.664  1.00 92.79  ? 85  LYS A NZ  1 
ATOM   667  N  N   . PRO A 1 86  ? -14.677 -2.633  10.512  1.00 25.54  ? 86  PRO A N   1 
ATOM   668  C  CA  . PRO A 1 86  ? -15.778 -3.501  10.219  1.00 31.14  ? 86  PRO A CA  1 
ATOM   669  C  C   . PRO A 1 86  ? -15.735 -4.046  8.773   1.00 17.24  ? 86  PRO A C   1 
ATOM   670  O  O   . PRO A 1 86  ? -16.226 -5.096  8.458   1.00 12.01  ? 86  PRO A O   1 
ATOM   671  C  CB  . PRO A 1 86  ? -17.027 -2.639  10.462  1.00 36.16  ? 86  PRO A CB  1 
ATOM   672  C  CG  . PRO A 1 86  ? -16.582 -1.185  10.583  1.00 41.50  ? 86  PRO A CG  1 
ATOM   673  C  CD  . PRO A 1 86  ? -15.068 -1.206  10.675  1.00 30.17  ? 86  PRO A CD  1 
ATOM   674  N  N   . VAL A 1 87  ? -15.148 -3.348  7.846   1.00 22.63  ? 87  VAL A N   1 
ATOM   675  C  CA  . VAL A 1 87  ? -15.159 -3.923  6.530   1.00 18.73  ? 87  VAL A CA  1 
ATOM   676  C  C   . VAL A 1 87  ? -14.113 -4.993  6.380   1.00 1.58   ? 87  VAL A C   1 
ATOM   677  O  O   . VAL A 1 87  ? -14.272 -6.057  5.823   1.00 12.79  ? 87  VAL A O   1 
ATOM   678  C  CB  . VAL A 1 87  ? -14.992 -2.803  5.535   1.00 19.43  ? 87  VAL A CB  1 
ATOM   679  C  CG1 . VAL A 1 87  ? -15.199 -3.297  4.096   1.00 1.10   ? 87  VAL A CG1 1 
ATOM   680  C  CG2 . VAL A 1 87  ? -15.991 -1.677  5.900   1.00 22.17  ? 87  VAL A CG2 1 
ATOM   681  N  N   . TYR A 1 88  ? -13.041 -4.696  6.978   1.00 13.02  ? 88  TYR A N   1 
ATOM   682  C  CA  . TYR A 1 88  ? -11.940 -5.571  6.932   1.00 5.98   ? 88  TYR A CA  1 
ATOM   683  C  C   . TYR A 1 88  ? -12.236 -6.881  7.605   1.00 9.89   ? 88  TYR A C   1 
ATOM   684  O  O   . TYR A 1 88  ? -11.980 -8.003  7.097   1.00 10.94  ? 88  TYR A O   1 
ATOM   685  C  CB  . TYR A 1 88  ? -10.819 -4.751  7.542   1.00 9.17   ? 88  TYR A CB  1 
ATOM   686  C  CG  . TYR A 1 88  ? -9.580  -5.572  7.649   1.00 23.02  ? 88  TYR A CG  1 
ATOM   687  C  CD1 . TYR A 1 88  ? -8.652  -5.488  6.618   1.00 17.65  ? 88  TYR A CD1 1 
ATOM   688  C  CD2 . TYR A 1 88  ? -9.383  -6.443  8.725   1.00 15.68  ? 88  TYR A CD2 1 
ATOM   689  C  CE1 . TYR A 1 88  ? -7.497  -6.264  6.695   1.00 18.25  ? 88  TYR A CE1 1 
ATOM   690  C  CE2 . TYR A 1 88  ? -8.244  -7.236  8.799   1.00 17.59  ? 88  TYR A CE2 1 
ATOM   691  C  CZ  . TYR A 1 88  ? -7.302  -7.114  7.782   1.00 16.85  ? 88  TYR A CZ  1 
ATOM   692  O  OH  . TYR A 1 88  ? -6.196  -7.860  7.853   1.00 28.34  ? 88  TYR A OH  1 
ATOM   693  N  N   . ASP A 1 89  ? -12.853 -6.779  8.743   1.00 9.78   ? 89  ASP A N   1 
ATOM   694  C  CA  . ASP A 1 89  ? -13.223 -8.011  9.413   1.00 1.00   ? 89  ASP A CA  1 
ATOM   695  C  C   . ASP A 1 89  ? -14.285 -8.766  8.668   1.00 18.31  ? 89  ASP A C   1 
ATOM   696  O  O   . ASP A 1 89  ? -14.402 -9.937  8.874   1.00 18.86  ? 89  ASP A O   1 
ATOM   697  C  CB  . ASP A 1 89  ? -13.854 -7.623  10.690  1.00 11.03  ? 89  ASP A CB  1 
ATOM   698  C  CG  . ASP A 1 89  ? -12.812 -7.325  11.689  1.00 27.83  ? 89  ASP A CG  1 
ATOM   699  O  OD1 . ASP A 1 89  ? -11.644 -7.600  11.569  1.00 35.10  ? 89  ASP A OD1 1 
ATOM   700  O  OD2 . ASP A 1 89  ? -13.329 -6.655  12.657  1.00 18.57  ? 89  ASP A OD2 1 
ATOM   701  N  N   . SER A 1 90  ? -15.083 -8.141  7.808   1.00 11.63  ? 90  SER A N   1 
ATOM   702  C  CA  . SER A 1 90  ? -16.033 -8.955  7.085   1.00 1.24   ? 90  SER A CA  1 
ATOM   703  C  C   . SER A 1 90  ? -15.387 -9.720  5.962   1.00 10.75  ? 90  SER A C   1 
ATOM   704  O  O   . SER A 1 90  ? -15.991 -10.649 5.393   1.00 6.91   ? 90  SER A O   1 
ATOM   705  C  CB  . SER A 1 90  ? -17.177 -8.197  6.433   1.00 1.00   ? 90  SER A CB  1 
ATOM   706  O  OG  . SER A 1 90  ? -16.754 -7.129  5.597   1.00 12.61  ? 90  SER A OG  1 
ATOM   707  N  N   . LEU A 1 91  ? -14.196 -9.323  5.563   1.00 14.38  ? 91  LEU A N   1 
ATOM   708  C  CA  . LEU A 1 91  ? -13.645 -10.017 4.415   1.00 10.40  ? 91  LEU A CA  1 
ATOM   709  C  C   . LEU A 1 91  ? -12.931 -11.290 4.722   1.00 14.92  ? 91  LEU A C   1 
ATOM   710  O  O   . LEU A 1 91  ? -12.516 -11.501 5.868   1.00 15.42  ? 91  LEU A O   1 
ATOM   711  C  CB  . LEU A 1 91  ? -12.634 -9.139  3.745   1.00 10.48  ? 91  LEU A CB  1 
ATOM   712  C  CG  . LEU A 1 91  ? -13.117 -7.751  3.426   1.00 23.25  ? 91  LEU A CG  1 
ATOM   713  C  CD1 . LEU A 1 91  ? -11.940 -6.757  3.333   1.00 11.82  ? 91  LEU A CD1 1 
ATOM   714  C  CD2 . LEU A 1 91  ? -13.873 -7.812  2.117   1.00 10.13  ? 91  LEU A CD2 1 
ATOM   715  N  N   . ASP A 1 92  ? -12.730 -12.075 3.657   1.00 11.41  ? 92  ASP A N   1 
ATOM   716  C  CA  . ASP A 1 92  ? -11.961 -13.332 3.728   1.00 4.68   ? 92  ASP A CA  1 
ATOM   717  C  C   . ASP A 1 92  ? -10.497 -12.966 3.607   1.00 17.03  ? 92  ASP A C   1 
ATOM   718  O  O   . ASP A 1 92  ? -10.073 -11.834 3.321   1.00 19.42  ? 92  ASP A O   1 
ATOM   719  C  CB  . ASP A 1 92  ? -12.210 -14.279 2.560   1.00 3.84   ? 92  ASP A CB  1 
ATOM   720  C  CG  . ASP A 1 92  ? -11.968 -13.569 1.244   1.00 16.94  ? 92  ASP A CG  1 
ATOM   721  O  OD1 . ASP A 1 92  ? -10.959 -13.641 0.563   1.00 8.81   ? 92  ASP A OD1 1 
ATOM   722  O  OD2 . ASP A 1 92  ? -12.994 -12.861 0.899   1.00 11.34  ? 92  ASP A OD2 1 
ATOM   723  N  N   . ALA A 1 93  ? -9.667  -13.955 3.809   1.00 14.18  ? 93  ALA A N   1 
ATOM   724  C  CA  . ALA A 1 93  ? -8.252  -13.676 3.762   1.00 19.55  ? 93  ALA A CA  1 
ATOM   725  C  C   . ALA A 1 93  ? -7.607  -13.093 2.496   1.00 23.63  ? 93  ALA A C   1 
ATOM   726  O  O   . ALA A 1 93  ? -6.723  -12.254 2.601   1.00 20.08  ? 93  ALA A O   1 
ATOM   727  C  CB  . ALA A 1 93  ? -7.427  -14.662 4.575   1.00 22.72  ? 93  ALA A CB  1 
ATOM   728  N  N   . VAL A 1 94  ? -8.044  -13.473 1.290   1.00 15.26  ? 94  VAL A N   1 
ATOM   729  C  CA  . VAL A 1 94  ? -7.353  -12.936 0.166   1.00 3.88   ? 94  VAL A CA  1 
ATOM   730  C  C   . VAL A 1 94  ? -7.694  -11.518 0.055   1.00 2.74   ? 94  VAL A C   1 
ATOM   731  O  O   . VAL A 1 94  ? -6.862  -10.633 0.020   1.00 8.68   ? 94  VAL A O   1 
ATOM   732  C  CB  . VAL A 1 94  ? -7.740  -13.733 -1.063  1.00 12.90  ? 94  VAL A CB  1 
ATOM   733  C  CG1 . VAL A 1 94  ? -6.885  -13.297 -2.232  1.00 5.96   ? 94  VAL A CG1 1 
ATOM   734  C  CG2 . VAL A 1 94  ? -7.440  -15.204 -0.735  1.00 4.88   ? 94  VAL A CG2 1 
ATOM   735  N  N   . ARG A 1 95  ? -9.001  -11.309 0.036   1.00 13.00  ? 95  ARG A N   1 
ATOM   736  C  CA  . ARG A 1 95  ? -9.480  -9.979  -0.037  1.00 6.00   ? 95  ARG A CA  1 
ATOM   737  C  C   . ARG A 1 95  ? -8.905  -9.103  1.115   1.00 12.19  ? 95  ARG A C   1 
ATOM   738  O  O   . ARG A 1 95  ? -8.820  -7.869  1.058   1.00 6.35   ? 95  ARG A O   1 
ATOM   739  C  CB  . ARG A 1 95  ? -10.983 -10.025 -0.043  1.00 8.85   ? 95  ARG A CB  1 
ATOM   740  C  CG  . ARG A 1 95  ? -11.553 -10.704 -1.265  1.00 20.00  ? 95  ARG A CG  1 
ATOM   741  C  CD  . ARG A 1 95  ? -12.928 -10.127 -1.475  1.00 1.00   ? 95  ARG A CD  1 
ATOM   742  N  NE  . ARG A 1 95  ? -13.670 -10.717 -2.538  1.00 9.47   ? 95  ARG A NE  1 
ATOM   743  C  CZ  . ARG A 1 95  ? -14.014 -11.982 -2.582  1.00 55.26  ? 95  ARG A CZ  1 
ATOM   744  N  NH1 . ARG A 1 95  ? -13.668 -12.882 -1.631  1.00 8.04   ? 95  ARG A NH1 1 
ATOM   745  N  NH2 . ARG A 1 95  ? -14.734 -12.323 -3.634  1.00 5.34   ? 95  ARG A NH2 1 
ATOM   746  N  N   . ARG A 1 96  ? -8.461  -9.698  2.198   1.00 10.16  ? 96  ARG A N   1 
ATOM   747  C  CA  . ARG A 1 96  ? -7.947  -8.789  3.215   1.00 3.98   ? 96  ARG A CA  1 
ATOM   748  C  C   . ARG A 1 96  ? -6.592  -8.300  2.820   1.00 21.98  ? 96  ARG A C   1 
ATOM   749  O  O   . ARG A 1 96  ? -6.143  -7.291  3.357   1.00 12.60  ? 96  ARG A O   1 
ATOM   750  C  CB  . ARG A 1 96  ? -7.780  -9.417  4.566   1.00 3.75   ? 96  ARG A CB  1 
ATOM   751  C  CG  . ARG A 1 96  ? -9.070  -9.549  5.306   1.00 14.68  ? 96  ARG A CG  1 
ATOM   752  C  CD  . ARG A 1 96  ? -8.912  -10.190 6.677   1.00 7.25   ? 96  ARG A CD  1 
ATOM   753  N  NE  . ARG A 1 96  ? -10.240 -10.373 7.235   1.00 31.32  ? 96  ARG A NE  1 
ATOM   754  C  CZ  . ARG A 1 96  ? -10.537 -11.039 8.315   1.00 25.91  ? 96  ARG A CZ  1 
ATOM   755  N  NH1 . ARG A 1 96  ? -9.605  -11.632 9.028   1.00 34.24  ? 96  ARG A NH1 1 
ATOM   756  N  NH2 . ARG A 1 96  ? -11.818 -11.123 8.676   1.00 33.96  ? 96  ARG A NH2 1 
ATOM   757  N  N   . CYS A 1 97  ? -5.948  -9.038  1.919   1.00 2.57   ? 97  CYS A N   1 
ATOM   758  C  CA  . CYS A 1 97  ? -4.650  -8.676  1.458   1.00 4.65   ? 97  CYS A CA  1 
ATOM   759  C  C   . CYS A 1 97  ? -4.765  -7.474  0.570   1.00 10.26  ? 97  CYS A C   1 
ATOM   760  O  O   . CYS A 1 97  ? -3.908  -6.608  0.491   1.00 17.19  ? 97  CYS A O   1 
ATOM   761  C  CB  . CYS A 1 97  ? -4.089  -9.863  0.698   1.00 12.17  ? 97  CYS A CB  1 
ATOM   762  S  SG  . CYS A 1 97  ? -3.252  -10.930 1.897   1.00 17.80  ? 97  CYS A SG  1 
ATOM   763  N  N   . ALA A 1 98  ? -5.881  -7.429  -0.093  1.00 2.63   ? 98  ALA A N   1 
ATOM   764  C  CA  . ALA A 1 98  ? -6.085  -6.367  -1.029  1.00 9.91   ? 98  ALA A CA  1 
ATOM   765  C  C   . ALA A 1 98  ? -6.330  -5.078  -0.267  1.00 24.90  ? 98  ALA A C   1 
ATOM   766  O  O   . ALA A 1 98  ? -5.957  -4.027  -0.736  1.00 19.03  ? 98  ALA A O   1 
ATOM   767  C  CB  . ALA A 1 98  ? -7.266  -6.650  -1.981  1.00 7.69   ? 98  ALA A CB  1 
ATOM   768  N  N   . ALA A 1 99  ? -7.037  -5.147  0.854   1.00 9.24   ? 99  ALA A N   1 
ATOM   769  C  CA  . ALA A 1 99  ? -7.295  -3.986  1.690   1.00 8.07   ? 99  ALA A CA  1 
ATOM   770  C  C   . ALA A 1 99  ? -5.973  -3.424  2.217   1.00 13.60  ? 99  ALA A C   1 
ATOM   771  O  O   . ALA A 1 99  ? -5.668  -2.249  2.151   1.00 14.14  ? 99  ALA A O   1 
ATOM   772  C  CB  . ALA A 1 99  ? -8.260  -4.260  2.869   1.00 3.12   ? 99  ALA A CB  1 
ATOM   773  N  N   . ILE A 1 100 ? -5.136  -4.268  2.749   1.00 2.83   ? 100 ILE A N   1 
ATOM   774  C  CA  . ILE A 1 100 ? -3.861  -3.820  3.212   1.00 14.02  ? 100 ILE A CA  1 
ATOM   775  C  C   . ILE A 1 100 ? -3.014  -3.195  2.098   1.00 17.39  ? 100 ILE A C   1 
ATOM   776  O  O   . ILE A 1 100 ? -2.280  -2.250  2.329   1.00 7.69   ? 100 ILE A O   1 
ATOM   777  C  CB  . ILE A 1 100 ? -3.150  -5.025  3.798   1.00 13.71  ? 100 ILE A CB  1 
ATOM   778  C  CG1 . ILE A 1 100 ? -4.006  -5.553  4.948   1.00 7.40   ? 100 ILE A CG1 1 
ATOM   779  C  CG2 . ILE A 1 100 ? -1.763  -4.678  4.283   1.00 1.00   ? 100 ILE A CG2 1 
ATOM   780  C  CD1 . ILE A 1 100 ? -3.557  -6.900  5.459   1.00 1.00   ? 100 ILE A CD1 1 
ATOM   781  N  N   . ASN A 1 101 ? -3.127  -3.725  0.881   1.00 7.89   ? 101 ASN A N   1 
ATOM   782  C  CA  . ASN A 1 101 ? -2.350  -3.202  -0.204  1.00 11.98  ? 101 ASN A CA  1 
ATOM   783  C  C   . ASN A 1 101 ? -2.669  -1.745  -0.439  1.00 7.17   ? 101 ASN A C   1 
ATOM   784  O  O   . ASN A 1 101 ? -1.807  -0.901  -0.559  1.00 6.57   ? 101 ASN A O   1 
ATOM   785  C  CB  . ASN A 1 101 ? -2.568  -4.014  -1.515  1.00 24.24  ? 101 ASN A CB  1 
ATOM   786  C  CG  . ASN A 1 101 ? -1.495  -3.732  -2.565  1.00 14.51  ? 101 ASN A CG  1 
ATOM   787  O  OD1 . ASN A 1 101 ? -1.141  -2.557  -2.740  1.00 25.76  ? 101 ASN A OD1 1 
ATOM   788  N  ND2 . ASN A 1 101 ? -0.910  -4.779  -3.202  1.00 2.72   ? 101 ASN A ND2 1 
ATOM   789  N  N   . GLN A 1 102 ? -3.937  -1.518  -0.604  1.00 7.40   ? 102 GLN A N   1 
ATOM   790  C  CA  . GLN A 1 102 ? -4.437  -0.179  -0.848  1.00 20.04  ? 102 GLN A CA  1 
ATOM   791  C  C   . GLN A 1 102 ? -3.970  0.783   0.218   1.00 7.20   ? 102 GLN A C   1 
ATOM   792  O  O   . GLN A 1 102 ? -3.503  1.902   0.003   1.00 10.61  ? 102 GLN A O   1 
ATOM   793  C  CB  . GLN A 1 102 ? -5.961  -0.236  -0.748  1.00 14.32  ? 102 GLN A CB  1 
ATOM   794  C  CG  . GLN A 1 102 ? -6.666  0.090   -2.044  1.00 14.96  ? 102 GLN A CG  1 
ATOM   795  C  CD  . GLN A 1 102 ? -8.140  0.377   -1.907  1.00 6.35   ? 102 GLN A CD  1 
ATOM   796  O  OE1 . GLN A 1 102 ? -8.895  -0.204  -1.079  1.00 21.79  ? 102 GLN A OE1 1 
ATOM   797  N  NE2 . GLN A 1 102 ? -8.541  1.349   -2.706  1.00 18.53  ? 102 GLN A NE2 1 
ATOM   798  N  N   . VAL A 1 103 ? -4.156  0.321   1.423   1.00 12.37  ? 103 VAL A N   1 
ATOM   799  C  CA  . VAL A 1 103 ? -3.842  1.106   2.556   1.00 19.79  ? 103 VAL A CA  1 
ATOM   800  C  C   . VAL A 1 103 ? -2.377  1.428   2.521   1.00 16.29  ? 103 VAL A C   1 
ATOM   801  O  O   . VAL A 1 103 ? -1.999  2.580   2.719   1.00 38.22  ? 103 VAL A O   1 
ATOM   802  C  CB  . VAL A 1 103 ? -4.396  0.487   3.858   1.00 21.13  ? 103 VAL A CB  1 
ATOM   803  C  CG1 . VAL A 1 103 ? -4.155  1.402   5.054   1.00 12.51  ? 103 VAL A CG1 1 
ATOM   804  C  CG2 . VAL A 1 103 ? -5.900  0.380   3.682   1.00 18.79  ? 103 VAL A CG2 1 
ATOM   805  N  N   . PHE A 1 104 ? -1.565  0.421   2.221   1.00 10.90  ? 104 PHE A N   1 
ATOM   806  C  CA  . PHE A 1 104 ? -0.112  0.580   2.183   1.00 13.28  ? 104 PHE A CA  1 
ATOM   807  C  C   . PHE A 1 104 ? 0.247   1.638   1.174   1.00 23.47  ? 104 PHE A C   1 
ATOM   808  O  O   . PHE A 1 104 ? 1.152   2.432   1.344   1.00 43.40  ? 104 PHE A O   1 
ATOM   809  C  CB  . PHE A 1 104 ? 0.518   -0.713  1.720   1.00 11.50  ? 104 PHE A CB  1 
ATOM   810  C  CG  . PHE A 1 104 ? 2.032   -0.718  1.864   1.00 13.25  ? 104 PHE A CG  1 
ATOM   811  C  CD1 . PHE A 1 104 ? 2.699   -1.284  2.944   1.00 11.59  ? 104 PHE A CD1 1 
ATOM   812  C  CD2 . PHE A 1 104 ? 2.838   -0.182  0.874   1.00 1.00   ? 104 PHE A CD2 1 
ATOM   813  C  CE1 . PHE A 1 104 ? 4.097   -1.356  3.023   1.00 12.46  ? 104 PHE A CE1 1 
ATOM   814  C  CE2 . PHE A 1 104 ? 4.231   -0.271  0.912   1.00 10.08  ? 104 PHE A CE2 1 
ATOM   815  C  CZ  . PHE A 1 104 ? 4.881   -0.817  2.008   1.00 10.75  ? 104 PHE A CZ  1 
ATOM   816  N  N   . GLN A 1 105 ? -0.531  1.627   0.114   1.00 15.37  ? 105 GLN A N   1 
ATOM   817  C  CA  . GLN A 1 105 ? -0.282  2.510   -0.982  1.00 20.86  ? 105 GLN A CA  1 
ATOM   818  C  C   . GLN A 1 105 ? -0.829  3.877   -0.794  1.00 18.46  ? 105 GLN A C   1 
ATOM   819  O  O   . GLN A 1 105 ? -0.190  4.848   -1.153  1.00 15.61  ? 105 GLN A O   1 
ATOM   820  C  CB  . GLN A 1 105 ? -0.791  1.958   -2.317  1.00 12.27  ? 105 GLN A CB  1 
ATOM   821  C  CG  . GLN A 1 105 ? -0.398  2.856   -3.523  1.00 22.86  ? 105 GLN A CG  1 
ATOM   822  C  CD  . GLN A 1 105 ? -1.147  2.586   -4.850  1.00 9.21   ? 105 GLN A CD  1 
ATOM   823  O  OE1 . GLN A 1 105 ? -1.717  1.500   -5.122  1.00 28.24  ? 105 GLN A OE1 1 
ATOM   824  N  NE2 . GLN A 1 105 ? -1.026  3.525   -5.772  1.00 25.89  ? 105 GLN A NE2 1 
ATOM   825  N  N   . MET A 1 106 ? -2.026  3.963   -0.290  1.00 16.96  ? 106 MET A N   1 
ATOM   826  C  CA  . MET A 1 106 ? -2.603  5.269   -0.243  1.00 10.85  ? 106 MET A CA  1 
ATOM   827  C  C   . MET A 1 106 ? -2.908  5.943   1.100   1.00 24.76  ? 106 MET A C   1 
ATOM   828  O  O   . MET A 1 106 ? -3.423  7.073   1.144   1.00 37.08  ? 106 MET A O   1 
ATOM   829  C  CB  . MET A 1 106 ? -3.681  5.349   -1.344  1.00 14.41  ? 106 MET A CB  1 
ATOM   830  C  CG  . MET A 1 106 ? -5.108  5.004   -0.951  1.00 22.92  ? 106 MET A CG  1 
ATOM   831  S  SD  . MET A 1 106 ? -5.968  4.838   -2.515  1.00 33.34  ? 106 MET A SD  1 
ATOM   832  C  CE  . MET A 1 106 ? -7.632  4.329   -2.053  1.00 41.95  ? 106 MET A CE  1 
ATOM   833  N  N   . GLY A 1 107 ? -2.611  5.237   2.206   1.00 13.18  ? 107 GLY A N   1 
ATOM   834  C  CA  . GLY A 1 107 ? -2.886  5.777   3.535   1.00 22.00  ? 107 GLY A CA  1 
ATOM   835  C  C   . GLY A 1 107 ? -4.321  5.534   3.935   1.00 29.44  ? 107 GLY A C   1 
ATOM   836  O  O   . GLY A 1 107 ? -5.192  5.397   3.051   1.00 27.62  ? 107 GLY A O   1 
ATOM   837  N  N   . GLU A 1 108 ? -4.512  5.482   5.269   1.00 34.79  ? 108 GLU A N   1 
ATOM   838  C  CA  . GLU A 1 108 ? -5.789  5.232   5.965   1.00 31.95  ? 108 GLU A CA  1 
ATOM   839  C  C   . GLU A 1 108 ? -6.789  6.343   5.726   1.00 37.94  ? 108 GLU A C   1 
ATOM   840  O  O   . GLU A 1 108 ? -8.019  6.195   5.823   1.00 31.81  ? 108 GLU A O   1 
ATOM   841  C  CB  . GLU A 1 108 ? -5.628  4.662   7.419   1.00 25.64  ? 108 GLU A CB  1 
ATOM   842  C  CG  . GLU A 1 108 ? -6.436  5.316   8.546   1.00 48.42  ? 108 GLU A CG  1 
ATOM   843  C  CD  . GLU A 1 108 ? -5.642  5.415   9.811   1.00 94.84  ? 108 GLU A CD  1 
ATOM   844  O  OE1 . GLU A 1 108 ? -4.453  5.728   9.820   1.00 100.00 ? 108 GLU A OE1 1 
ATOM   845  O  OE2 . GLU A 1 108 ? -6.356  5.092   10.876  1.00 91.45  ? 108 GLU A OE2 1 
ATOM   846  N  N   . THR A 1 109 ? -6.150  7.422   5.300   1.00 42.62  ? 109 THR A N   1 
ATOM   847  C  CA  . THR A 1 109 ? -6.723  8.678   4.892   1.00 52.59  ? 109 THR A CA  1 
ATOM   848  C  C   . THR A 1 109 ? -7.391  8.503   3.525   1.00 68.61  ? 109 THR A C   1 
ATOM   849  O  O   . THR A 1 109 ? -8.629  8.538   3.435   1.00 67.39  ? 109 THR A O   1 
ATOM   850  C  CB  . THR A 1 109 ? -5.553  9.678   4.866   1.00 93.93  ? 109 THR A CB  1 
ATOM   851  O  OG1 . THR A 1 109 ? -4.380  9.019   4.388   1.00 100.00 ? 109 THR A OG1 1 
ATOM   852  C  CG2 . THR A 1 109 ? -5.299  10.080  6.312   1.00 98.77  ? 109 THR A CG2 1 
ATOM   853  N  N   . GLY A 1 110 ? -6.565  8.251   2.486   1.00 62.86  ? 110 GLY A N   1 
ATOM   854  C  CA  . GLY A 1 110 ? -7.048  8.007   1.135   1.00 56.94  ? 110 GLY A CA  1 
ATOM   855  C  C   . GLY A 1 110 ? -8.197  7.012   1.175   1.00 56.51  ? 110 GLY A C   1 
ATOM   856  O  O   . GLY A 1 110 ? -9.344  7.361   0.913   1.00 52.02  ? 110 GLY A O   1 
ATOM   857  N  N   . VAL A 1 111 ? -7.892  5.779   1.590   1.00 49.85  ? 111 VAL A N   1 
ATOM   858  C  CA  . VAL A 1 111 ? -8.884  4.722   1.670   1.00 43.47  ? 111 VAL A CA  1 
ATOM   859  C  C   . VAL A 1 111 ? -10.166 5.027   2.399   1.00 41.99  ? 111 VAL A C   1 
ATOM   860  O  O   . VAL A 1 111 ? -11.252 4.623   1.959   1.00 39.92  ? 111 VAL A O   1 
ATOM   861  C  CB  . VAL A 1 111 ? -8.297  3.437   2.158   1.00 50.48  ? 111 VAL A CB  1 
ATOM   862  C  CG1 . VAL A 1 111 ? -9.385  2.376   2.086   1.00 55.88  ? 111 VAL A CG1 1 
ATOM   863  C  CG2 . VAL A 1 111 ? -7.171  3.098   1.200   1.00 53.83  ? 111 VAL A CG2 1 
ATOM   864  N  N   . ALA A 1 112 ? -10.058 5.726   3.517   1.00 45.13  ? 112 ALA A N   1 
ATOM   865  C  CA  . ALA A 1 112 ? -11.261 6.072   4.263   1.00 51.07  ? 112 ALA A CA  1 
ATOM   866  C  C   . ALA A 1 112 ? -12.477 6.724   3.489   1.00 70.17  ? 112 ALA A C   1 
ATOM   867  O  O   . ALA A 1 112 ? -13.627 6.445   3.840   1.00 68.26  ? 112 ALA A O   1 
ATOM   868  C  CB  . ALA A 1 112 ? -11.005 6.527   5.705   1.00 43.91  ? 112 ALA A CB  1 
ATOM   869  N  N   . GLY A 1 113 ? -12.261 7.558   2.427   1.00 59.74  ? 113 GLY A N   1 
ATOM   870  C  CA  . GLY A 1 113 ? -13.361 8.222   1.672   1.00 56.82  ? 113 GLY A CA  1 
ATOM   871  C  C   . GLY A 1 113 ? -13.917 7.484   0.428   1.00 55.57  ? 113 GLY A C   1 
ATOM   872  O  O   . GLY A 1 113 ? -14.569 8.076   -0.455  1.00 63.15  ? 113 GLY A O   1 
ATOM   873  N  N   . PHE A 1 114 ? -13.617 6.186   0.375   1.00 30.63  ? 114 PHE A N   1 
ATOM   874  C  CA  . PHE A 1 114 ? -14.023 5.268   -0.654  1.00 22.40  ? 114 PHE A CA  1 
ATOM   875  C  C   . PHE A 1 114 ? -15.299 4.607   -0.144  1.00 31.47  ? 114 PHE A C   1 
ATOM   876  O  O   . PHE A 1 114 ? -15.666 3.460   -0.356  1.00 26.50  ? 114 PHE A O   1 
ATOM   877  C  CB  . PHE A 1 114 ? -12.904 4.259   -0.865  1.00 16.53  ? 114 PHE A CB  1 
ATOM   878  C  CG  . PHE A 1 114 ? -11.888 4.560   -1.959  1.00 31.77  ? 114 PHE A CG  1 
ATOM   879  C  CD1 . PHE A 1 114 ? -11.001 5.629   -1.872  1.00 40.23  ? 114 PHE A CD1 1 
ATOM   880  C  CD2 . PHE A 1 114 ? -11.721 3.701   -3.046  1.00 42.21  ? 114 PHE A CD2 1 
ATOM   881  C  CE1 . PHE A 1 114 ? -10.054 5.873   -2.866  1.00 38.96  ? 114 PHE A CE1 1 
ATOM   882  C  CE2 . PHE A 1 114 ? -10.767 3.917   -4.043  1.00 49.07  ? 114 PHE A CE2 1 
ATOM   883  C  CZ  . PHE A 1 114 ? -9.923  5.021   -3.959  1.00 43.32  ? 114 PHE A CZ  1 
ATOM   884  N  N   . THR A 1 115 ? -15.983 5.430   0.578   1.00 13.16  ? 115 THR A N   1 
ATOM   885  C  CA  . THR A 1 115 ? -17.217 5.099   1.192   1.00 7.94   ? 115 THR A CA  1 
ATOM   886  C  C   . THR A 1 115 ? -18.157 4.186   0.450   1.00 14.57  ? 115 THR A C   1 
ATOM   887  O  O   . THR A 1 115 ? -18.711 3.230   0.987   1.00 17.67  ? 115 THR A O   1 
ATOM   888  C  CB  . THR A 1 115 ? -17.897 6.430   1.450   1.00 15.95  ? 115 THR A CB  1 
ATOM   889  O  OG1 . THR A 1 115 ? -16.946 7.233   2.103   1.00 44.79  ? 115 THR A OG1 1 
ATOM   890  C  CG2 . THR A 1 115 ? -19.077 6.200   2.378   1.00 21.37  ? 115 THR A CG2 1 
ATOM   891  N  N   . ASN A 1 116 ? -18.406 4.531   -0.778  1.00 17.53  ? 116 ASN A N   1 
ATOM   892  C  CA  . ASN A 1 116 ? -19.317 3.712   -1.500  1.00 22.99  ? 116 ASN A CA  1 
ATOM   893  C  C   . ASN A 1 116 ? -18.746 2.334   -1.731  1.00 11.27  ? 116 ASN A C   1 
ATOM   894  O  O   . ASN A 1 116 ? -19.442 1.337   -1.707  1.00 21.19  ? 116 ASN A O   1 
ATOM   895  C  CB  . ASN A 1 116 ? -19.826 4.345   -2.793  1.00 32.48  ? 116 ASN A CB  1 
ATOM   896  C  CG  . ASN A 1 116 ? -20.427 5.697   -2.516  1.00 23.72  ? 116 ASN A CG  1 
ATOM   897  O  OD1 . ASN A 1 116 ? -21.145 5.784   -1.549  1.00 38.56  ? 116 ASN A OD1 1 
ATOM   898  N  ND2 . ASN A 1 116 ? -20.169 6.743   -3.326  1.00 12.31  ? 116 ASN A ND2 1 
ATOM   899  N  N   . SER A 1 117 ? -17.467 2.244   -1.930  1.00 7.96   ? 117 SER A N   1 
ATOM   900  C  CA  . SER A 1 117 ? -16.921 0.927   -2.222  1.00 11.25  ? 117 SER A CA  1 
ATOM   901  C  C   . SER A 1 117 ? -16.873 0.081   -0.999  1.00 18.12  ? 117 SER A C   1 
ATOM   902  O  O   . SER A 1 117 ? -16.972 -1.165  -1.067  1.00 15.09  ? 117 SER A O   1 
ATOM   903  C  CB  . SER A 1 117 ? -15.540 1.032   -2.761  1.00 23.08  ? 117 SER A CB  1 
ATOM   904  O  OG  . SER A 1 117 ? -15.452 2.130   -3.650  1.00 21.42  ? 117 SER A OG  1 
ATOM   905  N  N   . LEU A 1 118 ? -16.672 0.820   0.097   1.00 9.67   ? 118 LEU A N   1 
ATOM   906  C  CA  . LEU A 1 118 ? -16.571 0.261   1.404   1.00 13.69  ? 118 LEU A CA  1 
ATOM   907  C  C   . LEU A 1 118 ? -17.839 -0.468  1.676   1.00 26.29  ? 118 LEU A C   1 
ATOM   908  O  O   . LEU A 1 118 ? -17.910 -1.675  1.989   1.00 23.66  ? 118 LEU A O   1 
ATOM   909  C  CB  . LEU A 1 118 ? -16.416 1.353   2.455   1.00 18.04  ? 118 LEU A CB  1 
ATOM   910  C  CG  . LEU A 1 118 ? -14.998 1.875   2.572   1.00 24.27  ? 118 LEU A CG  1 
ATOM   911  C  CD1 . LEU A 1 118 ? -15.017 3.025   3.554   1.00 29.17  ? 118 LEU A CD1 1 
ATOM   912  C  CD2 . LEU A 1 118 ? -14.054 0.809   3.087   1.00 16.48  ? 118 LEU A CD2 1 
ATOM   913  N  N   . ARG A 1 119 ? -18.876 0.295   1.511   1.00 20.33  ? 119 ARG A N   1 
ATOM   914  C  CA  . ARG A 1 119 ? -20.192 -0.236  1.699   1.00 22.29  ? 119 ARG A CA  1 
ATOM   915  C  C   . ARG A 1 119 ? -20.386 -1.391  0.725   1.00 39.12  ? 119 ARG A C   1 
ATOM   916  O  O   . ARG A 1 119 ? -21.103 -2.354  1.009   1.00 29.52  ? 119 ARG A O   1 
ATOM   917  C  CB  . ARG A 1 119 ? -21.206 0.782   1.249   1.00 24.19  ? 119 ARG A CB  1 
ATOM   918  C  CG  . ARG A 1 119 ? -22.021 1.510   2.282   1.00 84.68  ? 119 ARG A CG  1 
ATOM   919  C  CD  . ARG A 1 119 ? -23.252 2.144   1.627   1.00 100.00 ? 119 ARG A CD  1 
ATOM   920  N  NE  . ARG A 1 119 ? -23.166 3.601   1.415   1.00 100.00 ? 119 ARG A NE  1 
ATOM   921  C  CZ  . ARG A 1 119 ? -23.042 4.235   0.233   1.00 100.00 ? 119 ARG A CZ  1 
ATOM   922  N  NH1 . ARG A 1 119 ? -22.985 3.571   -0.933  1.00 100.00 ? 119 ARG A NH1 1 
ATOM   923  N  NH2 . ARG A 1 119 ? -22.983 5.576   0.230   1.00 100.00 ? 119 ARG A NH2 1 
ATOM   924  N  N   . MET A 1 120 ? -19.810 -1.289  -0.481  1.00 24.16  ? 120 MET A N   1 
ATOM   925  C  CA  . MET A 1 120 ? -20.115 -2.372  -1.391  1.00 22.07  ? 120 MET A CA  1 
ATOM   926  C  C   . MET A 1 120 ? -19.439 -3.625  -1.037  1.00 17.28  ? 120 MET A C   1 
ATOM   927  O  O   . MET A 1 120 ? -20.061 -4.672  -1.172  1.00 15.45  ? 120 MET A O   1 
ATOM   928  C  CB  . MET A 1 120 ? -19.883 -2.137  -2.836  1.00 20.32  ? 120 MET A CB  1 
ATOM   929  C  CG  . MET A 1 120 ? -20.951 -1.275  -3.436  1.00 29.01  ? 120 MET A CG  1 
ATOM   930  S  SD  . MET A 1 120 ? -20.220 -0.500  -4.889  1.00 40.14  ? 120 MET A SD  1 
ATOM   931  C  CE  . MET A 1 120 ? -21.436 0.765   -5.227  1.00 27.79  ? 120 MET A CE  1 
ATOM   932  N  N   . LEU A 1 121 ? -18.193 -3.461  -0.625  1.00 9.01   ? 121 LEU A N   1 
ATOM   933  C  CA  . LEU A 1 121 ? -17.369 -4.561  -0.229  1.00 9.64   ? 121 LEU A CA  1 
ATOM   934  C  C   . LEU A 1 121 ? -18.047 -5.220  1.010   1.00 21.28  ? 121 LEU A C   1 
ATOM   935  O  O   . LEU A 1 121 ? -18.146 -6.427  1.222   1.00 16.81  ? 121 LEU A O   1 
ATOM   936  C  CB  . LEU A 1 121 ? -15.953 -4.008  0.100   1.00 13.90  ? 121 LEU A CB  1 
ATOM   937  C  CG  . LEU A 1 121 ? -15.054 -3.835  -1.125  1.00 11.25  ? 121 LEU A CG  1 
ATOM   938  C  CD1 . LEU A 1 121 ? -13.619 -3.709  -0.723  1.00 17.53  ? 121 LEU A CD1 1 
ATOM   939  C  CD2 . LEU A 1 121 ? -15.141 -5.068  -1.992  1.00 22.41  ? 121 LEU A CD2 1 
ATOM   940  N  N   . GLN A 1 122 ? -18.567 -4.416  1.881   1.00 16.32  ? 122 GLN A N   1 
ATOM   941  C  CA  . GLN A 1 122 ? -19.171 -5.014  3.019   1.00 26.86  ? 122 GLN A CA  1 
ATOM   942  C  C   . GLN A 1 122 ? -20.383 -5.910  2.671   1.00 28.88  ? 122 GLN A C   1 
ATOM   943  O  O   . GLN A 1 122 ? -20.678 -6.934  3.270   1.00 20.13  ? 122 GLN A O   1 
ATOM   944  C  CB  . GLN A 1 122 ? -19.604 -3.868  3.919   1.00 34.38  ? 122 GLN A CB  1 
ATOM   945  C  CG  . GLN A 1 122 ? -19.916 -4.389  5.313   1.00 23.35  ? 122 GLN A CG  1 
ATOM   946  C  CD  . GLN A 1 122 ? -20.218 -3.271  6.261   1.00 77.88  ? 122 GLN A CD  1 
ATOM   947  O  OE1 . GLN A 1 122 ? -20.806 -2.253  5.858   1.00 100.00 ? 122 GLN A OE1 1 
ATOM   948  N  NE2 . GLN A 1 122 ? -19.805 -3.448  7.514   1.00 46.36  ? 122 GLN A NE2 1 
ATOM   949  N  N   . GLN A 1 123 ? -21.102 -5.511  1.671   1.00 16.08  ? 123 GLN A N   1 
ATOM   950  C  CA  . GLN A 1 123 ? -22.261 -6.246  1.266   1.00 15.84  ? 123 GLN A CA  1 
ATOM   951  C  C   . GLN A 1 123 ? -21.959 -7.408  0.440   1.00 26.43  ? 123 GLN A C   1 
ATOM   952  O  O   . GLN A 1 123 ? -22.881 -8.121  0.091   1.00 31.30  ? 123 GLN A O   1 
ATOM   953  C  CB  . GLN A 1 123 ? -23.074 -5.387  0.339   1.00 15.89  ? 123 GLN A CB  1 
ATOM   954  C  CG  . GLN A 1 123 ? -23.805 -4.348  1.194   1.00 19.04  ? 123 GLN A CG  1 
ATOM   955  C  CD  . GLN A 1 123 ? -24.677 -3.377  0.443   1.00 36.72  ? 123 GLN A CD  1 
ATOM   956  O  OE1 . GLN A 1 123 ? -25.612 -2.837  1.026   1.00 22.65  ? 123 GLN A OE1 1 
ATOM   957  N  NE2 . GLN A 1 123 ? -24.355 -3.095  -0.818  1.00 63.24  ? 123 GLN A NE2 1 
ATOM   958  N  N   . LYS A 1 124 ? -20.679 -7.528  0.082   1.00 30.81  ? 124 LYS A N   1 
ATOM   959  C  CA  . LYS A 1 124 ? -20.168 -8.587  -0.761  1.00 22.52  ? 124 LYS A CA  1 
ATOM   960  C  C   . LYS A 1 124 ? -20.620 -8.459  -2.245  1.00 23.49  ? 124 LYS A C   1 
ATOM   961  O  O   . LYS A 1 124 ? -20.771 -9.466  -2.960  1.00 39.53  ? 124 LYS A O   1 
ATOM   962  C  CB  . LYS A 1 124 ? -20.295 -10.023 -0.204  1.00 34.37  ? 124 LYS A CB  1 
ATOM   963  C  CG  . LYS A 1 124 ? -20.016 -10.240 1.286   1.00 17.69  ? 124 LYS A CG  1 
ATOM   964  C  CD  . LYS A 1 124 ? -19.290 -11.566 1.539   1.00 37.70  ? 124 LYS A CD  1 
ATOM   965  C  CE  . LYS A 1 124 ? -18.753 -11.731 2.960   1.00 15.03  ? 124 LYS A CE  1 
ATOM   966  N  NZ  . LYS A 1 124 ? -17.473 -11.026 3.240   1.00 45.81  ? 124 LYS A NZ  1 
ATOM   967  N  N   . ARG A 1 125 ? -20.822 -7.219  -2.722  1.00 19.34  ? 125 ARG A N   1 
ATOM   968  C  CA  . ARG A 1 125 ? -21.219 -6.939  -4.129  1.00 20.77  ? 125 ARG A CA  1 
ATOM   969  C  C   . ARG A 1 125 ? -19.971 -6.675  -4.972  1.00 17.97  ? 125 ARG A C   1 
ATOM   970  O  O   . ARG A 1 125 ? -19.699 -5.559  -5.416  1.00 15.10  ? 125 ARG A O   1 
ATOM   971  C  CB  . ARG A 1 125 ? -22.143 -5.726  -4.172  1.00 17.18  ? 125 ARG A CB  1 
ATOM   972  C  CG  . ARG A 1 125 ? -23.429 -5.872  -3.340  1.00 18.23  ? 125 ARG A CG  1 
ATOM   973  C  CD  . ARG A 1 125 ? -24.075 -4.528  -3.142  1.00 35.87  ? 125 ARG A CD  1 
ATOM   974  N  NE  . ARG A 1 125 ? -25.515 -4.423  -3.373  1.00 53.28  ? 125 ARG A NE  1 
ATOM   975  C  CZ  . ARG A 1 125 ? -26.457 -4.784  -2.496  1.00 100.00 ? 125 ARG A CZ  1 
ATOM   976  N  NH1 . ARG A 1 125 ? -26.159 -5.349  -1.318  1.00 100.00 ? 125 ARG A NH1 1 
ATOM   977  N  NH2 . ARG A 1 125 ? -27.741 -4.598  -2.825  1.00 61.64  ? 125 ARG A NH2 1 
ATOM   978  N  N   . TRP A 1 126 ? -19.195 -7.731  -5.125  1.00 15.25  ? 126 TRP A N   1 
ATOM   979  C  CA  . TRP A 1 126 ? -17.902 -7.759  -5.796  1.00 13.47  ? 126 TRP A CA  1 
ATOM   980  C  C   . TRP A 1 126 ? -17.791 -6.994  -7.087  1.00 13.23  ? 126 TRP A C   1 
ATOM   981  O  O   . TRP A 1 126 ? -16.983 -6.103  -7.273  1.00 16.41  ? 126 TRP A O   1 
ATOM   982  C  CB  . TRP A 1 126 ? -17.396 -9.194  -5.962  1.00 4.46   ? 126 TRP A CB  1 
ATOM   983  C  CG  . TRP A 1 126 ? -17.440 -10.000 -4.663  1.00 8.85   ? 126 TRP A CG  1 
ATOM   984  C  CD1 . TRP A 1 126 ? -17.852 -11.311 -4.525  1.00 7.69   ? 126 TRP A CD1 1 
ATOM   985  C  CD2 . TRP A 1 126 ? -17.088 -9.582  -3.326  1.00 8.24   ? 126 TRP A CD2 1 
ATOM   986  N  NE1 . TRP A 1 126 ? -17.722 -11.737 -3.221  1.00 12.69  ? 126 TRP A NE1 1 
ATOM   987  C  CE2 . TRP A 1 126 ? -17.221 -10.735 -2.469  1.00 9.99   ? 126 TRP A CE2 1 
ATOM   988  C  CE3 . TRP A 1 126 ? -16.503 -8.440  -2.820  1.00 8.53   ? 126 TRP A CE3 1 
ATOM   989  C  CZ2 . TRP A 1 126 ? -16.909 -10.726 -1.118  1.00 14.46  ? 126 TRP A CZ2 1 
ATOM   990  C  CZ3 . TRP A 1 126 ? -16.206 -8.436  -1.457  1.00 19.07  ? 126 TRP A CZ3 1 
ATOM   991  C  CH2 . TRP A 1 126 ? -16.408 -9.564  -0.619  1.00 18.49  ? 126 TRP A CH2 1 
ATOM   992  N  N   . ASP A 1 127 ? -18.570 -7.418  -8.031  1.00 13.91  ? 127 ASP A N   1 
ATOM   993  C  CA  . ASP A 1 127 ? -18.533 -6.777  -9.295  1.00 16.23  ? 127 ASP A CA  1 
ATOM   994  C  C   . ASP A 1 127 ? -18.866 -5.310  -9.147  1.00 23.49  ? 127 ASP A C   1 
ATOM   995  O  O   . ASP A 1 127 ? -18.230 -4.456  -9.735  1.00 15.82  ? 127 ASP A O   1 
ATOM   996  C  CB  . ASP A 1 127 ? -19.378 -7.507  -10.357 1.00 17.43  ? 127 ASP A CB  1 
ATOM   997  C  CG  . ASP A 1 127 ? -18.981 -8.958  -10.558 1.00 24.93  ? 127 ASP A CG  1 
ATOM   998  O  OD1 . ASP A 1 127 ? -18.293 -9.589  -9.760  1.00 46.42  ? 127 ASP A OD1 1 
ATOM   999  O  OD2 . ASP A 1 127 ? -19.527 -9.498  -11.631 1.00 31.00  ? 127 ASP A OD2 1 
ATOM   1000 N  N   . GLU A 1 128 ? -19.809 -5.005  -8.282  1.00 17.02  ? 128 GLU A N   1 
ATOM   1001 C  CA  . GLU A 1 128 ? -20.149 -3.612  -8.112  1.00 19.23  ? 128 GLU A CA  1 
ATOM   1002 C  C   . GLU A 1 128 ? -19.043 -2.791  -7.549  1.00 25.44  ? 128 GLU A C   1 
ATOM   1003 O  O   . GLU A 1 128 ? -18.771 -1.701  -8.059  1.00 34.38  ? 128 GLU A O   1 
ATOM   1004 C  CB  . GLU A 1 128 ? -21.478 -3.330  -7.366  1.00 27.43  ? 128 GLU A CB  1 
ATOM   1005 C  CG  . GLU A 1 128 ? -22.646 -4.007  -8.092  1.00 26.74  ? 128 GLU A CG  1 
ATOM   1006 C  CD  . GLU A 1 128 ? -23.960 -3.860  -7.413  1.00 70.34  ? 128 GLU A CD  1 
ATOM   1007 O  OE1 . GLU A 1 128 ? -24.337 -2.818  -6.916  1.00 85.99  ? 128 GLU A OE1 1 
ATOM   1008 O  OE2 . GLU A 1 128 ? -24.664 -4.965  -7.452  1.00 100.00 ? 128 GLU A OE2 1 
ATOM   1009 N  N   . ALA A 1 129 ? -18.417 -3.318  -6.506  1.00 18.30  ? 129 ALA A N   1 
ATOM   1010 C  CA  . ALA A 1 129 ? -17.332 -2.599  -5.849  1.00 11.52  ? 129 ALA A CA  1 
ATOM   1011 C  C   . ALA A 1 129 ? -16.196 -2.338  -6.814  1.00 4.63   ? 129 ALA A C   1 
ATOM   1012 O  O   . ALA A 1 129 ? -15.580 -1.265  -6.873  1.00 13.64  ? 129 ALA A O   1 
ATOM   1013 C  CB  . ALA A 1 129 ? -16.855 -3.409  -4.637  1.00 6.27   ? 129 ALA A CB  1 
ATOM   1014 N  N   . ALA A 1 130 ? -15.928 -3.389  -7.580  1.00 13.52  ? 130 ALA A N   1 
ATOM   1015 C  CA  . ALA A 1 130 ? -14.844 -3.346  -8.515  1.00 16.39  ? 130 ALA A CA  1 
ATOM   1016 C  C   . ALA A 1 130 ? -15.010 -2.238  -9.551  1.00 24.64  ? 130 ALA A C   1 
ATOM   1017 O  O   . ALA A 1 130 ? -14.065 -1.536  -9.894  1.00 23.06  ? 130 ALA A O   1 
ATOM   1018 C  CB  . ALA A 1 130 ? -14.690 -4.679  -9.162  1.00 19.34  ? 130 ALA A CB  1 
ATOM   1019 N  N   . VAL A 1 131 ? -16.215 -2.046  -10.031 1.00 10.38  ? 131 VAL A N   1 
ATOM   1020 C  CA  . VAL A 1 131 ? -16.474 -0.949  -10.993 1.00 10.87  ? 131 VAL A CA  1 
ATOM   1021 C  C   . VAL A 1 131 ? -16.280 0.424   -10.322 1.00 24.29  ? 131 VAL A C   1 
ATOM   1022 O  O   . VAL A 1 131 ? -15.624 1.357   -10.791 1.00 24.45  ? 131 VAL A O   1 
ATOM   1023 C  CB  . VAL A 1 131 ? -17.909 -1.084  -11.518 1.00 17.43  ? 131 VAL A CB  1 
ATOM   1024 C  CG1 . VAL A 1 131 ? -18.316 0.158   -12.267 1.00 16.82  ? 131 VAL A CG1 1 
ATOM   1025 C  CG2 . VAL A 1 131 ? -17.932 -2.223  -12.512 1.00 20.46  ? 131 VAL A CG2 1 
ATOM   1026 N  N   . ASN A 1 132 ? -16.850 0.521   -9.145  1.00 31.26  ? 132 ASN A N   1 
ATOM   1027 C  CA  . ASN A 1 132 ? -16.763 1.714   -8.357  1.00 22.99  ? 132 ASN A CA  1 
ATOM   1028 C  C   . ASN A 1 132 ? -15.335 2.074   -8.081  1.00 11.95  ? 132 ASN A C   1 
ATOM   1029 O  O   . ASN A 1 132 ? -14.874 3.197   -8.260  1.00 8.98   ? 132 ASN A O   1 
ATOM   1030 C  CB  . ASN A 1 132 ? -17.516 1.482   -7.066  1.00 11.14  ? 132 ASN A CB  1 
ATOM   1031 C  CG  . ASN A 1 132 ? -17.630 2.754   -6.278  1.00 21.05  ? 132 ASN A CG  1 
ATOM   1032 O  OD1 . ASN A 1 132 ? -16.782 3.065   -5.430  1.00 25.17  ? 132 ASN A OD1 1 
ATOM   1033 N  ND2 . ASN A 1 132 ? -18.586 3.580   -6.662  1.00 41.31  ? 132 ASN A ND2 1 
ATOM   1034 N  N   . LEU A 1 133 ? -14.614 1.088   -7.635  1.00 2.03   ? 133 LEU A N   1 
ATOM   1035 C  CA  . LEU A 1 133 ? -13.196 1.334   -7.319  1.00 10.35  ? 133 LEU A CA  1 
ATOM   1036 C  C   . LEU A 1 133 ? -12.374 1.965   -8.496  1.00 8.25   ? 133 LEU A C   1 
ATOM   1037 O  O   . LEU A 1 133 ? -11.452 2.766   -8.345  1.00 12.33  ? 133 LEU A O   1 
ATOM   1038 C  CB  . LEU A 1 133 ? -12.528 0.011   -6.829  1.00 10.72  ? 133 LEU A CB  1 
ATOM   1039 C  CG  . LEU A 1 133 ? -12.793 -0.436  -5.376  1.00 11.79  ? 133 LEU A CG  1 
ATOM   1040 C  CD1 . LEU A 1 133 ? -12.256 -1.840  -5.208  1.00 15.52  ? 133 LEU A CD1 1 
ATOM   1041 C  CD2 . LEU A 1 133 ? -12.048 0.488   -4.413  1.00 7.79   ? 133 LEU A CD2 1 
ATOM   1042 N  N   . ALA A 1 134 ? -12.683 1.571   -9.713  1.00 12.07  ? 134 ALA A N   1 
ATOM   1043 C  CA  . ALA A 1 134 ? -12.002 2.057   -10.910 1.00 15.44  ? 134 ALA A CA  1 
ATOM   1044 C  C   . ALA A 1 134 ? -12.325 3.521   -11.183 1.00 17.92  ? 134 ALA A C   1 
ATOM   1045 O  O   . ALA A 1 134 ? -11.576 4.240   -11.824 1.00 9.79   ? 134 ALA A O   1 
ATOM   1046 C  CB  . ALA A 1 134 ? -12.401 1.194   -12.094 1.00 16.79  ? 134 ALA A CB  1 
ATOM   1047 N  N   . LYS A 1 135 ? -13.446 3.977   -10.671 1.00 11.72  ? 135 LYS A N   1 
ATOM   1048 C  CA  . LYS A 1 135 ? -13.766 5.365   -10.884 1.00 7.67   ? 135 LYS A CA  1 
ATOM   1049 C  C   . LYS A 1 135 ? -12.997 6.196   -9.868  1.00 10.10  ? 135 LYS A C   1 
ATOM   1050 O  O   . LYS A 1 135 ? -13.495 6.752   -8.903  1.00 16.62  ? 135 LYS A O   1 
ATOM   1051 C  CB  . LYS A 1 135 ? -15.276 5.568   -10.903 1.00 4.66   ? 135 LYS A CB  1 
ATOM   1052 C  CG  . LYS A 1 135 ? -15.957 4.454   -11.702 1.00 33.81  ? 135 LYS A CG  1 
ATOM   1053 C  CD  . LYS A 1 135 ? -17.417 4.717   -12.063 1.00 21.96  ? 135 LYS A CD  1 
ATOM   1054 C  CE  . LYS A 1 135 ? -18.412 4.684   -10.891 1.00 100.00 ? 135 LYS A CE  1 
ATOM   1055 N  NZ  . LYS A 1 135 ? -19.826 4.991   -11.230 1.00 100.00 ? 135 LYS A NZ  1 
ATOM   1056 N  N   . SER A 1 136 ? -11.707 6.250   -10.091 1.00 18.64  ? 136 SER A N   1 
ATOM   1057 C  CA  . SER A 1 136 ? -10.931 6.932   -9.102  1.00 22.75  ? 136 SER A CA  1 
ATOM   1058 C  C   . SER A 1 136 ? -9.584  7.395   -9.611  1.00 22.52  ? 136 SER A C   1 
ATOM   1059 O  O   . SER A 1 136 ? -9.026  6.940   -10.610 1.00 8.72   ? 136 SER A O   1 
ATOM   1060 C  CB  . SER A 1 136 ? -10.742 6.001   -7.922  1.00 31.25  ? 136 SER A CB  1 
ATOM   1061 O  OG  . SER A 1 136 ? -9.861  4.962   -8.320  1.00 20.08  ? 136 SER A OG  1 
ATOM   1062 N  N   . ARG A 1 137 ? -9.065  8.377   -8.928  1.00 19.72  ? 137 ARG A N   1 
ATOM   1063 C  CA  . ARG A 1 137 ? -7.807  8.891   -9.334  1.00 8.41   ? 137 ARG A CA  1 
ATOM   1064 C  C   . ARG A 1 137 ? -6.738  7.794   -9.268  1.00 17.34  ? 137 ARG A C   1 
ATOM   1065 O  O   . ARG A 1 137 ? -5.870  7.715   -10.143 1.00 13.88  ? 137 ARG A O   1 
ATOM   1066 C  CB  . ARG A 1 137 ? -7.416  10.072  -8.447  1.00 9.19   ? 137 ARG A CB  1 
ATOM   1067 C  CG  . ARG A 1 137 ? -6.060  10.613  -8.894  1.00 26.13  ? 137 ARG A CG  1 
ATOM   1068 C  CD  . ARG A 1 137 ? -5.322  11.451  -7.837  1.00 30.27  ? 137 ARG A CD  1 
ATOM   1069 N  NE  . ARG A 1 137 ? -4.212  12.252  -8.392  1.00 90.41  ? 137 ARG A NE  1 
ATOM   1070 C  CZ  . ARG A 1 137 ? -2.891  12.024  -8.252  1.00 100.00 ? 137 ARG A CZ  1 
ATOM   1071 N  NH1 . ARG A 1 137 ? -2.370  10.988  -7.546  1.00 29.84  ? 137 ARG A NH1 1 
ATOM   1072 N  NH2 . ARG A 1 137 ? -2.066  12.894  -8.850  1.00 78.10  ? 137 ARG A NH2 1 
ATOM   1073 N  N   . TRP A 1 138 ? -6.815  6.977   -8.190  1.00 12.59  ? 138 TRP A N   1 
ATOM   1074 C  CA  . TRP A 1 138 ? -5.907  5.870   -7.872  1.00 6.91   ? 138 TRP A CA  1 
ATOM   1075 C  C   . TRP A 1 138 ? -5.784  4.932   -9.023  1.00 3.68   ? 138 TRP A C   1 
ATOM   1076 O  O   . TRP A 1 138 ? -4.683  4.699   -9.558  1.00 14.78  ? 138 TRP A O   1 
ATOM   1077 C  CB  . TRP A 1 138 ? -6.327  5.125   -6.602  1.00 6.50   ? 138 TRP A CB  1 
ATOM   1078 C  CG  . TRP A 1 138 ? -5.731  3.741   -6.446  1.00 8.35   ? 138 TRP A CG  1 
ATOM   1079 C  CD1 . TRP A 1 138 ? -4.451  3.449   -6.084  1.00 9.85   ? 138 TRP A CD1 1 
ATOM   1080 C  CD2 . TRP A 1 138 ? -6.455  2.498   -6.373  1.00 8.22   ? 138 TRP A CD2 1 
ATOM   1081 N  NE1 . TRP A 1 138 ? -4.308  2.109   -5.885  1.00 12.71  ? 138 TRP A NE1 1 
ATOM   1082 C  CE2 . TRP A 1 138 ? -5.539  1.508   -6.011  1.00 8.40   ? 138 TRP A CE2 1 
ATOM   1083 C  CE3 . TRP A 1 138 ? -7.806  2.174   -6.498  1.00 11.15  ? 138 TRP A CE3 1 
ATOM   1084 C  CZ2 . TRP A 1 138 ? -5.914  0.175   -5.907  1.00 14.35  ? 138 TRP A CZ2 1 
ATOM   1085 C  CZ3 . TRP A 1 138 ? -8.177  0.850   -6.427  1.00 18.64  ? 138 TRP A CZ3 1 
ATOM   1086 C  CH2 . TRP A 1 138 ? -7.248  -0.141  -6.091  1.00 24.18  ? 138 TRP A CH2 1 
ATOM   1087 N  N   . TYR A 1 139 ? -6.933  4.493   -9.530  1.00 20.60  ? 139 TYR A N   1 
ATOM   1088 C  CA  . TYR A 1 139 ? -6.921  3.631   -10.727 1.00 21.39  ? 139 TYR A CA  1 
ATOM   1089 C  C   . TYR A 1 139 ? -6.282  4.276   -11.966 1.00 22.16  ? 139 TYR A C   1 
ATOM   1090 O  O   . TYR A 1 139 ? -5.510  3.637   -12.712 1.00 21.41  ? 139 TYR A O   1 
ATOM   1091 C  CB  . TYR A 1 139 ? -8.374  3.418   -11.089 1.00 27.11  ? 139 TYR A CB  1 
ATOM   1092 C  CG  . TYR A 1 139 ? -8.507  2.591   -12.324 1.00 22.26  ? 139 TYR A CG  1 
ATOM   1093 C  CD1 . TYR A 1 139 ? -8.307  1.214   -12.264 1.00 29.80  ? 139 TYR A CD1 1 
ATOM   1094 C  CD2 . TYR A 1 139 ? -8.898  3.154   -13.533 1.00 13.69  ? 139 TYR A CD2 1 
ATOM   1095 C  CE1 . TYR A 1 139 ? -8.496  0.394   -13.375 1.00 15.55  ? 139 TYR A CE1 1 
ATOM   1096 C  CE2 . TYR A 1 139 ? -9.091  2.345   -14.650 1.00 28.39  ? 139 TYR A CE2 1 
ATOM   1097 C  CZ  . TYR A 1 139 ? -8.881  0.968   -14.586 1.00 42.07  ? 139 TYR A CZ  1 
ATOM   1098 O  OH  . TYR A 1 139 ? -9.072  0.207   -15.709 1.00 78.70  ? 139 TYR A OH  1 
ATOM   1099 N  N   . ASN A 1 140 ? -6.690  5.548   -12.231 1.00 23.52  ? 140 ASN A N   1 
ATOM   1100 C  CA  . ASN A 1 140 ? -6.219  6.347   -13.368 1.00 15.39  ? 140 ASN A CA  1 
ATOM   1101 C  C   . ASN A 1 140 ? -4.736  6.719   -13.327 1.00 19.55  ? 140 ASN A C   1 
ATOM   1102 O  O   . ASN A 1 140 ? -4.112  6.903   -14.369 1.00 39.39  ? 140 ASN A O   1 
ATOM   1103 C  CB  . ASN A 1 140 ? -7.074  7.585   -13.580 1.00 13.08  ? 140 ASN A CB  1 
ATOM   1104 C  CG  . ASN A 1 140 ? -8.399  7.154   -14.138 1.00 29.00  ? 140 ASN A CG  1 
ATOM   1105 O  OD1 . ASN A 1 140 ? -9.401  7.315   -13.458 1.00 27.27  ? 140 ASN A OD1 1 
ATOM   1106 N  ND2 . ASN A 1 140 ? -8.394  6.519   -15.330 1.00 10.75  ? 140 ASN A ND2 1 
ATOM   1107 N  N   . GLN A 1 141 ? -4.169  6.834   -12.132 1.00 10.86  ? 141 GLN A N   1 
ATOM   1108 C  CA  . GLN A 1 141 ? -2.761  7.140   -12.043 1.00 17.41  ? 141 GLN A CA  1 
ATOM   1109 C  C   . GLN A 1 141 ? -1.944  5.885   -12.061 1.00 25.60  ? 141 GLN A C   1 
ATOM   1110 O  O   . GLN A 1 141 ? -0.860  5.877   -12.609 1.00 20.49  ? 141 GLN A O   1 
ATOM   1111 C  CB  . GLN A 1 141 ? -2.387  7.978   -10.841 1.00 15.55  ? 141 GLN A CB  1 
ATOM   1112 C  CG  . GLN A 1 141 ? -3.021  9.366   -10.920 1.00 23.40  ? 141 GLN A CG  1 
ATOM   1113 C  CD  . GLN A 1 141 ? -2.553  10.289  -12.041 1.00 51.28  ? 141 GLN A CD  1 
ATOM   1114 O  OE1 . GLN A 1 141 ? -3.359  10.787  -12.872 1.00 36.30  ? 141 GLN A OE1 1 
ATOM   1115 N  NE2 . GLN A 1 141 ? -1.275  10.632  -11.965 1.00 34.56  ? 141 GLN A NE2 1 
ATOM   1116 N  N   . THR A 1 142 ? -2.434  4.808   -11.477 1.00 10.76  ? 142 THR A N   1 
ATOM   1117 C  CA  . THR A 1 142 ? -1.627  3.589   -11.495 1.00 7.48   ? 142 THR A CA  1 
ATOM   1118 C  C   . THR A 1 142 ? -2.516  2.423   -11.887 1.00 17.93  ? 142 THR A C   1 
ATOM   1119 O  O   . THR A 1 142 ? -2.927  1.598   -11.068 1.00 16.68  ? 142 THR A O   1 
ATOM   1120 C  CB  . THR A 1 142 ? -1.049  3.308   -10.093 1.00 21.53  ? 142 THR A CB  1 
ATOM   1121 O  OG1 . THR A 1 142 ? -2.098  3.285   -9.132  1.00 6.72   ? 142 THR A OG1 1 
ATOM   1122 C  CG2 . THR A 1 142 ? -0.141  4.433   -9.729  1.00 5.02   ? 142 THR A CG2 1 
ATOM   1123 N  N   . PRO A 1 143 ? -2.870  2.398   -13.146 1.00 21.61  ? 143 PRO A N   1 
ATOM   1124 C  CA  . PRO A 1 143 ? -3.769  1.388   -13.661 1.00 22.54  ? 143 PRO A CA  1 
ATOM   1125 C  C   . PRO A 1 143 ? -3.304  -0.061  -13.570 1.00 11.21  ? 143 PRO A C   1 
ATOM   1126 O  O   . PRO A 1 143 ? -4.087  -0.934  -13.257 1.00 10.36  ? 143 PRO A O   1 
ATOM   1127 C  CB  . PRO A 1 143 ? -3.997  1.753   -15.113 1.00 22.90  ? 143 PRO A CB  1 
ATOM   1128 C  CG  . PRO A 1 143 ? -2.912  2.754   -15.490 1.00 24.76  ? 143 PRO A CG  1 
ATOM   1129 C  CD  . PRO A 1 143 ? -2.421  3.355   -14.180 1.00 13.45  ? 143 PRO A CD  1 
ATOM   1130 N  N   . ASN A 1 144 ? -2.064  -0.379  -13.896 1.00 10.16  ? 144 ASN A N   1 
ATOM   1131 C  CA  . ASN A 1 144 ? -1.732  -1.773  -13.825 1.00 10.32  ? 144 ASN A CA  1 
ATOM   1132 C  C   . ASN A 1 144 ? -1.868  -2.323  -12.423 1.00 23.05  ? 144 ASN A C   1 
ATOM   1133 O  O   . ASN A 1 144 ? -2.290  -3.434  -12.212 1.00 19.13  ? 144 ASN A O   1 
ATOM   1134 C  CB  . ASN A 1 144 ? -0.310  -2.115  -14.322 1.00 8.47   ? 144 ASN A CB  1 
ATOM   1135 C  CG  . ASN A 1 144 ? 0.119   -1.495  -15.624 1.00 69.16  ? 144 ASN A CG  1 
ATOM   1136 O  OD1 . ASN A 1 144 ? -0.581  -1.583  -16.649 1.00 26.98  ? 144 ASN A OD1 1 
ATOM   1137 N  ND2 . ASN A 1 144 ? 1.322   -0.933  -15.616 1.00 63.50  ? 144 ASN A ND2 1 
ATOM   1138 N  N   . ARG A 1 145 ? -1.431  -1.546  -11.467 1.00 13.51  ? 145 ARG A N   1 
ATOM   1139 C  CA  . ARG A 1 145 ? -1.467  -1.942  -10.083 1.00 11.59  ? 145 ARG A CA  1 
ATOM   1140 C  C   . ARG A 1 145 ? -2.912  -2.008  -9.625  1.00 12.46  ? 145 ARG A C   1 
ATOM   1141 O  O   . ARG A 1 145 ? -3.405  -3.077  -9.247  1.00 21.23  ? 145 ARG A O   1 
ATOM   1142 C  CB  . ARG A 1 145 ? -0.662  -0.990  -9.197  1.00 7.62   ? 145 ARG A CB  1 
ATOM   1143 C  CG  . ARG A 1 145 ? -0.207  -1.617  -7.852  1.00 19.08  ? 145 ARG A CG  1 
ATOM   1144 C  CD  . ARG A 1 145 ? -0.177  -0.584  -6.748  1.00 33.49  ? 145 ARG A CD  1 
ATOM   1145 N  NE  . ARG A 1 145 ? -0.099  -1.099  -5.389  1.00 20.21  ? 145 ARG A NE  1 
ATOM   1146 C  CZ  . ARG A 1 145 ? 0.873   -0.736  -4.552  1.00 24.59  ? 145 ARG A CZ  1 
ATOM   1147 N  NH1 . ARG A 1 145 ? 1.827   0.035   -4.977  1.00 19.62  ? 145 ARG A NH1 1 
ATOM   1148 N  NH2 . ARG A 1 145 ? 0.918   -1.156  -3.289  1.00 13.55  ? 145 ARG A NH2 1 
ATOM   1149 N  N   . ALA A 1 146 ? -3.572  -0.846  -9.676  1.00 16.40  ? 146 ALA A N   1 
ATOM   1150 C  CA  . ALA A 1 146 ? -4.985  -0.727  -9.332  1.00 16.79  ? 146 ALA A CA  1 
ATOM   1151 C  C   . ALA A 1 146 ? -5.774  -1.923  -9.898  1.00 12.97  ? 146 ALA A C   1 
ATOM   1152 O  O   . ALA A 1 146 ? -6.518  -2.572  -9.185  1.00 20.34  ? 146 ALA A O   1 
ATOM   1153 C  CB  . ALA A 1 146 ? -5.562  0.628   -9.765  1.00 15.48  ? 146 ALA A CB  1 
ATOM   1154 N  N   . LYS A 1 147 ? -5.525  -2.321  -11.126 1.00 9.71   ? 147 LYS A N   1 
ATOM   1155 C  CA  . LYS A 1 147 ? -6.198  -3.481  -11.712 1.00 8.65   ? 147 LYS A CA  1 
ATOM   1156 C  C   . LYS A 1 147 ? -5.891  -4.782  -10.970 1.00 14.53  ? 147 LYS A C   1 
ATOM   1157 O  O   . LYS A 1 147 ? -6.752  -5.666  -10.792 1.00 22.48  ? 147 LYS A O   1 
ATOM   1158 C  CB  . LYS A 1 147 ? -5.748  -3.696  -13.152 1.00 13.88  ? 147 LYS A CB  1 
ATOM   1159 C  CG  . LYS A 1 147 ? -6.411  -2.784  -14.158 1.00 48.85  ? 147 LYS A CG  1 
ATOM   1160 C  CD  . LYS A 1 147 ? -5.784  -2.860  -15.547 1.00 85.75  ? 147 LYS A CD  1 
ATOM   1161 C  CE  . LYS A 1 147 ? -5.555  -1.497  -16.210 1.00 100.00 ? 147 LYS A CE  1 
ATOM   1162 N  NZ  . LYS A 1 147 ? -4.297  -1.392  -16.977 1.00 82.86  ? 147 LYS A NZ  1 
ATOM   1163 N  N   . ARG A 1 148 ? -4.662  -4.968  -10.548 1.00 17.33  ? 148 ARG A N   1 
ATOM   1164 C  CA  . ARG A 1 148 ? -4.378  -6.208  -9.820  1.00 2.12   ? 148 ARG A CA  1 
ATOM   1165 C  C   . ARG A 1 148 ? -5.146  -6.248  -8.519  1.00 12.01  ? 148 ARG A C   1 
ATOM   1166 O  O   . ARG A 1 148 ? -5.711  -7.276  -8.205  1.00 19.20  ? 148 ARG A O   1 
ATOM   1167 C  CB  . ARG A 1 148 ? -2.900  -6.501  -9.539  1.00 9.04   ? 148 ARG A CB  1 
ATOM   1168 C  CG  . ARG A 1 148 ? -2.104  -6.648  -10.810 1.00 1.00   ? 148 ARG A CG  1 
ATOM   1169 C  CD  . ARG A 1 148 ? -0.767  -7.258  -10.594 1.00 6.69   ? 148 ARG A CD  1 
ATOM   1170 N  NE  . ARG A 1 148 ? 0.238   -6.299  -10.098 1.00 9.31   ? 148 ARG A NE  1 
ATOM   1171 C  CZ  . ARG A 1 148 ? 0.778   -5.259  -10.727 1.00 21.99  ? 148 ARG A CZ  1 
ATOM   1172 N  NH1 . ARG A 1 148 ? 0.482   -4.817  -11.952 1.00 24.54  ? 148 ARG A NH1 1 
ATOM   1173 N  NH2 . ARG A 1 148 ? 1.666   -4.582  -10.070 1.00 9.65   ? 148 ARG A NH2 1 
ATOM   1174 N  N   . VAL A 1 149 ? -5.181  -5.143  -7.776  1.00 10.04  ? 149 VAL A N   1 
ATOM   1175 C  CA  . VAL A 1 149 ? -5.872  -5.138  -6.506  1.00 4.92   ? 149 VAL A CA  1 
ATOM   1176 C  C   . VAL A 1 149 ? -7.349  -5.315  -6.630  1.00 5.14   ? 149 VAL A C   1 
ATOM   1177 O  O   . VAL A 1 149 ? -7.992  -6.015  -5.848  1.00 18.07  ? 149 VAL A O   1 
ATOM   1178 C  CB  . VAL A 1 149 ? -5.583  -3.934  -5.671  1.00 15.90  ? 149 VAL A CB  1 
ATOM   1179 C  CG1 . VAL A 1 149 ? -6.562  -3.839  -4.452  1.00 10.08  ? 149 VAL A CG1 1 
ATOM   1180 C  CG2 . VAL A 1 149 ? -4.115  -4.037  -5.223  1.00 11.59  ? 149 VAL A CG2 1 
ATOM   1181 N  N   . ILE A 1 150 ? -7.866  -4.611  -7.602  1.00 10.75  ? 150 ILE A N   1 
ATOM   1182 C  CA  . ILE A 1 150 ? -9.249  -4.628  -7.903  1.00 9.11   ? 150 ILE A CA  1 
ATOM   1183 C  C   . ILE A 1 150 ? -9.707  -6.023  -8.292  1.00 18.32  ? 150 ILE A C   1 
ATOM   1184 O  O   . ILE A 1 150 ? -10.815 -6.429  -7.947  1.00 10.67  ? 150 ILE A O   1 
ATOM   1185 C  CB  . ILE A 1 150 ? -9.655  -3.639  -8.985  1.00 6.00   ? 150 ILE A CB  1 
ATOM   1186 C  CG1 . ILE A 1 150 ? -9.730  -2.258  -8.357  1.00 10.58  ? 150 ILE A CG1 1 
ATOM   1187 C  CG2 . ILE A 1 150 ? -11.085 -4.061  -9.370  1.00 10.17  ? 150 ILE A CG2 1 
ATOM   1188 C  CD1 . ILE A 1 150 ? -9.755  -1.254  -9.473  1.00 2.22   ? 150 ILE A CD1 1 
ATOM   1189 N  N   . THR A 1 151 ? -8.863  -6.741  -9.024  1.00 19.31  ? 151 THR A N   1 
ATOM   1190 C  CA  . THR A 1 151 ? -9.235  -8.083  -9.398  1.00 17.31  ? 151 THR A CA  1 
ATOM   1191 C  C   . THR A 1 151 ? -9.232  -8.929  -8.175  1.00 18.59  ? 151 THR A C   1 
ATOM   1192 O  O   . THR A 1 151 ? -9.979  -9.899  -8.027  1.00 23.09  ? 151 THR A O   1 
ATOM   1193 C  CB  . THR A 1 151 ? -8.192  -8.700  -10.339 1.00 24.36  ? 151 THR A CB  1 
ATOM   1194 O  OG1 . THR A 1 151 ? -8.268  -8.033  -11.567 1.00 41.78  ? 151 THR A OG1 1 
ATOM   1195 C  CG2 . THR A 1 151 ? -8.446  -10.202 -10.523 1.00 14.33  ? 151 THR A CG2 1 
ATOM   1196 N  N   . THR A 1 152 ? -8.281  -8.590  -7.311  1.00 17.16  ? 152 THR A N   1 
ATOM   1197 C  CA  . THR A 1 152 ? -8.142  -9.365  -6.123  1.00 9.14   ? 152 THR A CA  1 
ATOM   1198 C  C   . THR A 1 152 ? -9.429  -9.297  -5.284  1.00 25.97  ? 152 THR A C   1 
ATOM   1199 O  O   . THR A 1 152 ? -9.967  -10.302 -4.802  1.00 21.76  ? 152 THR A O   1 
ATOM   1200 C  CB  . THR A 1 152 ? -6.865  -9.043  -5.378  1.00 11.47  ? 152 THR A CB  1 
ATOM   1201 O  OG1 . THR A 1 152 ? -5.724  -9.167  -6.235  1.00 13.29  ? 152 THR A OG1 1 
ATOM   1202 C  CG2 . THR A 1 152 ? -6.736  -10.114 -4.313  1.00 2.46   ? 152 THR A CG2 1 
ATOM   1203 N  N   . PHE A 1 153 ? -9.976  -8.089  -5.189  1.00 15.43  ? 153 PHE A N   1 
ATOM   1204 C  CA  . PHE A 1 153 ? -11.211 -7.820  -4.447  1.00 18.37  ? 153 PHE A CA  1 
ATOM   1205 C  C   . PHE A 1 153 ? -12.410 -8.502  -5.085  1.00 30.31  ? 153 PHE A C   1 
ATOM   1206 O  O   . PHE A 1 153 ? -13.349 -8.988  -4.417  1.00 11.77  ? 153 PHE A O   1 
ATOM   1207 C  CB  . PHE A 1 153 ? -11.558 -6.320  -4.492  1.00 3.35   ? 153 PHE A CB  1 
ATOM   1208 C  CG  . PHE A 1 153 ? -10.852 -5.476  -3.439  1.00 8.88   ? 153 PHE A CG  1 
ATOM   1209 C  CD1 . PHE A 1 153 ? -10.093 -4.364  -3.792  1.00 19.82  ? 153 PHE A CD1 1 
ATOM   1210 C  CD2 . PHE A 1 153 ? -10.945 -5.777  -2.077  1.00 22.62  ? 153 PHE A CD2 1 
ATOM   1211 C  CE1 . PHE A 1 153 ? -9.494  -3.577  -2.804  1.00 23.77  ? 153 PHE A CE1 1 
ATOM   1212 C  CE2 . PHE A 1 153 ? -10.321 -5.020  -1.084  1.00 23.89  ? 153 PHE A CE2 1 
ATOM   1213 C  CZ  . PHE A 1 153 ? -9.607  -3.882  -1.448  1.00 15.82  ? 153 PHE A CZ  1 
ATOM   1214 N  N   . ARG A 1 154 ? -12.375 -8.442  -6.405  1.00 18.08  ? 154 ARG A N   1 
ATOM   1215 C  CA  . ARG A 1 154 ? -13.440 -8.976  -7.210  1.00 27.09  ? 154 ARG A CA  1 
ATOM   1216 C  C   . ARG A 1 154 ? -13.544 -10.463 -7.185  1.00 26.33  ? 154 ARG A C   1 
ATOM   1217 O  O   . ARG A 1 154 ? -14.645 -10.984 -7.163  1.00 21.43  ? 154 ARG A O   1 
ATOM   1218 C  CB  . ARG A 1 154 ? -13.385 -8.509  -8.656  1.00 26.68  ? 154 ARG A CB  1 
ATOM   1219 C  CG  . ARG A 1 154 ? -14.710 -8.717  -9.404  1.00 19.75  ? 154 ARG A CG  1 
ATOM   1220 C  CD  . ARG A 1 154 ? -14.476 -8.770  -10.906 1.00 13.67  ? 154 ARG A CD  1 
ATOM   1221 N  NE  . ARG A 1 154 ? -15.694 -8.359  -11.596 1.00 100.00 ? 154 ARG A NE  1 
ATOM   1222 C  CZ  . ARG A 1 154 ? -15.887 -7.184  -12.220 1.00 100.00 ? 154 ARG A CZ  1 
ATOM   1223 N  NH1 . ARG A 1 154 ? -14.929 -6.248  -12.309 1.00 100.00 ? 154 ARG A NH1 1 
ATOM   1224 N  NH2 . ARG A 1 154 ? -17.077 -6.947  -12.787 1.00 100.00 ? 154 ARG A NH2 1 
ATOM   1225 N  N   . THR A 1 155 ? -12.402 -11.124 -7.234  1.00 15.75  ? 155 THR A N   1 
ATOM   1226 C  CA  . THR A 1 155 ? -12.455 -12.565 -7.279  1.00 15.38  ? 155 THR A CA  1 
ATOM   1227 C  C   . THR A 1 155 ? -12.164 -13.244 -5.974  1.00 35.30  ? 155 THR A C   1 
ATOM   1228 O  O   . THR A 1 155 ? -12.403 -14.426 -5.868  1.00 17.36  ? 155 THR A O   1 
ATOM   1229 C  CB  . THR A 1 155 ? -11.505 -13.195 -8.330  1.00 14.49  ? 155 THR A CB  1 
ATOM   1230 O  OG1 . THR A 1 155 ? -10.115 -13.062 -8.071  1.00 13.51  ? 155 THR A OG1 1 
ATOM   1231 C  CG2 . THR A 1 155 ? -11.755 -12.597 -9.686  1.00 14.05  ? 155 THR A CG2 1 
ATOM   1232 N  N   . GLY A 1 156 ? -11.546 -12.581 -5.022  1.00 25.19  ? 156 GLY A N   1 
ATOM   1233 C  CA  . GLY A 1 156 ? -11.210 -13.390 -3.906  1.00 14.22  ? 156 GLY A CA  1 
ATOM   1234 C  C   . GLY A 1 156 ? -10.037 -14.365 -4.212  1.00 21.85  ? 156 GLY A C   1 
ATOM   1235 O  O   . GLY A 1 156 ? -9.709  -15.189 -3.362  1.00 28.75  ? 156 GLY A O   1 
ATOM   1236 N  N   . THR A 1 157 ? -9.348  -14.303 -5.370  1.00 14.48  ? 157 THR A N   1 
ATOM   1237 C  CA  . THR A 1 157 ? -8.189  -15.232 -5.644  1.00 9.93   ? 157 THR A CA  1 
ATOM   1238 C  C   . THR A 1 157 ? -6.908  -14.459 -5.964  1.00 5.98   ? 157 THR A C   1 
ATOM   1239 O  O   . THR A 1 157 ? -6.972  -13.267 -6.236  1.00 21.60  ? 157 THR A O   1 
ATOM   1240 C  CB  . THR A 1 157 ? -8.512  -16.002 -6.947  1.00 16.77  ? 157 THR A CB  1 
ATOM   1241 O  OG1 . THR A 1 157 ? -8.464  -15.108 -8.061  1.00 26.28  ? 157 THR A OG1 1 
ATOM   1242 C  CG2 . THR A 1 157 ? -9.930  -16.546 -6.892  1.00 17.89  ? 157 THR A CG2 1 
ATOM   1243 N  N   . TRP A 1 158 ? -5.772  -15.151 -6.099  1.00 9.37   ? 158 TRP A N   1 
ATOM   1244 C  CA  . TRP A 1 158 ? -4.525  -14.523 -6.442  1.00 8.39   ? 158 TRP A CA  1 
ATOM   1245 C  C   . TRP A 1 158 ? -4.278  -14.462 -7.897  1.00 20.14  ? 158 TRP A C   1 
ATOM   1246 O  O   . TRP A 1 158 ? -3.133  -14.383 -8.327  1.00 10.68  ? 158 TRP A O   1 
ATOM   1247 C  CB  . TRP A 1 158 ? -3.404  -15.329 -5.855  1.00 6.98   ? 158 TRP A CB  1 
ATOM   1248 C  CG  . TRP A 1 158 ? -3.340  -15.142 -4.377  1.00 18.52  ? 158 TRP A CG  1 
ATOM   1249 C  CD1 . TRP A 1 158 ? -3.507  -16.116 -3.484  1.00 15.59  ? 158 TRP A CD1 1 
ATOM   1250 C  CD2 . TRP A 1 158 ? -3.106  -13.925 -3.606  1.00 19.95  ? 158 TRP A CD2 1 
ATOM   1251 N  NE1 . TRP A 1 158 ? -3.399  -15.623 -2.224  1.00 13.25  ? 158 TRP A NE1 1 
ATOM   1252 C  CE2 . TRP A 1 158 ? -3.163  -14.289 -2.252  1.00 19.25  ? 158 TRP A CE2 1 
ATOM   1253 C  CE3 . TRP A 1 158 ? -2.905  -12.577 -3.916  1.00 21.75  ? 158 TRP A CE3 1 
ATOM   1254 C  CZ2 . TRP A 1 158 ? -2.976  -13.381 -1.204  1.00 23.81  ? 158 TRP A CZ2 1 
ATOM   1255 C  CZ3 . TRP A 1 158 ? -2.716  -11.676 -2.887  1.00 25.23  ? 158 TRP A CZ3 1 
ATOM   1256 C  CH2 . TRP A 1 158 ? -2.728  -12.071 -1.548  1.00 26.67  ? 158 TRP A CH2 1 
ATOM   1257 N  N   . ASP A 1 159 ? -5.290  -14.729 -8.688  1.00 18.63  ? 159 ASP A N   1 
ATOM   1258 C  CA  . ASP A 1 159 ? -4.952  -14.810 -10.086 1.00 17.12  ? 159 ASP A CA  1 
ATOM   1259 C  C   . ASP A 1 159 ? -4.209  -13.617 -10.682 1.00 29.83  ? 159 ASP A C   1 
ATOM   1260 O  O   . ASP A 1 159 ? -3.355  -13.810 -11.532 1.00 24.25  ? 159 ASP A O   1 
ATOM   1261 C  CB  . ASP A 1 159 ? -6.037  -15.391 -11.028 1.00 31.51  ? 159 ASP A CB  1 
ATOM   1262 C  CG  . ASP A 1 159 ? -6.886  -16.521 -10.481 1.00 46.10  ? 159 ASP A CG  1 
ATOM   1263 O  OD1 . ASP A 1 159 ? -6.429  -17.583 -10.116 1.00 48.22  ? 159 ASP A OD1 1 
ATOM   1264 O  OD2 . ASP A 1 159 ? -8.178  -16.267 -10.522 1.00 84.16  ? 159 ASP A OD2 1 
ATOM   1265 N  N   . ALA A 1 160 ? -4.511  -12.399 -10.241 1.00 19.39  ? 160 ALA A N   1 
ATOM   1266 C  CA  . ALA A 1 160 ? -3.892  -11.232 -10.819 1.00 4.38   ? 160 ALA A CA  1 
ATOM   1267 C  C   . ALA A 1 160 ? -2.457  -11.251 -10.519 1.00 27.32  ? 160 ALA A C   1 
ATOM   1268 O  O   . ALA A 1 160 ? -1.712  -10.599 -11.213 1.00 15.28  ? 160 ALA A O   1 
ATOM   1269 C  CB  . ALA A 1 160 ? -4.435  -9.926  -10.270 1.00 16.75  ? 160 ALA A CB  1 
ATOM   1270 N  N   . TYR A 1 161 ? -2.071  -11.960 -9.477  1.00 17.18  ? 161 TYR A N   1 
ATOM   1271 C  CA  . TYR A 1 161 ? -0.668  -11.997 -9.211  1.00 12.53  ? 161 TYR A CA  1 
ATOM   1272 C  C   . TYR A 1 161 ? -0.062  -13.280 -9.720  1.00 25.95  ? 161 TYR A C   1 
ATOM   1273 O  O   . TYR A 1 161 ? 1.057   -13.628 -9.337  1.00 13.87  ? 161 TYR A O   1 
ATOM   1274 C  CB  . TYR A 1 161 ? -0.378  -11.780 -7.752  1.00 7.43   ? 161 TYR A CB  1 
ATOM   1275 C  CG  . TYR A 1 161 ? -0.777  -10.398 -7.337  1.00 14.82  ? 161 TYR A CG  1 
ATOM   1276 C  CD1 . TYR A 1 161 ? -2.118  -10.056 -7.145  1.00 13.05  ? 161 TYR A CD1 1 
ATOM   1277 C  CD2 . TYR A 1 161 ? 0.208   -9.425  -7.180  1.00 6.32   ? 161 TYR A CD2 1 
ATOM   1278 C  CE1 . TYR A 1 161 ? -2.472  -8.762  -6.765  1.00 13.68  ? 161 TYR A CE1 1 
ATOM   1279 C  CE2 . TYR A 1 161 ? -0.131  -8.155  -6.735  1.00 11.64  ? 161 TYR A CE2 1 
ATOM   1280 C  CZ  . TYR A 1 161 ? -1.473  -7.808  -6.579  1.00 17.25  ? 161 TYR A CZ  1 
ATOM   1281 O  OH  . TYR A 1 161 ? -1.813  -6.536  -6.194  1.00 16.84  ? 161 TYR A OH  1 
ATOM   1282 N  N   . LYS A 1 162 ? -0.857  -13.940 -10.605 1.00 33.47  ? 162 LYS A N   1 
ATOM   1283 C  CA  . LYS A 1 162 ? -0.589  -15.216 -11.288 1.00 35.75  ? 162 LYS A CA  1 
ATOM   1284 C  C   . LYS A 1 162 ? 0.092   -16.186 -10.339 1.00 100.00 ? 162 LYS A C   1 
ATOM   1285 O  O   . LYS A 1 162 ? -0.429  -16.461 -9.252  1.00 73.91  ? 162 LYS A O   1 
ATOM   1286 C  CB  . LYS A 1 162 ? 0.141   -15.114 -12.618 1.00 48.62  ? 162 LYS A CB  1 
ATOM   1287 C  CG  . LYS A 1 162 ? 1.619   -15.502 -12.520 1.00 49.79  ? 162 LYS A CG  1 
ATOM   1288 C  CD  . LYS A 1 162 ? 2.490   -14.765 -13.536 1.00 100.00 ? 162 LYS A CD  1 
ATOM   1289 C  CE  . LYS A 1 162 ? 3.590   -13.888 -12.929 1.00 100.00 ? 162 LYS A CE  1 
ATOM   1290 N  NZ  . LYS A 1 162 ? 3.259   -12.446 -12.868 1.00 97.66  ? 162 LYS A NZ  1 
HETATM 1291 CL CL  . CL  B 2 .   ? 0.498   0.528   -12.390 1.00 50.18  ? 173 CL  A CL  1 
HETATM 1292 CL CL  . CL  C 2 .   ? 11.761  3.037   11.389  1.00 59.35  ? 178 CL  A CL  1 
HETATM 1293 C  C1  . 2LP D 3 .   ? -10.681 -1.448  2.438   1.00 25.52  ? 403 2LP A C1  1 
HETATM 1294 C  C2  . 2LP D 3 .   ? -9.411  -0.984  2.752   1.00 30.19  ? 403 2LP A C2  1 
HETATM 1295 C  C3  . 2LP D 3 .   ? -11.485 -2.065  3.395   1.00 20.13  ? 403 2LP A C3  1 
HETATM 1296 C  C4  . 2LP D 3 .   ? -11.139 -1.302  1.009   1.00 21.66  ? 403 2LP A C4  1 
HETATM 1297 C  C5  . 2LP D 3 .   ? -8.932  -1.139  4.057   1.00 40.03  ? 403 2LP A C5  1 
HETATM 1298 O  O6  . 2LP D 3 .   ? -8.744  -0.354  1.702   1.00 39.09  ? 403 2LP A O6  1 
HETATM 1299 C  C7  . 2LP D 3 .   ? -10.999 -2.230  4.689   1.00 25.00  ? 403 2LP A C7  1 
HETATM 1300 C  C8  . 2LP D 3 .   ? -9.734  -1.743  5.028   1.00 18.01  ? 403 2LP A C8  1 
HETATM 1301 C  C13 . 2LP D 3 .   ? -11.397 0.145   0.695   1.00 60.03  ? 403 2LP A C13 1 
HETATM 1302 C  C14 . 2LP D 3 .   ? -12.018 0.470   -0.444  1.00 26.65  ? 403 2LP A C14 1 
HETATM 1303 C  C1  . BME E 4 .   ? 0.399   -6.226  14.280  1.00 65.97  ? 169 BME A C1  1 
HETATM 1304 C  C2  . BME E 4 .   ? 0.145   -6.539  12.791  1.00 82.88  ? 169 BME A C2  1 
HETATM 1305 O  O1  . BME E 4 .   ? 1.782   -6.252  14.556  1.00 78.58  ? 169 BME A O1  1 
HETATM 1306 S  S2  . BME E 4 .   ? -1.544  -6.180  12.298  1.00 84.82  ? 169 BME A S2  1 
HETATM 1307 C  C1  . BME F 4 .   ? -2.322  -11.330 7.179   1.00 37.67  ? 170 BME A C1  1 
HETATM 1308 C  C2  . BME F 4 .   ? -1.636  -10.083 7.680   1.00 61.55  ? 170 BME A C2  1 
HETATM 1309 O  O1  . BME F 4 .   ? -3.254  -10.956 6.181   1.00 50.49  ? 170 BME A O1  1 
HETATM 1310 S  S2  . BME F 4 .   ? -1.383  -10.294 9.426   1.00 63.47  ? 170 BME A S2  1 
HETATM 1311 O  O   . HOH G 5 .   ? 8.621   -0.422  3.276   1.00 10.38  ? 171 HOH A O   1 
HETATM 1312 O  O   . HOH G 5 .   ? -2.571  5.198   -7.512  1.00 40.17  ? 172 HOH A O   1 
HETATM 1313 O  O   . HOH G 5 .   ? 1.185   7.512   -13.926 1.00 20.37  ? 174 HOH A O   1 
HETATM 1314 O  O   . HOH G 5 .   ? -6.247  -11.377 -8.281  1.00 20.79  ? 175 HOH A O   1 
HETATM 1315 O  O   . HOH G 5 .   ? 20.797  8.896   4.242   1.00 20.85  ? 176 HOH A O   1 
HETATM 1316 O  O   . HOH G 5 .   ? 11.479  -2.450  14.763  1.00 30.06  ? 177 HOH A O   1 
HETATM 1317 O  O   . HOH G 5 .   ? 11.499  -0.999  2.720   1.00 16.12  ? 179 HOH A O   1 
HETATM 1318 O  O   . HOH G 5 .   ? -3.047  -5.013  -14.233 1.00 18.90  ? 180 HOH A O   1 
HETATM 1319 O  O   . HOH G 5 .   ? -12.496 -14.064 6.965   1.00 44.36  ? 181 HOH A O   1 
HETATM 1320 O  O   . HOH G 5 .   ? 8.517   1.768   9.206   1.00 26.62  ? 182 HOH A O   1 
HETATM 1321 O  O   . HOH G 5 .   ? 13.562  0.281   13.570  1.00 33.42  ? 183 HOH A O   1 
HETATM 1322 O  O   . HOH G 5 .   ? 5.950   -4.009  13.675  1.00 21.81  ? 185 HOH A O   1 
HETATM 1323 O  O   . HOH G 5 .   ? 9.573   -8.168  5.632   1.00 39.14  ? 186 HOH A O   1 
HETATM 1324 O  O   . HOH G 5 .   ? 3.496   -18.246 -0.376  1.00 39.71  ? 187 HOH A O   1 
HETATM 1325 O  O   . HOH G 5 .   ? 7.290   -2.106  14.419  1.00 49.15  ? 188 HOH A O   1 
HETATM 1326 O  O   . HOH G 5 .   ? 9.271   14.471  -2.400  1.00 36.86  ? 190 HOH A O   1 
HETATM 1327 O  O   . HOH G 5 .   ? -17.376 -7.088  10.592  1.00 18.98  ? 193 HOH A O   1 
HETATM 1328 O  O   . HOH G 5 .   ? -0.971  -12.369 3.823   1.00 33.83  ? 195 HOH A O   1 
HETATM 1329 O  O   . HOH G 5 .   ? 24.797  3.660   3.167   1.00 31.57  ? 196 HOH A O   1 
HETATM 1330 O  O   . HOH G 5 .   ? 14.434  14.844  10.113  1.00 18.56  ? 198 HOH A O   1 
HETATM 1331 O  O   . HOH G 5 .   ? -4.829  -12.660 5.675   1.00 22.75  ? 199 HOH A O   1 
HETATM 1332 O  O   . HOH G 5 .   ? 5.537   0.647   12.766  1.00 43.89  ? 201 HOH A O   1 
HETATM 1333 O  O   . HOH G 5 .   ? 6.513   6.205   -2.143  1.00 37.89  ? 203 HOH A O   1 
HETATM 1334 O  O   . HOH G 5 .   ? 6.057   3.605   -3.536  1.00 34.87  ? 204 HOH A O   1 
HETATM 1335 O  O   . HOH G 5 .   ? 2.273   1.262   -7.481  1.00 30.45  ? 207 HOH A O   1 
HETATM 1336 O  O   . HOH G 5 .   ? -2.961  -0.705  -3.871  1.00 20.27  ? 208 HOH A O   1 
HETATM 1337 O  O   . HOH G 5 .   ? -10.858 -15.720 -0.885  1.00 27.06  ? 210 HOH A O   1 
HETATM 1338 O  O   . HOH G 5 .   ? -0.383  -6.690  -13.643 1.00 18.91  ? 211 HOH A O   1 
HETATM 1339 O  O   . HOH G 5 .   ? -17.211 -8.198  2.939   1.00 21.76  ? 213 HOH A O   1 
HETATM 1340 O  O   . HOH G 5 .   ? -18.336 -11.727 -8.593  1.00 37.01  ? 217 HOH A O   1 
HETATM 1341 O  O   . HOH G 5 .   ? -12.138 4.886   -14.292 1.00 39.92  ? 220 HOH A O   1 
HETATM 1342 O  O   . HOH G 5 .   ? 9.627   -9.596  0.396   1.00 39.14  ? 221 HOH A O   1 
HETATM 1343 O  O   . HOH G 5 .   ? 2.356   -17.920 2.149   1.00 35.77  ? 223 HOH A O   1 
HETATM 1344 O  O   . HOH G 5 .   ? -9.545  -7.542  14.125  1.00 36.91  ? 226 HOH A O   1 
HETATM 1345 O  O   . HOH G 5 .   ? 7.605   2.256   -5.328  1.00 41.15  ? 229 HOH A O   1 
HETATM 1346 O  O   . HOH G 5 .   ? -6.012  -18.000 -5.692  1.00 42.19  ? 231 HOH A O   1 
HETATM 1347 O  O   . HOH G 5 .   ? -2.345  -10.296 -13.888 1.00 48.90  ? 232 HOH A O   1 
HETATM 1348 O  O   . HOH G 5 .   ? -21.393 -8.830  -7.900  1.00 32.31  ? 235 HOH A O   1 
HETATM 1349 O  O   . HOH G 5 .   ? -16.763 -13.097 -7.020  1.00 39.92  ? 238 HOH A O   1 
HETATM 1350 O  O   . HOH G 5 .   ? 14.811  0.235   11.377  1.00 24.24  ? 239 HOH A O   1 
HETATM 1351 O  O   . HOH G 5 .   ? 15.621  -7.404  7.436   1.00 28.73  ? 240 HOH A O   1 
HETATM 1352 O  O   . HOH G 5 .   ? -15.382 1.690   -13.999 1.00 31.38  ? 251 HOH A O   1 
HETATM 1353 O  O   . HOH G 5 .   ? 3.225   2.514   -2.432  1.00 43.61  ? 256 HOH A O   1 
HETATM 1354 O  O   . HOH G 5 .   ? 4.521   3.329   0.288   1.00 32.40  ? 265 HOH A O   1 
HETATM 1355 O  O   . HOH G 5 .   ? -12.207 6.207   12.526  1.00 44.84  ? 268 HOH A O   1 
HETATM 1356 O  O   . HOH G 5 .   ? 8.337   5.311   -9.239  1.00 50.24  ? 269 HOH A O   1 
HETATM 1357 O  O   . HOH G 5 .   ? -8.596  8.166   -5.968  1.00 41.40  ? 270 HOH A O   1 
HETATM 1358 O  O   . HOH G 5 .   ? -15.886 -14.695 -4.473  1.00 37.64  ? 277 HOH A O   1 
HETATM 1359 O  O   . HOH G 5 .   ? 23.321  11.391  4.769   1.00 50.12  ? 278 HOH A O   1 
HETATM 1360 O  O   . HOH G 5 .   ? 9.392   9.531   6.524   1.00 48.91  ? 281 HOH A O   1 
HETATM 1361 O  O   . HOH G 5 .   ? 9.976   5.030   10.023  1.00 32.02  ? 282 HOH A O   1 
HETATM 1362 O  O   . HOH G 5 .   ? 2.688   -18.186 -4.079  1.00 37.59  ? 288 HOH A O   1 
HETATM 1363 O  O   . HOH G 5 .   ? -18.254 -11.206 6.706   1.00 20.81  ? 291 HOH A O   1 
HETATM 1364 O  O   . HOH G 5 .   ? -22.254 -6.845  -7.361  1.00 27.89  ? 293 HOH A O   1 
HETATM 1365 O  O   . HOH G 5 .   ? -1.234  -18.904 -2.836  1.00 42.91  ? 296 HOH A O   1 
HETATM 1366 O  O   . HOH G 5 .   ? -19.721 0.353   5.315   1.00 42.72  ? 301 HOH A O   1 
HETATM 1367 O  O   . HOH G 5 .   ? -13.549 -16.377 -3.293  1.00 22.14  ? 309 HOH A O   1 
HETATM 1368 O  O   . HOH G 5 .   ? -20.530 -10.863 -5.962  1.00 54.31  ? 311 HOH A O   1 
HETATM 1369 O  O   . HOH G 5 .   ? 13.239  -7.658  9.255   1.00 51.75  ? 320 HOH A O   1 
# 
loop_
_pdbx_poly_seq_scheme.asym_id 
_pdbx_poly_seq_scheme.entity_id 
_pdbx_poly_seq_scheme.seq_id 
_pdbx_poly_seq_scheme.mon_id 
_pdbx_poly_seq_scheme.ndb_seq_num 
_pdbx_poly_seq_scheme.pdb_seq_num 
_pdbx_poly_seq_scheme.auth_seq_num 
_pdbx_poly_seq_scheme.pdb_mon_id 
_pdbx_poly_seq_scheme.auth_mon_id 
_pdbx_poly_seq_scheme.pdb_strand_id 
_pdbx_poly_seq_scheme.pdb_ins_code 
_pdbx_poly_seq_scheme.hetero 
A 1 1   MET 1   1   1   MET MET A . n 
A 1 2   ASN 2   2   2   ASN ASN A . n 
A 1 3   ILE 3   3   3   ILE ILE A . n 
A 1 4   PHE 4   4   4   PHE PHE A . n 
A 1 5   GLU 5   5   5   GLU GLU A . n 
A 1 6   MET 6   6   6   MET MET A . n 
A 1 7   LEU 7   7   7   LEU LEU A . n 
A 1 8   ARG 8   8   8   ARG ARG A . n 
A 1 9   ILE 9   9   9   ILE ILE A . n 
A 1 10  ASP 10  10  10  ASP ASP A . n 
A 1 11  GLU 11  11  11  GLU GLU A . n 
A 1 12  GLY 12  12  12  GLY GLY A . n 
A 1 13  LEU 13  13  13  LEU LEU A . n 
A 1 14  ARG 14  14  14  ARG ARG A . n 
A 1 15  LEU 15  15  15  LEU LEU A . n 
A 1 16  LYS 16  16  16  LYS LYS A . n 
A 1 17  ILE 17  17  17  ILE ILE A . n 
A 1 18  TYR 18  18  18  TYR TYR A . n 
A 1 19  LYS 19  19  19  LYS LYS A . n 
A 1 20  ASP 20  20  20  ASP ASP A . n 
A 1 21  THR 21  21  21  THR THR A . n 
A 1 22  GLU 22  22  22  GLU GLU A . n 
A 1 23  GLY 23  23  23  GLY GLY A . n 
A 1 24  TYR 24  24  24  TYR TYR A . n 
A 1 25  TYR 25  25  25  TYR TYR A . n 
A 1 26  THR 26  26  26  THR THR A . n 
A 1 27  ILE 27  27  27  ILE ILE A . n 
A 1 28  GLY 28  28  28  GLY GLY A . n 
A 1 29  ILE 29  29  29  ILE ILE A . n 
A 1 30  GLY 30  30  30  GLY GLY A . n 
A 1 31  HIS 31  31  31  HIS HIS A . n 
A 1 32  LEU 32  32  32  LEU LEU A . n 
A 1 33  LEU 33  33  33  LEU LEU A . n 
A 1 34  THR 34  34  34  THR THR A . n 
A 1 35  LYS 35  35  35  LYS LYS A . n 
A 1 36  SER 36  36  36  SER SER A . n 
A 1 37  PRO 37  37  37  PRO PRO A . n 
A 1 38  SER 38  38  38  SER SER A . n 
A 1 39  LEU 39  39  39  LEU LEU A . n 
A 1 40  ASN 40  40  40  ASN ASN A . n 
A 1 41  ALA 41  41  41  ALA ALA A . n 
A 1 42  ALA 42  42  42  ALA ALA A . n 
A 1 43  LYS 43  43  43  LYS LYS A . n 
A 1 44  SER 44  44  44  SER SER A . n 
A 1 45  GLU 45  45  45  GLU GLU A . n 
A 1 46  LEU 46  46  46  LEU LEU A . n 
A 1 47  ASP 47  47  47  ASP ASP A . n 
A 1 48  LYS 48  48  48  LYS LYS A . n 
A 1 49  ALA 49  49  49  ALA ALA A . n 
A 1 50  ILE 50  50  50  ILE ILE A . n 
A 1 51  GLY 51  51  51  GLY GLY A . n 
A 1 52  ARG 52  52  52  ARG ARG A . n 
A 1 53  ASN 53  53  53  ASN ASN A . n 
A 1 54  CYS 54  54  54  CYS CYS A . n 
A 1 55  ASN 55  55  55  ASN ASN A . n 
A 1 56  GLY 56  56  56  GLY GLY A . n 
A 1 57  VAL 57  57  57  VAL VAL A . n 
A 1 58  ILE 58  58  58  ILE ILE A . n 
A 1 59  THR 59  59  59  THR THR A . n 
A 1 60  LYS 60  60  60  LYS LYS A . n 
A 1 61  ASP 61  61  61  ASP ASP A . n 
A 1 62  GLU 62  62  62  GLU GLU A . n 
A 1 63  ALA 63  63  63  ALA ALA A . n 
A 1 64  GLU 64  64  64  GLU GLU A . n 
A 1 65  LYS 65  65  65  LYS LYS A . n 
A 1 66  LEU 66  66  66  LEU LEU A . n 
A 1 67  PHE 67  67  67  PHE PHE A . n 
A 1 68  ASN 68  68  68  ASN ASN A . n 
A 1 69  GLN 69  69  69  GLN GLN A . n 
A 1 70  ASP 70  70  70  ASP ASP A . n 
A 1 71  VAL 71  71  71  VAL VAL A . n 
A 1 72  ASP 72  72  72  ASP ASP A . n 
A 1 73  ALA 73  73  73  ALA ALA A . n 
A 1 74  ALA 74  74  74  ALA ALA A . n 
A 1 75  VAL 75  75  75  VAL VAL A . n 
A 1 76  ARG 76  76  76  ARG ARG A . n 
A 1 77  GLY 77  77  77  GLY GLY A . n 
A 1 78  ILE 78  78  78  ILE ILE A . n 
A 1 79  LEU 79  79  79  LEU LEU A . n 
A 1 80  ARG 80  80  80  ARG ARG A . n 
A 1 81  ASN 81  81  81  ASN ASN A . n 
A 1 82  ALA 82  82  82  ALA ALA A . n 
A 1 83  LYS 83  83  83  LYS LYS A . n 
A 1 84  LEU 84  84  84  LEU LEU A . n 
A 1 85  LYS 85  85  85  LYS LYS A . n 
A 1 86  PRO 86  86  86  PRO PRO A . n 
A 1 87  VAL 87  87  87  VAL VAL A . n 
A 1 88  TYR 88  88  88  TYR TYR A . n 
A 1 89  ASP 89  89  89  ASP ASP A . n 
A 1 90  SER 90  90  90  SER SER A . n 
A 1 91  LEU 91  91  91  LEU LEU A . n 
A 1 92  ASP 92  92  92  ASP ASP A . n 
A 1 93  ALA 93  93  93  ALA ALA A . n 
A 1 94  VAL 94  94  94  VAL VAL A . n 
A 1 95  ARG 95  95  95  ARG ARG A . n 
A 1 96  ARG 96  96  96  ARG ARG A . n 
A 1 97  CYS 97  97  97  CYS CYS A . n 
A 1 98  ALA 98  98  98  ALA ALA A . n 
A 1 99  ALA 99  99  99  ALA ALA A . n 
A 1 100 ILE 100 100 100 ILE ILE A . n 
A 1 101 ASN 101 101 101 ASN ASN A . n 
A 1 102 GLN 102 102 102 GLN GLN A . n 
A 1 103 VAL 103 103 103 VAL VAL A . n 
A 1 104 PHE 104 104 104 PHE PHE A . n 
A 1 105 GLN 105 105 105 GLN GLN A . n 
A 1 106 MET 106 106 106 MET MET A . n 
A 1 107 GLY 107 107 107 GLY GLY A . n 
A 1 108 GLU 108 108 108 GLU GLU A . n 
A 1 109 THR 109 109 109 THR THR A . n 
A 1 110 GLY 110 110 110 GLY GLY A . n 
A 1 111 VAL 111 111 111 VAL VAL A . n 
A 1 112 ALA 112 112 112 ALA ALA A . n 
A 1 113 GLY 113 113 113 GLY GLY A . n 
A 1 114 PHE 114 114 114 PHE PHE A . n 
A 1 115 THR 115 115 115 THR THR A . n 
A 1 116 ASN 116 116 116 ASN ASN A . n 
A 1 117 SER 117 117 117 SER SER A . n 
A 1 118 LEU 118 118 118 LEU LEU A . n 
A 1 119 ARG 119 119 119 ARG ARG A . n 
A 1 120 MET 120 120 120 MET MET A . n 
A 1 121 LEU 121 121 121 LEU LEU A . n 
A 1 122 GLN 122 122 122 GLN GLN A . n 
A 1 123 GLN 123 123 123 GLN GLN A . n 
A 1 124 LYS 124 124 124 LYS LYS A . n 
A 1 125 ARG 125 125 125 ARG ARG A . n 
A 1 126 TRP 126 126 126 TRP TRP A . n 
A 1 127 ASP 127 127 127 ASP ASP A . n 
A 1 128 GLU 128 128 128 GLU GLU A . n 
A 1 129 ALA 129 129 129 ALA ALA A . n 
A 1 130 ALA 130 130 130 ALA ALA A . n 
A 1 131 VAL 131 131 131 VAL VAL A . n 
A 1 132 ASN 132 132 132 ASN ASN A . n 
A 1 133 LEU 133 133 133 LEU LEU A . n 
A 1 134 ALA 134 134 134 ALA ALA A . n 
A 1 135 LYS 135 135 135 LYS LYS A . n 
A 1 136 SER 136 136 136 SER SER A . n 
A 1 137 ARG 137 137 137 ARG ARG A . n 
A 1 138 TRP 138 138 138 TRP TRP A . n 
A 1 139 TYR 139 139 139 TYR TYR A . n 
A 1 140 ASN 140 140 140 ASN ASN A . n 
A 1 141 GLN 141 141 141 GLN GLN A . n 
A 1 142 THR 142 142 142 THR THR A . n 
A 1 143 PRO 143 143 143 PRO PRO A . n 
A 1 144 ASN 144 144 144 ASN ASN A . n 
A 1 145 ARG 145 145 145 ARG ARG A . n 
A 1 146 ALA 146 146 146 ALA ALA A . n 
A 1 147 LYS 147 147 147 LYS LYS A . n 
A 1 148 ARG 148 148 148 ARG ARG A . n 
A 1 149 VAL 149 149 149 VAL VAL A . n 
A 1 150 ILE 150 150 150 ILE ILE A . n 
A 1 151 THR 151 151 151 THR THR A . n 
A 1 152 THR 152 152 152 THR THR A . n 
A 1 153 PHE 153 153 153 PHE PHE A . n 
A 1 154 ARG 154 154 154 ARG ARG A . n 
A 1 155 THR 155 155 155 THR THR A . n 
A 1 156 GLY 156 156 156 GLY GLY A . n 
A 1 157 THR 157 157 157 THR THR A . n 
A 1 158 TRP 158 158 158 TRP TRP A . n 
A 1 159 ASP 159 159 159 ASP ASP A . n 
A 1 160 ALA 160 160 160 ALA ALA A . n 
A 1 161 TYR 161 161 161 TYR TYR A . n 
A 1 162 LYS 162 162 162 LYS LYS A . n 
A 1 163 ASN 163 163 ?   ?   ?   A . n 
A 1 164 LEU 164 164 ?   ?   ?   A . n 
# 
loop_
_pdbx_nonpoly_scheme.asym_id 
_pdbx_nonpoly_scheme.entity_id 
_pdbx_nonpoly_scheme.mon_id 
_pdbx_nonpoly_scheme.ndb_seq_num 
_pdbx_nonpoly_scheme.pdb_seq_num 
_pdbx_nonpoly_scheme.auth_seq_num 
_pdbx_nonpoly_scheme.pdb_mon_id 
_pdbx_nonpoly_scheme.auth_mon_id 
_pdbx_nonpoly_scheme.pdb_strand_id 
_pdbx_nonpoly_scheme.pdb_ins_code 
B 2 CL  1  173 173 CL  SOL A . 
C 2 CL  1  178 178 CL  SOL A . 
D 3 2LP 1  403 403 2LP ALP A . 
E 4 BME 1  169 169 BME BME A . 
F 4 BME 1  170 170 BME BME A . 
G 5 HOH 1  171 171 HOH SOL A . 
G 5 HOH 2  172 172 HOH SOL A . 
G 5 HOH 3  174 174 HOH SOL A . 
G 5 HOH 4  175 175 HOH SOL A . 
G 5 HOH 5  176 176 HOH SOL A . 
G 5 HOH 6  177 177 HOH SOL A . 
G 5 HOH 7  179 179 HOH SOL A . 
G 5 HOH 8  180 180 HOH SOL A . 
G 5 HOH 9  181 181 HOH SOL A . 
G 5 HOH 10 182 182 HOH SOL A . 
G 5 HOH 11 183 183 HOH SOL A . 
G 5 HOH 12 185 185 HOH SOL A . 
G 5 HOH 13 186 186 HOH SOL A . 
G 5 HOH 14 187 187 HOH SOL A . 
G 5 HOH 15 188 188 HOH SOL A . 
G 5 HOH 16 190 190 HOH SOL A . 
G 5 HOH 17 193 193 HOH SOL A . 
G 5 HOH 18 195 195 HOH SOL A . 
G 5 HOH 19 196 196 HOH SOL A . 
G 5 HOH 20 198 198 HOH SOL A . 
G 5 HOH 21 199 199 HOH SOL A . 
G 5 HOH 22 201 201 HOH SOL A . 
G 5 HOH 23 203 203 HOH SOL A . 
G 5 HOH 24 204 204 HOH SOL A . 
G 5 HOH 25 207 207 HOH SOL A . 
G 5 HOH 26 208 208 HOH SOL A . 
G 5 HOH 27 210 210 HOH SOL A . 
G 5 HOH 28 211 211 HOH SOL A . 
G 5 HOH 29 213 213 HOH SOL A . 
G 5 HOH 30 217 217 HOH SOL A . 
G 5 HOH 31 220 220 HOH SOL A . 
G 5 HOH 32 221 221 HOH SOL A . 
G 5 HOH 33 223 223 HOH SOL A . 
G 5 HOH 34 226 226 HOH SOL A . 
G 5 HOH 35 229 229 HOH SOL A . 
G 5 HOH 36 231 231 HOH SOL A . 
G 5 HOH 37 232 232 HOH SOL A . 
G 5 HOH 38 235 235 HOH SOL A . 
G 5 HOH 39 238 238 HOH SOL A . 
G 5 HOH 40 239 239 HOH SOL A . 
G 5 HOH 41 240 240 HOH SOL A . 
G 5 HOH 42 251 251 HOH SOL A . 
G 5 HOH 43 256 256 HOH SOL A . 
G 5 HOH 44 265 265 HOH SOL A . 
G 5 HOH 45 268 268 HOH SOL A . 
G 5 HOH 46 269 269 HOH SOL A . 
G 5 HOH 47 270 270 HOH SOL A . 
G 5 HOH 48 277 277 HOH SOL A . 
G 5 HOH 49 278 278 HOH SOL A . 
G 5 HOH 50 281 281 HOH SOL A . 
G 5 HOH 51 282 282 HOH SOL A . 
G 5 HOH 52 288 288 HOH SOL A . 
G 5 HOH 53 291 291 HOH SOL A . 
G 5 HOH 54 293 293 HOH SOL A . 
G 5 HOH 55 296 296 HOH SOL A . 
G 5 HOH 56 301 301 HOH SOL A . 
G 5 HOH 57 309 309 HOH SOL A . 
G 5 HOH 58 311 311 HOH SOL A . 
G 5 HOH 59 320 320 HOH SOL A . 
# 
_pdbx_struct_assembly.id                   1 
_pdbx_struct_assembly.details              author_defined_assembly 
_pdbx_struct_assembly.method_details       ? 
_pdbx_struct_assembly.oligomeric_details   monomeric 
_pdbx_struct_assembly.oligomeric_count     1 
# 
_pdbx_struct_assembly_gen.assembly_id       1 
_pdbx_struct_assembly_gen.oper_expression   1 
_pdbx_struct_assembly_gen.asym_id_list      A,B,C,D,E,F,G 
# 
_pdbx_struct_oper_list.id                   1 
_pdbx_struct_oper_list.type                 'identity operation' 
_pdbx_struct_oper_list.name                 1_555 
_pdbx_struct_oper_list.symmetry_operation   x,y,z 
_pdbx_struct_oper_list.matrix[1][1]         1.0000000000 
_pdbx_struct_oper_list.matrix[1][2]         0.0000000000 
_pdbx_struct_oper_list.matrix[1][3]         0.0000000000 
_pdbx_struct_oper_list.vector[1]            0.0000000000 
_pdbx_struct_oper_list.matrix[2][1]         0.0000000000 
_pdbx_struct_oper_list.matrix[2][2]         1.0000000000 
_pdbx_struct_oper_list.matrix[2][3]         0.0000000000 
_pdbx_struct_oper_list.vector[2]            0.0000000000 
_pdbx_struct_oper_list.matrix[3][1]         0.0000000000 
_pdbx_struct_oper_list.matrix[3][2]         0.0000000000 
_pdbx_struct_oper_list.matrix[3][3]         1.0000000000 
_pdbx_struct_oper_list.vector[3]            0.0000000000 
# 
loop_
_pdbx_audit_revision_history.ordinal 
_pdbx_audit_revision_history.data_content_type 
_pdbx_audit_revision_history.major_revision 
_pdbx_audit_revision_history.minor_revision 
_pdbx_audit_revision_history.revision_date 
1 'Structure model' 1 0 2004-04-06 
2 'Structure model' 1 1 2008-04-29 
3 'Structure model' 1 2 2011-07-13 
4 'Structure model' 1 3 2021-10-27 
5 'Structure model' 1 4 2023-08-16 
# 
_pdbx_audit_revision_details.ordinal             1 
_pdbx_audit_revision_details.revision_ordinal    1 
_pdbx_audit_revision_details.data_content_type   'Structure model' 
_pdbx_audit_revision_details.provider            repository 
_pdbx_audit_revision_details.type                'Initial release' 
_pdbx_audit_revision_details.description         ? 
_pdbx_audit_revision_details.details             ? 
# 
loop_
_pdbx_audit_revision_group.ordinal 
_pdbx_audit_revision_group.revision_ordinal 
_pdbx_audit_revision_group.data_content_type 
_pdbx_audit_revision_group.group 
1 2 'Structure model' 'Version format compliance' 
2 3 'Structure model' 'Version format compliance' 
3 4 'Structure model' 'Database references'       
4 4 'Structure model' 'Derived calculations'      
5 5 'Structure model' 'Data collection'           
6 5 'Structure model' 'Refinement description'    
# 
loop_
_pdbx_audit_revision_category.ordinal 
_pdbx_audit_revision_category.revision_ordinal 
_pdbx_audit_revision_category.data_content_type 
_pdbx_audit_revision_category.category 
1 4 'Structure model' database_2                    
2 4 'Structure model' struct_ref_seq_dif            
3 4 'Structure model' struct_site                   
4 5 'Structure model' chem_comp_atom                
5 5 'Structure model' chem_comp_bond                
6 5 'Structure model' pdbx_initial_refinement_model 
# 
loop_
_pdbx_audit_revision_item.ordinal 
_pdbx_audit_revision_item.revision_ordinal 
_pdbx_audit_revision_item.data_content_type 
_pdbx_audit_revision_item.item 
1 4 'Structure model' '_database_2.pdbx_DOI'                
2 4 'Structure model' '_database_2.pdbx_database_accession' 
3 4 'Structure model' '_struct_ref_seq_dif.details'         
4 4 'Structure model' '_struct_site.pdbx_auth_asym_id'      
5 4 'Structure model' '_struct_site.pdbx_auth_comp_id'      
6 4 'Structure model' '_struct_site.pdbx_auth_seq_id'       
# 
loop_
_software.name 
_software.classification 
_software.version 
_software.citation_id 
_software.pdbx_ordinal 
San  'data collection' 'Diego Multiwire' ? 1 
San  'data reduction'  'Diego Multiwire' ? 2 
TNT  refinement        .                 ? 3 
SDMS 'data reduction'  .                 ? 4 
SDMS 'data scaling'    .                 ? 5 
TNT  phasing           .                 ? 6 
# 
loop_
_pdbx_validate_rmsd_bond.id 
_pdbx_validate_rmsd_bond.PDB_model_num 
_pdbx_validate_rmsd_bond.auth_atom_id_1 
_pdbx_validate_rmsd_bond.auth_asym_id_1 
_pdbx_validate_rmsd_bond.auth_comp_id_1 
_pdbx_validate_rmsd_bond.auth_seq_id_1 
_pdbx_validate_rmsd_bond.PDB_ins_code_1 
_pdbx_validate_rmsd_bond.label_alt_id_1 
_pdbx_validate_rmsd_bond.auth_atom_id_2 
_pdbx_validate_rmsd_bond.auth_asym_id_2 
_pdbx_validate_rmsd_bond.auth_comp_id_2 
_pdbx_validate_rmsd_bond.auth_seq_id_2 
_pdbx_validate_rmsd_bond.PDB_ins_code_2 
_pdbx_validate_rmsd_bond.label_alt_id_2 
_pdbx_validate_rmsd_bond.bond_value 
_pdbx_validate_rmsd_bond.bond_target_value 
_pdbx_validate_rmsd_bond.bond_deviation 
_pdbx_validate_rmsd_bond.bond_standard_deviation 
_pdbx_validate_rmsd_bond.linker_flag 
1 1 CD A GLU 62  ? ? OE2 A GLU 62  ? ? 1.328 1.252 0.076 0.011 N 
2 1 CD A GLU 108 ? ? OE2 A GLU 108 ? ? 1.323 1.252 0.071 0.011 N 
# 
loop_
_pdbx_validate_rmsd_angle.id 
_pdbx_validate_rmsd_angle.PDB_model_num 
_pdbx_validate_rmsd_angle.auth_atom_id_1 
_pdbx_validate_rmsd_angle.auth_asym_id_1 
_pdbx_validate_rmsd_angle.auth_comp_id_1 
_pdbx_validate_rmsd_angle.auth_seq_id_1 
_pdbx_validate_rmsd_angle.PDB_ins_code_1 
_pdbx_validate_rmsd_angle.label_alt_id_1 
_pdbx_validate_rmsd_angle.auth_atom_id_2 
_pdbx_validate_rmsd_angle.auth_asym_id_2 
_pdbx_validate_rmsd_angle.auth_comp_id_2 
_pdbx_validate_rmsd_angle.auth_seq_id_2 
_pdbx_validate_rmsd_angle.PDB_ins_code_2 
_pdbx_validate_rmsd_angle.label_alt_id_2 
_pdbx_validate_rmsd_angle.auth_atom_id_3 
_pdbx_validate_rmsd_angle.auth_asym_id_3 
_pdbx_validate_rmsd_angle.auth_comp_id_3 
_pdbx_validate_rmsd_angle.auth_seq_id_3 
_pdbx_validate_rmsd_angle.PDB_ins_code_3 
_pdbx_validate_rmsd_angle.label_alt_id_3 
_pdbx_validate_rmsd_angle.angle_value 
_pdbx_validate_rmsd_angle.angle_target_value 
_pdbx_validate_rmsd_angle.angle_deviation 
_pdbx_validate_rmsd_angle.angle_standard_deviation 
_pdbx_validate_rmsd_angle.linker_flag 
1  1 CB A ASP 10  ? ? CG A ASP 10  ? ? OD1 A ASP 10  ? ? 124.05 118.30 5.75  0.90 N 
2  1 CB A ASP 10  ? ? CG A ASP 10  ? ? OD2 A ASP 10  ? ? 111.39 118.30 -6.91 0.90 N 
3  1 NE A ARG 52  ? ? CZ A ARG 52  ? ? NH1 A ARG 52  ? ? 123.50 120.30 3.20  0.50 N 
4  1 CB A ASP 70  ? ? CG A ASP 70  ? ? OD1 A ASP 70  ? ? 124.12 118.30 5.82  0.90 N 
5  1 CB A ASP 70  ? ? CG A ASP 70  ? ? OD2 A ASP 70  ? ? 111.36 118.30 -6.94 0.90 N 
6  1 CB A ASP 72  ? ? CG A ASP 72  ? ? OD2 A ASP 72  ? ? 110.20 118.30 -8.10 0.90 N 
7  1 NE A ARG 76  ? ? CZ A ARG 76  ? ? NH1 A ARG 76  ? ? 123.73 120.30 3.43  0.50 N 
8  1 CB A ASP 89  ? ? CG A ASP 89  ? ? OD1 A ASP 89  ? ? 124.80 118.30 6.50  0.90 N 
9  1 CB A ASP 89  ? ? CG A ASP 89  ? ? OD2 A ASP 89  ? ? 109.37 118.30 -8.93 0.90 N 
10 1 CB A ASP 92  ? ? CG A ASP 92  ? ? OD1 A ASP 92  ? ? 126.13 118.30 7.83  0.90 N 
11 1 CB A ASP 92  ? ? CG A ASP 92  ? ? OD2 A ASP 92  ? ? 111.18 118.30 -7.12 0.90 N 
12 1 NE A ARG 95  ? ? CZ A ARG 95  ? ? NH1 A ARG 95  ? ? 123.34 120.30 3.04  0.50 N 
13 1 NE A ARG 95  ? ? CZ A ARG 95  ? ? NH2 A ARG 95  ? ? 114.80 120.30 -5.50 0.50 N 
14 1 NE A ARG 137 ? ? CZ A ARG 137 ? ? NH1 A ARG 137 ? ? 123.97 120.30 3.67  0.50 N 
15 1 NE A ARG 137 ? ? CZ A ARG 137 ? ? NH2 A ARG 137 ? ? 116.57 120.30 -3.73 0.50 N 
16 1 NE A ARG 148 ? ? CZ A ARG 148 ? ? NH1 A ARG 148 ? ? 127.06 120.30 6.76  0.50 N 
17 1 NE A ARG 148 ? ? CZ A ARG 148 ? ? NH2 A ARG 148 ? ? 116.54 120.30 -3.76 0.50 N 
# 
loop_
_pdbx_validate_torsion.id 
_pdbx_validate_torsion.PDB_model_num 
_pdbx_validate_torsion.auth_comp_id 
_pdbx_validate_torsion.auth_asym_id 
_pdbx_validate_torsion.auth_seq_id 
_pdbx_validate_torsion.PDB_ins_code 
_pdbx_validate_torsion.label_alt_id 
_pdbx_validate_torsion.phi 
_pdbx_validate_torsion.psi 
1 1 ILE A 29  ? ? -106.51 71.13 
2 1 PHE A 114 ? ? -94.39  32.96 
3 1 LYS A 124 ? ? 70.79   30.90 
# 
loop_
_pdbx_unobs_or_zero_occ_residues.id 
_pdbx_unobs_or_zero_occ_residues.PDB_model_num 
_pdbx_unobs_or_zero_occ_residues.polymer_flag 
_pdbx_unobs_or_zero_occ_residues.occupancy_flag 
_pdbx_unobs_or_zero_occ_residues.auth_asym_id 
_pdbx_unobs_or_zero_occ_residues.auth_comp_id 
_pdbx_unobs_or_zero_occ_residues.auth_seq_id 
_pdbx_unobs_or_zero_occ_residues.PDB_ins_code 
_pdbx_unobs_or_zero_occ_residues.label_asym_id 
_pdbx_unobs_or_zero_occ_residues.label_comp_id 
_pdbx_unobs_or_zero_occ_residues.label_seq_id 
1 1 Y 1 A ASN 163 ? A ASN 163 
2 1 Y 1 A LEU 164 ? A LEU 164 
# 
loop_
_chem_comp_atom.comp_id 
_chem_comp_atom.atom_id 
_chem_comp_atom.type_symbol 
_chem_comp_atom.pdbx_aromatic_flag 
_chem_comp_atom.pdbx_stereo_config 
_chem_comp_atom.pdbx_ordinal 
2LP C1   C  Y N 1   
2LP C2   C  Y N 2   
2LP C3   C  Y N 3   
2LP C4   C  N N 4   
2LP C5   C  Y N 5   
2LP O6   O  N N 6   
2LP C7   C  Y N 7   
2LP C8   C  Y N 8   
2LP C13  C  N N 9   
2LP C14  C  N N 10  
2LP HC3  H  N N 11  
2LP HC41 H  N N 12  
2LP HC42 H  N N 13  
2LP HC5  H  N N 14  
2LP HO6  H  N N 15  
2LP HC7  H  N N 16  
2LP HC8  H  N N 17  
2LP H13  H  N N 18  
2LP H141 H  N N 19  
2LP H142 H  N N 20  
ALA N    N  N N 21  
ALA CA   C  N S 22  
ALA C    C  N N 23  
ALA O    O  N N 24  
ALA CB   C  N N 25  
ALA OXT  O  N N 26  
ALA H    H  N N 27  
ALA H2   H  N N 28  
ALA HA   H  N N 29  
ALA HB1  H  N N 30  
ALA HB2  H  N N 31  
ALA HB3  H  N N 32  
ALA HXT  H  N N 33  
ARG N    N  N N 34  
ARG CA   C  N S 35  
ARG C    C  N N 36  
ARG O    O  N N 37  
ARG CB   C  N N 38  
ARG CG   C  N N 39  
ARG CD   C  N N 40  
ARG NE   N  N N 41  
ARG CZ   C  N N 42  
ARG NH1  N  N N 43  
ARG NH2  N  N N 44  
ARG OXT  O  N N 45  
ARG H    H  N N 46  
ARG H2   H  N N 47  
ARG HA   H  N N 48  
ARG HB2  H  N N 49  
ARG HB3  H  N N 50  
ARG HG2  H  N N 51  
ARG HG3  H  N N 52  
ARG HD2  H  N N 53  
ARG HD3  H  N N 54  
ARG HE   H  N N 55  
ARG HH11 H  N N 56  
ARG HH12 H  N N 57  
ARG HH21 H  N N 58  
ARG HH22 H  N N 59  
ARG HXT  H  N N 60  
ASN N    N  N N 61  
ASN CA   C  N S 62  
ASN C    C  N N 63  
ASN O    O  N N 64  
ASN CB   C  N N 65  
ASN CG   C  N N 66  
ASN OD1  O  N N 67  
ASN ND2  N  N N 68  
ASN OXT  O  N N 69  
ASN H    H  N N 70  
ASN H2   H  N N 71  
ASN HA   H  N N 72  
ASN HB2  H  N N 73  
ASN HB3  H  N N 74  
ASN HD21 H  N N 75  
ASN HD22 H  N N 76  
ASN HXT  H  N N 77  
ASP N    N  N N 78  
ASP CA   C  N S 79  
ASP C    C  N N 80  
ASP O    O  N N 81  
ASP CB   C  N N 82  
ASP CG   C  N N 83  
ASP OD1  O  N N 84  
ASP OD2  O  N N 85  
ASP OXT  O  N N 86  
ASP H    H  N N 87  
ASP H2   H  N N 88  
ASP HA   H  N N 89  
ASP HB2  H  N N 90  
ASP HB3  H  N N 91  
ASP HD2  H  N N 92  
ASP HXT  H  N N 93  
BME C1   C  N N 94  
BME C2   C  N N 95  
BME O1   O  N N 96  
BME S2   S  N N 97  
BME H11  H  N N 98  
BME H12  H  N N 99  
BME H21  H  N N 100 
BME H22  H  N N 101 
BME HO1  H  N N 102 
BME HS2  H  N N 103 
CL  CL   CL N N 104 
CYS N    N  N N 105 
CYS CA   C  N R 106 
CYS C    C  N N 107 
CYS O    O  N N 108 
CYS CB   C  N N 109 
CYS SG   S  N N 110 
CYS OXT  O  N N 111 
CYS H    H  N N 112 
CYS H2   H  N N 113 
CYS HA   H  N N 114 
CYS HB2  H  N N 115 
CYS HB3  H  N N 116 
CYS HG   H  N N 117 
CYS HXT  H  N N 118 
GLN N    N  N N 119 
GLN CA   C  N S 120 
GLN C    C  N N 121 
GLN O    O  N N 122 
GLN CB   C  N N 123 
GLN CG   C  N N 124 
GLN CD   C  N N 125 
GLN OE1  O  N N 126 
GLN NE2  N  N N 127 
GLN OXT  O  N N 128 
GLN H    H  N N 129 
GLN H2   H  N N 130 
GLN HA   H  N N 131 
GLN HB2  H  N N 132 
GLN HB3  H  N N 133 
GLN HG2  H  N N 134 
GLN HG3  H  N N 135 
GLN HE21 H  N N 136 
GLN HE22 H  N N 137 
GLN HXT  H  N N 138 
GLU N    N  N N 139 
GLU CA   C  N S 140 
GLU C    C  N N 141 
GLU O    O  N N 142 
GLU CB   C  N N 143 
GLU CG   C  N N 144 
GLU CD   C  N N 145 
GLU OE1  O  N N 146 
GLU OE2  O  N N 147 
GLU OXT  O  N N 148 
GLU H    H  N N 149 
GLU H2   H  N N 150 
GLU HA   H  N N 151 
GLU HB2  H  N N 152 
GLU HB3  H  N N 153 
GLU HG2  H  N N 154 
GLU HG3  H  N N 155 
GLU HE2  H  N N 156 
GLU HXT  H  N N 157 
GLY N    N  N N 158 
GLY CA   C  N N 159 
GLY C    C  N N 160 
GLY O    O  N N 161 
GLY OXT  O  N N 162 
GLY H    H  N N 163 
GLY H2   H  N N 164 
GLY HA2  H  N N 165 
GLY HA3  H  N N 166 
GLY HXT  H  N N 167 
HIS N    N  N N 168 
HIS CA   C  N S 169 
HIS C    C  N N 170 
HIS O    O  N N 171 
HIS CB   C  N N 172 
HIS CG   C  Y N 173 
HIS ND1  N  Y N 174 
HIS CD2  C  Y N 175 
HIS CE1  C  Y N 176 
HIS NE2  N  Y N 177 
HIS OXT  O  N N 178 
HIS H    H  N N 179 
HIS H2   H  N N 180 
HIS HA   H  N N 181 
HIS HB2  H  N N 182 
HIS HB3  H  N N 183 
HIS HD1  H  N N 184 
HIS HD2  H  N N 185 
HIS HE1  H  N N 186 
HIS HE2  H  N N 187 
HIS HXT  H  N N 188 
HOH O    O  N N 189 
HOH H1   H  N N 190 
HOH H2   H  N N 191 
ILE N    N  N N 192 
ILE CA   C  N S 193 
ILE C    C  N N 194 
ILE O    O  N N 195 
ILE CB   C  N S 196 
ILE CG1  C  N N 197 
ILE CG2  C  N N 198 
ILE CD1  C  N N 199 
ILE OXT  O  N N 200 
ILE H    H  N N 201 
ILE H2   H  N N 202 
ILE HA   H  N N 203 
ILE HB   H  N N 204 
ILE HG12 H  N N 205 
ILE HG13 H  N N 206 
ILE HG21 H  N N 207 
ILE HG22 H  N N 208 
ILE HG23 H  N N 209 
ILE HD11 H  N N 210 
ILE HD12 H  N N 211 
ILE HD13 H  N N 212 
ILE HXT  H  N N 213 
LEU N    N  N N 214 
LEU CA   C  N S 215 
LEU C    C  N N 216 
LEU O    O  N N 217 
LEU CB   C  N N 218 
LEU CG   C  N N 219 
LEU CD1  C  N N 220 
LEU CD2  C  N N 221 
LEU OXT  O  N N 222 
LEU H    H  N N 223 
LEU H2   H  N N 224 
LEU HA   H  N N 225 
LEU HB2  H  N N 226 
LEU HB3  H  N N 227 
LEU HG   H  N N 228 
LEU HD11 H  N N 229 
LEU HD12 H  N N 230 
LEU HD13 H  N N 231 
LEU HD21 H  N N 232 
LEU HD22 H  N N 233 
LEU HD23 H  N N 234 
LEU HXT  H  N N 235 
LYS N    N  N N 236 
LYS CA   C  N S 237 
LYS C    C  N N 238 
LYS O    O  N N 239 
LYS CB   C  N N 240 
LYS CG   C  N N 241 
LYS CD   C  N N 242 
LYS CE   C  N N 243 
LYS NZ   N  N N 244 
LYS OXT  O  N N 245 
LYS H    H  N N 246 
LYS H2   H  N N 247 
LYS HA   H  N N 248 
LYS HB2  H  N N 249 
LYS HB3  H  N N 250 
LYS HG2  H  N N 251 
LYS HG3  H  N N 252 
LYS HD2  H  N N 253 
LYS HD3  H  N N 254 
LYS HE2  H  N N 255 
LYS HE3  H  N N 256 
LYS HZ1  H  N N 257 
LYS HZ2  H  N N 258 
LYS HZ3  H  N N 259 
LYS HXT  H  N N 260 
MET N    N  N N 261 
MET CA   C  N S 262 
MET C    C  N N 263 
MET O    O  N N 264 
MET CB   C  N N 265 
MET CG   C  N N 266 
MET SD   S  N N 267 
MET CE   C  N N 268 
MET OXT  O  N N 269 
MET H    H  N N 270 
MET H2   H  N N 271 
MET HA   H  N N 272 
MET HB2  H  N N 273 
MET HB3  H  N N 274 
MET HG2  H  N N 275 
MET HG3  H  N N 276 
MET HE1  H  N N 277 
MET HE2  H  N N 278 
MET HE3  H  N N 279 
MET HXT  H  N N 280 
PHE N    N  N N 281 
PHE CA   C  N S 282 
PHE C    C  N N 283 
PHE O    O  N N 284 
PHE CB   C  N N 285 
PHE CG   C  Y N 286 
PHE CD1  C  Y N 287 
PHE CD2  C  Y N 288 
PHE CE1  C  Y N 289 
PHE CE2  C  Y N 290 
PHE CZ   C  Y N 291 
PHE OXT  O  N N 292 
PHE H    H  N N 293 
PHE H2   H  N N 294 
PHE HA   H  N N 295 
PHE HB2  H  N N 296 
PHE HB3  H  N N 297 
PHE HD1  H  N N 298 
PHE HD2  H  N N 299 
PHE HE1  H  N N 300 
PHE HE2  H  N N 301 
PHE HZ   H  N N 302 
PHE HXT  H  N N 303 
PRO N    N  N N 304 
PRO CA   C  N S 305 
PRO C    C  N N 306 
PRO O    O  N N 307 
PRO CB   C  N N 308 
PRO CG   C  N N 309 
PRO CD   C  N N 310 
PRO OXT  O  N N 311 
PRO H    H  N N 312 
PRO HA   H  N N 313 
PRO HB2  H  N N 314 
PRO HB3  H  N N 315 
PRO HG2  H  N N 316 
PRO HG3  H  N N 317 
PRO HD2  H  N N 318 
PRO HD3  H  N N 319 
PRO HXT  H  N N 320 
SER N    N  N N 321 
SER CA   C  N S 322 
SER C    C  N N 323 
SER O    O  N N 324 
SER CB   C  N N 325 
SER OG   O  N N 326 
SER OXT  O  N N 327 
SER H    H  N N 328 
SER H2   H  N N 329 
SER HA   H  N N 330 
SER HB2  H  N N 331 
SER HB3  H  N N 332 
SER HG   H  N N 333 
SER HXT  H  N N 334 
THR N    N  N N 335 
THR CA   C  N S 336 
THR C    C  N N 337 
THR O    O  N N 338 
THR CB   C  N R 339 
THR OG1  O  N N 340 
THR CG2  C  N N 341 
THR OXT  O  N N 342 
THR H    H  N N 343 
THR H2   H  N N 344 
THR HA   H  N N 345 
THR HB   H  N N 346 
THR HG1  H  N N 347 
THR HG21 H  N N 348 
THR HG22 H  N N 349 
THR HG23 H  N N 350 
THR HXT  H  N N 351 
TRP N    N  N N 352 
TRP CA   C  N S 353 
TRP C    C  N N 354 
TRP O    O  N N 355 
TRP CB   C  N N 356 
TRP CG   C  Y N 357 
TRP CD1  C  Y N 358 
TRP CD2  C  Y N 359 
TRP NE1  N  Y N 360 
TRP CE2  C  Y N 361 
TRP CE3  C  Y N 362 
TRP CZ2  C  Y N 363 
TRP CZ3  C  Y N 364 
TRP CH2  C  Y N 365 
TRP OXT  O  N N 366 
TRP H    H  N N 367 
TRP H2   H  N N 368 
TRP HA   H  N N 369 
TRP HB2  H  N N 370 
TRP HB3  H  N N 371 
TRP HD1  H  N N 372 
TRP HE1  H  N N 373 
TRP HE3  H  N N 374 
TRP HZ2  H  N N 375 
TRP HZ3  H  N N 376 
TRP HH2  H  N N 377 
TRP HXT  H  N N 378 
TYR N    N  N N 379 
TYR CA   C  N S 380 
TYR C    C  N N 381 
TYR O    O  N N 382 
TYR CB   C  N N 383 
TYR CG   C  Y N 384 
TYR CD1  C  Y N 385 
TYR CD2  C  Y N 386 
TYR CE1  C  Y N 387 
TYR CE2  C  Y N 388 
TYR CZ   C  Y N 389 
TYR OH   O  N N 390 
TYR OXT  O  N N 391 
TYR H    H  N N 392 
TYR H2   H  N N 393 
TYR HA   H  N N 394 
TYR HB2  H  N N 395 
TYR HB3  H  N N 396 
TYR HD1  H  N N 397 
TYR HD2  H  N N 398 
TYR HE1  H  N N 399 
TYR HE2  H  N N 400 
TYR HH   H  N N 401 
TYR HXT  H  N N 402 
VAL N    N  N N 403 
VAL CA   C  N S 404 
VAL C    C  N N 405 
VAL O    O  N N 406 
VAL CB   C  N N 407 
VAL CG1  C  N N 408 
VAL CG2  C  N N 409 
VAL OXT  O  N N 410 
VAL H    H  N N 411 
VAL H2   H  N N 412 
VAL HA   H  N N 413 
VAL HB   H  N N 414 
VAL HG11 H  N N 415 
VAL HG12 H  N N 416 
VAL HG13 H  N N 417 
VAL HG21 H  N N 418 
VAL HG22 H  N N 419 
VAL HG23 H  N N 420 
VAL HXT  H  N N 421 
# 
loop_
_chem_comp_bond.comp_id 
_chem_comp_bond.atom_id_1 
_chem_comp_bond.atom_id_2 
_chem_comp_bond.value_order 
_chem_comp_bond.pdbx_aromatic_flag 
_chem_comp_bond.pdbx_stereo_config 
_chem_comp_bond.pdbx_ordinal 
2LP C1  C2   doub Y N 1   
2LP C1  C3   sing Y N 2   
2LP C1  C4   sing N N 3   
2LP C2  C5   sing Y N 4   
2LP C2  O6   sing N N 5   
2LP C3  C7   doub Y N 6   
2LP C3  HC3  sing N N 7   
2LP C4  C13  sing N N 8   
2LP C4  HC41 sing N N 9   
2LP C4  HC42 sing N N 10  
2LP C5  C8   doub Y N 11  
2LP C5  HC5  sing N N 12  
2LP O6  HO6  sing N N 13  
2LP C7  C8   sing Y N 14  
2LP C7  HC7  sing N N 15  
2LP C8  HC8  sing N N 16  
2LP C13 C14  doub N N 17  
2LP C13 H13  sing N N 18  
2LP C14 H141 sing N N 19  
2LP C14 H142 sing N N 20  
ALA N   CA   sing N N 21  
ALA N   H    sing N N 22  
ALA N   H2   sing N N 23  
ALA CA  C    sing N N 24  
ALA CA  CB   sing N N 25  
ALA CA  HA   sing N N 26  
ALA C   O    doub N N 27  
ALA C   OXT  sing N N 28  
ALA CB  HB1  sing N N 29  
ALA CB  HB2  sing N N 30  
ALA CB  HB3  sing N N 31  
ALA OXT HXT  sing N N 32  
ARG N   CA   sing N N 33  
ARG N   H    sing N N 34  
ARG N   H2   sing N N 35  
ARG CA  C    sing N N 36  
ARG CA  CB   sing N N 37  
ARG CA  HA   sing N N 38  
ARG C   O    doub N N 39  
ARG C   OXT  sing N N 40  
ARG CB  CG   sing N N 41  
ARG CB  HB2  sing N N 42  
ARG CB  HB3  sing N N 43  
ARG CG  CD   sing N N 44  
ARG CG  HG2  sing N N 45  
ARG CG  HG3  sing N N 46  
ARG CD  NE   sing N N 47  
ARG CD  HD2  sing N N 48  
ARG CD  HD3  sing N N 49  
ARG NE  CZ   sing N N 50  
ARG NE  HE   sing N N 51  
ARG CZ  NH1  sing N N 52  
ARG CZ  NH2  doub N N 53  
ARG NH1 HH11 sing N N 54  
ARG NH1 HH12 sing N N 55  
ARG NH2 HH21 sing N N 56  
ARG NH2 HH22 sing N N 57  
ARG OXT HXT  sing N N 58  
ASN N   CA   sing N N 59  
ASN N   H    sing N N 60  
ASN N   H2   sing N N 61  
ASN CA  C    sing N N 62  
ASN CA  CB   sing N N 63  
ASN CA  HA   sing N N 64  
ASN C   O    doub N N 65  
ASN C   OXT  sing N N 66  
ASN CB  CG   sing N N 67  
ASN CB  HB2  sing N N 68  
ASN CB  HB3  sing N N 69  
ASN CG  OD1  doub N N 70  
ASN CG  ND2  sing N N 71  
ASN ND2 HD21 sing N N 72  
ASN ND2 HD22 sing N N 73  
ASN OXT HXT  sing N N 74  
ASP N   CA   sing N N 75  
ASP N   H    sing N N 76  
ASP N   H2   sing N N 77  
ASP CA  C    sing N N 78  
ASP CA  CB   sing N N 79  
ASP CA  HA   sing N N 80  
ASP C   O    doub N N 81  
ASP C   OXT  sing N N 82  
ASP CB  CG   sing N N 83  
ASP CB  HB2  sing N N 84  
ASP CB  HB3  sing N N 85  
ASP CG  OD1  doub N N 86  
ASP CG  OD2  sing N N 87  
ASP OD2 HD2  sing N N 88  
ASP OXT HXT  sing N N 89  
BME C1  C2   sing N N 90  
BME C1  O1   sing N N 91  
BME C1  H11  sing N N 92  
BME C1  H12  sing N N 93  
BME C2  S2   sing N N 94  
BME C2  H21  sing N N 95  
BME C2  H22  sing N N 96  
BME O1  HO1  sing N N 97  
BME S2  HS2  sing N N 98  
CYS N   CA   sing N N 99  
CYS N   H    sing N N 100 
CYS N   H2   sing N N 101 
CYS CA  C    sing N N 102 
CYS CA  CB   sing N N 103 
CYS CA  HA   sing N N 104 
CYS C   O    doub N N 105 
CYS C   OXT  sing N N 106 
CYS CB  SG   sing N N 107 
CYS CB  HB2  sing N N 108 
CYS CB  HB3  sing N N 109 
CYS SG  HG   sing N N 110 
CYS OXT HXT  sing N N 111 
GLN N   CA   sing N N 112 
GLN N   H    sing N N 113 
GLN N   H2   sing N N 114 
GLN CA  C    sing N N 115 
GLN CA  CB   sing N N 116 
GLN CA  HA   sing N N 117 
GLN C   O    doub N N 118 
GLN C   OXT  sing N N 119 
GLN CB  CG   sing N N 120 
GLN CB  HB2  sing N N 121 
GLN CB  HB3  sing N N 122 
GLN CG  CD   sing N N 123 
GLN CG  HG2  sing N N 124 
GLN CG  HG3  sing N N 125 
GLN CD  OE1  doub N N 126 
GLN CD  NE2  sing N N 127 
GLN NE2 HE21 sing N N 128 
GLN NE2 HE22 sing N N 129 
GLN OXT HXT  sing N N 130 
GLU N   CA   sing N N 131 
GLU N   H    sing N N 132 
GLU N   H2   sing N N 133 
GLU CA  C    sing N N 134 
GLU CA  CB   sing N N 135 
GLU CA  HA   sing N N 136 
GLU C   O    doub N N 137 
GLU C   OXT  sing N N 138 
GLU CB  CG   sing N N 139 
GLU CB  HB2  sing N N 140 
GLU CB  HB3  sing N N 141 
GLU CG  CD   sing N N 142 
GLU CG  HG2  sing N N 143 
GLU CG  HG3  sing N N 144 
GLU CD  OE1  doub N N 145 
GLU CD  OE2  sing N N 146 
GLU OE2 HE2  sing N N 147 
GLU OXT HXT  sing N N 148 
GLY N   CA   sing N N 149 
GLY N   H    sing N N 150 
GLY N   H2   sing N N 151 
GLY CA  C    sing N N 152 
GLY CA  HA2  sing N N 153 
GLY CA  HA3  sing N N 154 
GLY C   O    doub N N 155 
GLY C   OXT  sing N N 156 
GLY OXT HXT  sing N N 157 
HIS N   CA   sing N N 158 
HIS N   H    sing N N 159 
HIS N   H2   sing N N 160 
HIS CA  C    sing N N 161 
HIS CA  CB   sing N N 162 
HIS CA  HA   sing N N 163 
HIS C   O    doub N N 164 
HIS C   OXT  sing N N 165 
HIS CB  CG   sing N N 166 
HIS CB  HB2  sing N N 167 
HIS CB  HB3  sing N N 168 
HIS CG  ND1  sing Y N 169 
HIS CG  CD2  doub Y N 170 
HIS ND1 CE1  doub Y N 171 
HIS ND1 HD1  sing N N 172 
HIS CD2 NE2  sing Y N 173 
HIS CD2 HD2  sing N N 174 
HIS CE1 NE2  sing Y N 175 
HIS CE1 HE1  sing N N 176 
HIS NE2 HE2  sing N N 177 
HIS OXT HXT  sing N N 178 
HOH O   H1   sing N N 179 
HOH O   H2   sing N N 180 
ILE N   CA   sing N N 181 
ILE N   H    sing N N 182 
ILE N   H2   sing N N 183 
ILE CA  C    sing N N 184 
ILE CA  CB   sing N N 185 
ILE CA  HA   sing N N 186 
ILE C   O    doub N N 187 
ILE C   OXT  sing N N 188 
ILE CB  CG1  sing N N 189 
ILE CB  CG2  sing N N 190 
ILE CB  HB   sing N N 191 
ILE CG1 CD1  sing N N 192 
ILE CG1 HG12 sing N N 193 
ILE CG1 HG13 sing N N 194 
ILE CG2 HG21 sing N N 195 
ILE CG2 HG22 sing N N 196 
ILE CG2 HG23 sing N N 197 
ILE CD1 HD11 sing N N 198 
ILE CD1 HD12 sing N N 199 
ILE CD1 HD13 sing N N 200 
ILE OXT HXT  sing N N 201 
LEU N   CA   sing N N 202 
LEU N   H    sing N N 203 
LEU N   H2   sing N N 204 
LEU CA  C    sing N N 205 
LEU CA  CB   sing N N 206 
LEU CA  HA   sing N N 207 
LEU C   O    doub N N 208 
LEU C   OXT  sing N N 209 
LEU CB  CG   sing N N 210 
LEU CB  HB2  sing N N 211 
LEU CB  HB3  sing N N 212 
LEU CG  CD1  sing N N 213 
LEU CG  CD2  sing N N 214 
LEU CG  HG   sing N N 215 
LEU CD1 HD11 sing N N 216 
LEU CD1 HD12 sing N N 217 
LEU CD1 HD13 sing N N 218 
LEU CD2 HD21 sing N N 219 
LEU CD2 HD22 sing N N 220 
LEU CD2 HD23 sing N N 221 
LEU OXT HXT  sing N N 222 
LYS N   CA   sing N N 223 
LYS N   H    sing N N 224 
LYS N   H2   sing N N 225 
LYS CA  C    sing N N 226 
LYS CA  CB   sing N N 227 
LYS CA  HA   sing N N 228 
LYS C   O    doub N N 229 
LYS C   OXT  sing N N 230 
LYS CB  CG   sing N N 231 
LYS CB  HB2  sing N N 232 
LYS CB  HB3  sing N N 233 
LYS CG  CD   sing N N 234 
LYS CG  HG2  sing N N 235 
LYS CG  HG3  sing N N 236 
LYS CD  CE   sing N N 237 
LYS CD  HD2  sing N N 238 
LYS CD  HD3  sing N N 239 
LYS CE  NZ   sing N N 240 
LYS CE  HE2  sing N N 241 
LYS CE  HE3  sing N N 242 
LYS NZ  HZ1  sing N N 243 
LYS NZ  HZ2  sing N N 244 
LYS NZ  HZ3  sing N N 245 
LYS OXT HXT  sing N N 246 
MET N   CA   sing N N 247 
MET N   H    sing N N 248 
MET N   H2   sing N N 249 
MET CA  C    sing N N 250 
MET CA  CB   sing N N 251 
MET CA  HA   sing N N 252 
MET C   O    doub N N 253 
MET C   OXT  sing N N 254 
MET CB  CG   sing N N 255 
MET CB  HB2  sing N N 256 
MET CB  HB3  sing N N 257 
MET CG  SD   sing N N 258 
MET CG  HG2  sing N N 259 
MET CG  HG3  sing N N 260 
MET SD  CE   sing N N 261 
MET CE  HE1  sing N N 262 
MET CE  HE2  sing N N 263 
MET CE  HE3  sing N N 264 
MET OXT HXT  sing N N 265 
PHE N   CA   sing N N 266 
PHE N   H    sing N N 267 
PHE N   H2   sing N N 268 
PHE CA  C    sing N N 269 
PHE CA  CB   sing N N 270 
PHE CA  HA   sing N N 271 
PHE C   O    doub N N 272 
PHE C   OXT  sing N N 273 
PHE CB  CG   sing N N 274 
PHE CB  HB2  sing N N 275 
PHE CB  HB3  sing N N 276 
PHE CG  CD1  doub Y N 277 
PHE CG  CD2  sing Y N 278 
PHE CD1 CE1  sing Y N 279 
PHE CD1 HD1  sing N N 280 
PHE CD2 CE2  doub Y N 281 
PHE CD2 HD2  sing N N 282 
PHE CE1 CZ   doub Y N 283 
PHE CE1 HE1  sing N N 284 
PHE CE2 CZ   sing Y N 285 
PHE CE2 HE2  sing N N 286 
PHE CZ  HZ   sing N N 287 
PHE OXT HXT  sing N N 288 
PRO N   CA   sing N N 289 
PRO N   CD   sing N N 290 
PRO N   H    sing N N 291 
PRO CA  C    sing N N 292 
PRO CA  CB   sing N N 293 
PRO CA  HA   sing N N 294 
PRO C   O    doub N N 295 
PRO C   OXT  sing N N 296 
PRO CB  CG   sing N N 297 
PRO CB  HB2  sing N N 298 
PRO CB  HB3  sing N N 299 
PRO CG  CD   sing N N 300 
PRO CG  HG2  sing N N 301 
PRO CG  HG3  sing N N 302 
PRO CD  HD2  sing N N 303 
PRO CD  HD3  sing N N 304 
PRO OXT HXT  sing N N 305 
SER N   CA   sing N N 306 
SER N   H    sing N N 307 
SER N   H2   sing N N 308 
SER CA  C    sing N N 309 
SER CA  CB   sing N N 310 
SER CA  HA   sing N N 311 
SER C   O    doub N N 312 
SER C   OXT  sing N N 313 
SER CB  OG   sing N N 314 
SER CB  HB2  sing N N 315 
SER CB  HB3  sing N N 316 
SER OG  HG   sing N N 317 
SER OXT HXT  sing N N 318 
THR N   CA   sing N N 319 
THR N   H    sing N N 320 
THR N   H2   sing N N 321 
THR CA  C    sing N N 322 
THR CA  CB   sing N N 323 
THR CA  HA   sing N N 324 
THR C   O    doub N N 325 
THR C   OXT  sing N N 326 
THR CB  OG1  sing N N 327 
THR CB  CG2  sing N N 328 
THR CB  HB   sing N N 329 
THR OG1 HG1  sing N N 330 
THR CG2 HG21 sing N N 331 
THR CG2 HG22 sing N N 332 
THR CG2 HG23 sing N N 333 
THR OXT HXT  sing N N 334 
TRP N   CA   sing N N 335 
TRP N   H    sing N N 336 
TRP N   H2   sing N N 337 
TRP CA  C    sing N N 338 
TRP CA  CB   sing N N 339 
TRP CA  HA   sing N N 340 
TRP C   O    doub N N 341 
TRP C   OXT  sing N N 342 
TRP CB  CG   sing N N 343 
TRP CB  HB2  sing N N 344 
TRP CB  HB3  sing N N 345 
TRP CG  CD1  doub Y N 346 
TRP CG  CD2  sing Y N 347 
TRP CD1 NE1  sing Y N 348 
TRP CD1 HD1  sing N N 349 
TRP CD2 CE2  doub Y N 350 
TRP CD2 CE3  sing Y N 351 
TRP NE1 CE2  sing Y N 352 
TRP NE1 HE1  sing N N 353 
TRP CE2 CZ2  sing Y N 354 
TRP CE3 CZ3  doub Y N 355 
TRP CE3 HE3  sing N N 356 
TRP CZ2 CH2  doub Y N 357 
TRP CZ2 HZ2  sing N N 358 
TRP CZ3 CH2  sing Y N 359 
TRP CZ3 HZ3  sing N N 360 
TRP CH2 HH2  sing N N 361 
TRP OXT HXT  sing N N 362 
TYR N   CA   sing N N 363 
TYR N   H    sing N N 364 
TYR N   H2   sing N N 365 
TYR CA  C    sing N N 366 
TYR CA  CB   sing N N 367 
TYR CA  HA   sing N N 368 
TYR C   O    doub N N 369 
TYR C   OXT  sing N N 370 
TYR CB  CG   sing N N 371 
TYR CB  HB2  sing N N 372 
TYR CB  HB3  sing N N 373 
TYR CG  CD1  doub Y N 374 
TYR CG  CD2  sing Y N 375 
TYR CD1 CE1  sing Y N 376 
TYR CD1 HD1  sing N N 377 
TYR CD2 CE2  doub Y N 378 
TYR CD2 HD2  sing N N 379 
TYR CE1 CZ   doub Y N 380 
TYR CE1 HE1  sing N N 381 
TYR CE2 CZ   sing Y N 382 
TYR CE2 HE2  sing N N 383 
TYR CZ  OH   sing N N 384 
TYR OH  HH   sing N N 385 
TYR OXT HXT  sing N N 386 
VAL N   CA   sing N N 387 
VAL N   H    sing N N 388 
VAL N   H2   sing N N 389 
VAL CA  C    sing N N 390 
VAL CA  CB   sing N N 391 
VAL CA  HA   sing N N 392 
VAL C   O    doub N N 393 
VAL C   OXT  sing N N 394 
VAL CB  CG1  sing N N 395 
VAL CB  CG2  sing N N 396 
VAL CB  HB   sing N N 397 
VAL CG1 HG11 sing N N 398 
VAL CG1 HG12 sing N N 399 
VAL CG1 HG13 sing N N 400 
VAL CG2 HG21 sing N N 401 
VAL CG2 HG22 sing N N 402 
VAL CG2 HG23 sing N N 403 
VAL OXT HXT  sing N N 404 
# 
loop_
_pdbx_entity_nonpoly.entity_id 
_pdbx_entity_nonpoly.name 
_pdbx_entity_nonpoly.comp_id 
2 'CHLORIDE ION'       CL  
3 2-ALLYLPHENOL        2LP 
4 BETA-MERCAPTOETHANOL BME 
5 water                HOH 
# 
_pdbx_initial_refinement_model.id               1 
_pdbx_initial_refinement_model.entity_id_list   ? 
_pdbx_initial_refinement_model.type             'experimental model' 
_pdbx_initial_refinement_model.source_name      PDB 
_pdbx_initial_refinement_model.accession_code   1LGU 
_pdbx_initial_refinement_model.details          'PDB entry 1LGU' 
# 
